data_3EIL
# 
_entry.id   3EIL 
# 
_audit_conform.dict_name       mmcif_pdbx.dic 
_audit_conform.dict_version    5.377 
_audit_conform.dict_location   http://mmcif.pdb.org/dictionaries/ascii/mmcif_pdbx.dic 
# 
loop_
_database_2.database_id 
_database_2.database_code 
_database_2.pdbx_database_accession 
_database_2.pdbx_DOI 
PDB   3EIL         pdb_00003eil 10.2210/pdb3eil/pdb 
NDB   BD0106       ?            ?                   
RCSB  RCSB049368   ?            ?                   
WWPDB D_1000049368 ?            ?                   
# 
_pdbx_database_status.status_code                     REL 
_pdbx_database_status.entry_id                        3EIL 
_pdbx_database_status.recvd_initial_deposition_date   2008-09-16 
_pdbx_database_status.deposit_site                    RCSB 
_pdbx_database_status.process_site                    RCSB 
_pdbx_database_status.status_code_sf                  REL 
_pdbx_database_status.status_code_mr                  ? 
_pdbx_database_status.SG_entry                        ? 
_pdbx_database_status.pdb_format_compatible           Y 
_pdbx_database_status.status_code_cs                  ? 
_pdbx_database_status.status_code_nmr_data            ? 
_pdbx_database_status.methods_development_category    ? 
# 
loop_
_audit_author.name 
_audit_author.pdbx_ordinal 
'Millonig, H.'   1 
'Pous, J.'       2 
'Campos, L.J.'   3 
'Subirana, J.A.' 4 
# 
_citation.id                        primary 
_citation.title                     'The interaction of manganese ions with DNA' 
_citation.journal_abbrev            J.Inorg.Biochem. 
_citation.journal_volume            103 
_citation.page_first                876 
_citation.page_last                 880 
_citation.year                      2009 
_citation.journal_id_ASTM           JIBIDJ 
_citation.country                   US 
_citation.journal_id_ISSN           0162-0134 
_citation.journal_id_CSD            0525 
_citation.book_publisher            ? 
_citation.pdbx_database_id_PubMed   19375803 
_citation.pdbx_database_id_DOI      10.1016/j.jinorgbio.2009.03.004 
# 
loop_
_citation_author.citation_id 
_citation_author.name 
_citation_author.ordinal 
_citation_author.identifier_ORCID 
primary 'Millonig, H.'   1 ? 
primary 'Pous, J.'       2 ? 
primary 'Gouyette, C.'   3 ? 
primary 'Subirana, J.A.' 4 ? 
primary 'Campos, J.L.'   5 ? 
# 
_cell.entry_id           3EIL 
_cell.length_a           43.795 
_cell.length_b           43.795 
_cell.length_c           98.345 
_cell.angle_alpha        90.00 
_cell.angle_beta         90.00 
_cell.angle_gamma        120.00 
_cell.Z_PDB              18 
_cell.pdbx_unique_axis   ? 
_cell.length_a_esd       ? 
_cell.length_b_esd       ? 
_cell.length_c_esd       ? 
_cell.angle_alpha_esd    ? 
_cell.angle_beta_esd     ? 
_cell.angle_gamma_esd    ? 
# 
_symmetry.entry_id                         3EIL 
_symmetry.space_group_name_H-M             'P 32' 
_symmetry.pdbx_full_space_group_name_H-M   ? 
_symmetry.cell_setting                     ? 
_symmetry.Int_Tables_number                145 
_symmetry.space_group_name_Hall            ? 
# 
loop_
_entity.id 
_entity.type 
_entity.src_method 
_entity.pdbx_description 
_entity.formula_weight 
_entity.pdbx_number_of_molecules 
_entity.pdbx_ec 
_entity.pdbx_mutation 
_entity.pdbx_fragment 
_entity.details 
1 polymer     syn "5'-D(*DCP*DGP*DTP*DTP*DAP*DAP*DTP*DTP*DAP*DAP*DCP*DG)-3'" 3661.416 6  ? ? ? ? 
2 non-polymer syn 'MANGANESE (II) ION'                                       54.938   7  ? ? ? ? 
3 water       nat water                                                      18.015   34 ? ? ? ? 
# 
_entity_poly.entity_id                      1 
_entity_poly.type                           polydeoxyribonucleotide 
_entity_poly.nstd_linkage                   no 
_entity_poly.nstd_monomer                   no 
_entity_poly.pdbx_seq_one_letter_code       '(DC)(DG)(DT)(DT)(DA)(DA)(DT)(DT)(DA)(DA)(DC)(DG)' 
_entity_poly.pdbx_seq_one_letter_code_can   CGTTAATTAACG 
_entity_poly.pdbx_strand_id                 A,B,C,D,E,F 
_entity_poly.pdbx_target_identifier         ? 
# 
loop_
_entity_poly_seq.entity_id 
_entity_poly_seq.num 
_entity_poly_seq.mon_id 
_entity_poly_seq.hetero 
1 1  DC n 
1 2  DG n 
1 3  DT n 
1 4  DT n 
1 5  DA n 
1 6  DA n 
1 7  DT n 
1 8  DT n 
1 9  DA n 
1 10 DA n 
1 11 DC n 
1 12 DG n 
# 
_pdbx_entity_src_syn.entity_id              1 
_pdbx_entity_src_syn.pdbx_src_id            1 
_pdbx_entity_src_syn.pdbx_alt_source_flag   sample 
_pdbx_entity_src_syn.pdbx_beg_seq_num       ? 
_pdbx_entity_src_syn.pdbx_end_seq_num       ? 
_pdbx_entity_src_syn.organism_scientific    ? 
_pdbx_entity_src_syn.organism_common_name   ? 
_pdbx_entity_src_syn.ncbi_taxonomy_id       ? 
_pdbx_entity_src_syn.details                'synthesized by using the phosphoramidite method' 
# 
_struct_ref.id                         1 
_struct_ref.db_name                    PDB 
_struct_ref.db_code                    3EIL 
_struct_ref.pdbx_db_accession          3EIL 
_struct_ref.entity_id                  1 
_struct_ref.pdbx_align_begin           1 
_struct_ref.pdbx_seq_one_letter_code   CGTTAATTAACG 
_struct_ref.pdbx_db_isoform            ? 
# 
loop_
_struct_ref_seq.align_id 
_struct_ref_seq.ref_id 
_struct_ref_seq.pdbx_PDB_id_code 
_struct_ref_seq.pdbx_strand_id 
_struct_ref_seq.seq_align_beg 
_struct_ref_seq.pdbx_seq_align_beg_ins_code 
_struct_ref_seq.seq_align_end 
_struct_ref_seq.pdbx_seq_align_end_ins_code 
_struct_ref_seq.pdbx_db_accession 
_struct_ref_seq.db_align_beg 
_struct_ref_seq.pdbx_db_align_beg_ins_code 
_struct_ref_seq.db_align_end 
_struct_ref_seq.pdbx_db_align_end_ins_code 
_struct_ref_seq.pdbx_auth_seq_align_beg 
_struct_ref_seq.pdbx_auth_seq_align_end 
1 1 3EIL A 1 ? 12 ? 3EIL 1 ? 12 ? 1 12 
2 1 3EIL B 1 ? 12 ? 3EIL 1 ? 12 ? 1 12 
3 1 3EIL C 1 ? 12 ? 3EIL 1 ? 12 ? 1 12 
4 1 3EIL D 1 ? 12 ? 3EIL 1 ? 12 ? 1 12 
5 1 3EIL E 1 ? 12 ? 3EIL 1 ? 12 ? 1 12 
6 1 3EIL F 1 ? 12 ? 3EIL 1 ? 12 ? 1 12 
# 
loop_
_chem_comp.id 
_chem_comp.type 
_chem_comp.mon_nstd_flag 
_chem_comp.name 
_chem_comp.pdbx_synonyms 
_chem_comp.formula 
_chem_comp.formula_weight 
DA  'DNA linking' y "2'-DEOXYADENOSINE-5'-MONOPHOSPHATE" ? 'C10 H14 N5 O6 P' 331.222 
DC  'DNA linking' y "2'-DEOXYCYTIDINE-5'-MONOPHOSPHATE"  ? 'C9 H14 N3 O7 P'  307.197 
DG  'DNA linking' y "2'-DEOXYGUANOSINE-5'-MONOPHOSPHATE" ? 'C10 H14 N5 O7 P' 347.221 
DT  'DNA linking' y "THYMIDINE-5'-MONOPHOSPHATE"         ? 'C10 H15 N2 O8 P' 322.208 
HOH non-polymer   . WATER                                ? 'H2 O'            18.015  
MN  non-polymer   . 'MANGANESE (II) ION'                 ? 'Mn 2'            54.938  
# 
_exptl.entry_id          3EIL 
_exptl.method            'X-RAY DIFFRACTION' 
_exptl.crystals_number   1 
# 
_exptl_crystal.id                    1 
_exptl_crystal.density_meas          ? 
_exptl_crystal.density_Matthews      2.48 
_exptl_crystal.density_percent_sol   50.38 
_exptl_crystal.description           ? 
_exptl_crystal.F_000                 ? 
_exptl_crystal.preparation           ? 
# 
_exptl_crystal_grow.crystal_id      1 
_exptl_crystal_grow.method          'VAPOR DIFFUSION, HANGING DROP' 
_exptl_crystal_grow.temp            289 
_exptl_crystal_grow.temp_details    ? 
_exptl_crystal_grow.pH              7.0 
_exptl_crystal_grow.pdbx_pH_range   ? 
_exptl_crystal_grow.pdbx_details    
;25 mM Sodium Cacodylate, 10 mM Manganese, 25 mM spermine, 25 % MPD,0,1 mM DNA, pH 7.0, VAPOR DIFFUSION, HANGING DROP, temperature 289K
;
# 
loop_
_exptl_crystal_grow_comp.crystal_id 
_exptl_crystal_grow_comp.id 
_exptl_crystal_grow_comp.sol_id 
_exptl_crystal_grow_comp.name 
_exptl_crystal_grow_comp.volume 
_exptl_crystal_grow_comp.conc 
_exptl_crystal_grow_comp.details 
1 1 1 'Sodium Cacodylate' ? ? ? 
1 2 1 Manganese           ? ? ? 
1 3 1 spermine            ? ? ? 
1 4 1 MPD                 ? ? ? 
1 5 2 'Sodium Cacodylate' ? ? ? 
1 6 2 Manganese           ? ? ? 
1 7 2 MPD                 ? ? ? 
# 
_diffrn.id                     1 
_diffrn.ambient_temp           100 
_diffrn.ambient_temp_details   ? 
_diffrn.crystal_id             1 
# 
_diffrn_detector.diffrn_id              1 
_diffrn_detector.detector               CCD 
_diffrn_detector.type                   'ADSC QUANTUM 210' 
_diffrn_detector.pdbx_collection_date   2007-12-08 
_diffrn_detector.details                ? 
# 
_diffrn_radiation.diffrn_id                        1 
_diffrn_radiation.wavelength_id                    1 
_diffrn_radiation.pdbx_monochromatic_or_laue_m_l   M 
_diffrn_radiation.monochromator                    mirrors 
_diffrn_radiation.pdbx_diffrn_protocol             'SINGLE WAVELENGTH' 
_diffrn_radiation.pdbx_scattering_type             x-ray 
# 
_diffrn_radiation_wavelength.id           1 
_diffrn_radiation_wavelength.wavelength   0.97827 
_diffrn_radiation_wavelength.wt           1.0 
# 
_diffrn_source.diffrn_id                   1 
_diffrn_source.source                      SYNCHROTRON 
_diffrn_source.type                        'ESRF BEAMLINE BM16' 
_diffrn_source.pdbx_synchrotron_site       ESRF 
_diffrn_source.pdbx_synchrotron_beamline   BM16 
_diffrn_source.pdbx_wavelength             ? 
_diffrn_source.pdbx_wavelength_list        0.97827 
# 
_reflns.entry_id                     3EIL 
_reflns.observed_criterion_sigma_I   -3.0 
_reflns.observed_criterion_sigma_F   ? 
_reflns.d_resolution_low             37.93 
_reflns.d_resolution_high            2.41 
_reflns.number_obs                   6461 
_reflns.number_all                   6489 
_reflns.percent_possible_obs         99.6 
_reflns.pdbx_Rmerge_I_obs            0.051 
_reflns.pdbx_Rsym_value              ? 
_reflns.pdbx_netI_over_sigmaI        ? 
_reflns.B_iso_Wilson_estimate        ? 
_reflns.pdbx_redundancy              4.6 
_reflns.R_free_details               ? 
_reflns.pdbx_chi_squared             ? 
_reflns.pdbx_scaling_rejects         ? 
_reflns.pdbx_diffrn_id               1 
_reflns.pdbx_ordinal                 1 
# 
_reflns_shell.d_res_high             2.59 
_reflns_shell.d_res_low              2.70 
_reflns_shell.percent_possible_all   99.3 
_reflns_shell.Rmerge_I_obs           0.795 
_reflns_shell.pdbx_Rsym_value        ? 
_reflns_shell.meanI_over_sigI_obs    ? 
_reflns_shell.pdbx_redundancy        4.2 
_reflns_shell.percent_possible_obs   ? 
_reflns_shell.number_unique_all      ? 
_reflns_shell.number_measured_all    ? 
_reflns_shell.number_measured_obs    ? 
_reflns_shell.number_unique_obs      ? 
_reflns_shell.pdbx_chi_squared       ? 
_reflns_shell.pdbx_diffrn_id         ? 
_reflns_shell.pdbx_ordinal           1 
# 
_refine.entry_id                                 3EIL 
_refine.ls_number_reflns_obs                     6146 
_refine.ls_number_reflns_all                     6489 
_refine.pdbx_ls_sigma_I                          ? 
_refine.pdbx_ls_sigma_F                          ? 
_refine.pdbx_data_cutoff_high_absF               ? 
_refine.pdbx_data_cutoff_low_absF                ? 
_refine.pdbx_data_cutoff_high_rms_absF           ? 
_refine.ls_d_res_low                             37.93 
_refine.ls_d_res_high                            2.60 
_refine.ls_percent_reflns_obs                    99.57 
_refine.ls_R_factor_obs                          0.23679 
_refine.ls_R_factor_all                          ? 
_refine.ls_R_factor_R_work                       0.23465 
_refine.ls_R_factor_R_free                       0.28471 
_refine.ls_R_factor_R_free_error                 ? 
_refine.ls_R_factor_R_free_error_details         ? 
_refine.ls_percent_reflns_R_free                 4.9 
_refine.ls_number_reflns_R_free                  316 
_refine.ls_number_parameters                     ? 
_refine.ls_number_restraints                     ? 
_refine.occupancy_min                            ? 
_refine.occupancy_max                            ? 
_refine.correlation_coeff_Fo_to_Fc               0.968 
_refine.correlation_coeff_Fo_to_Fc_free          0.958 
_refine.B_iso_mean                               56.315 
_refine.aniso_B[1][1]                            4.34 
_refine.aniso_B[2][2]                            4.34 
_refine.aniso_B[3][3]                            -6.50 
_refine.aniso_B[1][2]                            2.17 
_refine.aniso_B[1][3]                            0.00 
_refine.aniso_B[2][3]                            0.00 
_refine.solvent_model_details                    'BABINET MODEL WITH MASK' 
_refine.solvent_model_param_ksol                 ? 
_refine.solvent_model_param_bsol                 ? 
_refine.pdbx_solvent_vdw_probe_radii             1.20 
_refine.pdbx_solvent_ion_probe_radii             0.80 
_refine.pdbx_solvent_shrinkage_radii             0.80 
_refine.pdbx_ls_cross_valid_method               THROUGHOUT 
_refine.details                                  'HYDROGENS HAVE BEEN ADDED IN THE RIDING POSITIONS' 
_refine.pdbx_starting_model                      'PDB entry 463d' 
_refine.pdbx_method_to_determine_struct          'MOLECULAR REPLACEMENT' 
_refine.pdbx_isotropic_thermal_model             ? 
_refine.pdbx_stereochemistry_target_values       'MAXIMUM LIKELIHOOD' 
_refine.pdbx_stereochem_target_val_spec_case     ? 
_refine.pdbx_R_Free_selection_details            RANDOM 
_refine.pdbx_overall_ESU_R                       1.007 
_refine.pdbx_overall_ESU_R_Free                  0.360 
_refine.overall_SU_ML                            0.296 
_refine.pdbx_overall_phase_error                 ? 
_refine.overall_SU_B                             15.878 
_refine.pdbx_refine_id                           'X-RAY DIFFRACTION' 
_refine.ls_redundancy_reflns_obs                 ? 
_refine.overall_SU_R_Cruickshank_DPI             ? 
_refine.overall_SU_R_free                        ? 
_refine.ls_wR_factor_R_free                      ? 
_refine.ls_wR_factor_R_work                      ? 
_refine.overall_FOM_free_R_set                   ? 
_refine.overall_FOM_work_R_set                   ? 
_refine.pdbx_diffrn_id                           1 
_refine.pdbx_TLS_residual_ADP_flag               ? 
_refine.pdbx_overall_SU_R_free_Cruickshank_DPI   ? 
_refine.pdbx_overall_SU_R_Blow_DPI               ? 
_refine.pdbx_overall_SU_R_free_Blow_DPI          ? 
# 
_refine_hist.pdbx_refine_id                   'X-RAY DIFFRACTION' 
_refine_hist.cycle_id                         LAST 
_refine_hist.pdbx_number_atoms_protein        0 
_refine_hist.pdbx_number_atoms_nucleic_acid   1362 
_refine_hist.pdbx_number_atoms_ligand         7 
_refine_hist.number_atoms_solvent             34 
_refine_hist.number_atoms_total               1403 
_refine_hist.d_res_high                       2.60 
_refine_hist.d_res_low                        37.93 
# 
loop_
_refine_ls_restr.type 
_refine_ls_restr.dev_ideal 
_refine_ls_restr.dev_ideal_target 
_refine_ls_restr.weight 
_refine_ls_restr.number 
_refine_ls_restr.pdbx_refine_id 
_refine_ls_restr.pdbx_restraint_function 
r_bond_refined_d             0.013  0.021 ? 1524 'X-RAY DIFFRACTION' ? 
r_bond_other_d               0.002  0.020 ? 666  'X-RAY DIFFRACTION' ? 
r_angle_refined_deg          1.398  3.000 ? 2340 'X-RAY DIFFRACTION' ? 
r_angle_other_deg            1.511  3.000 ? 1662 'X-RAY DIFFRACTION' ? 
r_dihedral_angle_1_deg       ?      ?     ? ?    'X-RAY DIFFRACTION' ? 
r_dihedral_angle_2_deg       ?      ?     ? ?    'X-RAY DIFFRACTION' ? 
r_dihedral_angle_3_deg       ?      ?     ? ?    'X-RAY DIFFRACTION' ? 
r_dihedral_angle_4_deg       ?      ?     ? ?    'X-RAY DIFFRACTION' ? 
r_chiral_restr               0.055  0.200 ? 264  'X-RAY DIFFRACTION' ? 
r_gen_planes_refined         0.009  0.020 ? 702  'X-RAY DIFFRACTION' ? 
r_gen_planes_other           0.004  0.020 ? 132  'X-RAY DIFFRACTION' ? 
r_nbd_refined                ?      ?     ? ?    'X-RAY DIFFRACTION' ? 
r_nbd_other                  ?      ?     ? ?    'X-RAY DIFFRACTION' ? 
r_nbtor_refined              ?      ?     ? ?    'X-RAY DIFFRACTION' ? 
r_nbtor_other                ?      ?     ? ?    'X-RAY DIFFRACTION' ? 
r_xyhbond_nbd_refined        ?      ?     ? ?    'X-RAY DIFFRACTION' ? 
r_xyhbond_nbd_other          ?      ?     ? ?    'X-RAY DIFFRACTION' ? 
r_metal_ion_refined          ?      ?     ? ?    'X-RAY DIFFRACTION' ? 
r_metal_ion_other            ?      ?     ? ?    'X-RAY DIFFRACTION' ? 
r_symmetry_vdw_refined       ?      ?     ? ?    'X-RAY DIFFRACTION' ? 
r_symmetry_vdw_other         ?      ?     ? ?    'X-RAY DIFFRACTION' ? 
r_symmetry_hbond_refined     ?      ?     ? ?    'X-RAY DIFFRACTION' ? 
r_symmetry_hbond_other       ?      ?     ? ?    'X-RAY DIFFRACTION' ? 
r_symmetry_metal_ion_refined ?      ?     ? ?    'X-RAY DIFFRACTION' ? 
r_symmetry_metal_ion_other   ?      ?     ? ?    'X-RAY DIFFRACTION' ? 
r_mcbond_it                  ?      ?     ? ?    'X-RAY DIFFRACTION' ? 
r_mcbond_other               ?      ?     ? ?    'X-RAY DIFFRACTION' ? 
r_mcangle_it                 ?      ?     ? ?    'X-RAY DIFFRACTION' ? 
r_scbond_it                  11.637 3.000 ? 1524 'X-RAY DIFFRACTION' ? 
r_scangle_it                 11.061 4.500 ? 2340 'X-RAY DIFFRACTION' ? 
r_rigid_bond_restr           ?      ?     ? ?    'X-RAY DIFFRACTION' ? 
r_sphericity_free            ?      ?     ? ?    'X-RAY DIFFRACTION' ? 
r_sphericity_bonded          ?      ?     ? ?    'X-RAY DIFFRACTION' ? 
# 
_refine_ls_shell.pdbx_total_number_of_bins_used   20 
_refine_ls_shell.d_res_high                       2.601 
_refine_ls_shell.d_res_low                        2.668 
_refine_ls_shell.number_reflns_R_work             436 
_refine_ls_shell.R_factor_R_work                  0.450 
_refine_ls_shell.percent_reflns_obs               99.35 
_refine_ls_shell.R_factor_R_free                  0.534 
_refine_ls_shell.R_factor_R_free_error            ? 
_refine_ls_shell.percent_reflns_R_free            ? 
_refine_ls_shell.number_reflns_R_free             23 
_refine_ls_shell.number_reflns_all                ? 
_refine_ls_shell.R_factor_all                     ? 
_refine_ls_shell.pdbx_refine_id                   'X-RAY DIFFRACTION' 
_refine_ls_shell.redundancy_reflns_obs            ? 
_refine_ls_shell.number_reflns_obs                ? 
# 
_struct.entry_id                  3EIL 
_struct.title                     'Structure of B-DNA d(CGTTAATTAACG)2 in the presence of Manganese' 
_struct.pdbx_model_details        ? 
_struct.pdbx_CASP_flag            ? 
_struct.pdbx_model_type_details   ? 
# 
_struct_keywords.entry_id        3EIL 
_struct_keywords.pdbx_keywords   DNA 
_struct_keywords.text            'B-DNA, Manganese, DNA' 
# 
loop_
_struct_asym.id 
_struct_asym.pdbx_blank_PDB_chainid_flag 
_struct_asym.pdbx_modified 
_struct_asym.entity_id 
_struct_asym.details 
A N N 1 ? 
B N N 1 ? 
C N N 1 ? 
D N N 1 ? 
E N N 1 ? 
F N N 1 ? 
G N N 2 ? 
H N N 2 ? 
I N N 2 ? 
J N N 2 ? 
K N N 2 ? 
L N N 2 ? 
M N N 2 ? 
N N N 3 ? 
O N N 3 ? 
P N N 3 ? 
Q N N 3 ? 
R N N 3 ? 
S N N 3 ? 
# 
_struct_biol.id        1 
_struct_biol.details   ? 
# 
loop_
_struct_conn.id 
_struct_conn.conn_type_id 
_struct_conn.pdbx_leaving_atom_flag 
_struct_conn.pdbx_PDB_id 
_struct_conn.ptnr1_label_asym_id 
_struct_conn.ptnr1_label_comp_id 
_struct_conn.ptnr1_label_seq_id 
_struct_conn.ptnr1_label_atom_id 
_struct_conn.pdbx_ptnr1_label_alt_id 
_struct_conn.pdbx_ptnr1_PDB_ins_code 
_struct_conn.pdbx_ptnr1_standard_comp_id 
_struct_conn.ptnr1_symmetry 
_struct_conn.ptnr2_label_asym_id 
_struct_conn.ptnr2_label_comp_id 
_struct_conn.ptnr2_label_seq_id 
_struct_conn.ptnr2_label_atom_id 
_struct_conn.pdbx_ptnr2_label_alt_id 
_struct_conn.pdbx_ptnr2_PDB_ins_code 
_struct_conn.ptnr1_auth_asym_id 
_struct_conn.ptnr1_auth_comp_id 
_struct_conn.ptnr1_auth_seq_id 
_struct_conn.ptnr2_auth_asym_id 
_struct_conn.ptnr2_auth_comp_id 
_struct_conn.ptnr2_auth_seq_id 
_struct_conn.ptnr2_symmetry 
_struct_conn.pdbx_ptnr3_label_atom_id 
_struct_conn.pdbx_ptnr3_label_seq_id 
_struct_conn.pdbx_ptnr3_label_comp_id 
_struct_conn.pdbx_ptnr3_label_asym_id 
_struct_conn.pdbx_ptnr3_label_alt_id 
_struct_conn.pdbx_ptnr3_PDB_ins_code 
_struct_conn.details 
_struct_conn.pdbx_dist_value 
_struct_conn.pdbx_value_order 
_struct_conn.pdbx_role 
metalc1  metalc ? ? A DG 12 OP1 ? ? ? 1_555 G MN  .  MN ? ? A DG 12 A MN  39 1_555 ? ? ? ? ? ? ?            2.146 ? ? 
metalc2  metalc ? ? H MN .  MN  ? ? ? 1_555 O HOH .  O  ? ? B MN 35 B HOH 36 1_555 ? ? ? ? ? ? ?            2.081 ? ? 
metalc3  metalc ? ? H MN .  MN  ? ? ? 1_555 O HOH .  O  ? ? B MN 35 B HOH 38 1_555 ? ? ? ? ? ? ?            2.293 ? ? 
metalc4  metalc ? ? C DG 12 OP1 ? ? ? 1_555 J MN  .  MN ? ? C DG 12 C MN  41 1_555 ? ? ? ? ? ? ?            2.063 ? ? 
metalc5  metalc ? ? K MN .  MN  ? ? ? 1_555 Q HOH .  O  ? ? D MN 38 D HOH 43 1_555 ? ? ? ? ? ? ?            2.227 ? ? 
metalc6  metalc ? ? F DG 12 OP1 ? ? ? 1_555 M MN  .  MN ? ? F DG 12 F MN  40 1_555 ? ? ? ? ? ? ?            2.393 ? ? 
metalc7  metalc ? ? L MN .  MN  ? ? ? 1_555 S HOH .  O  ? ? F MN 37 F HOH 44 1_555 ? ? ? ? ? ? ?            2.296 ? ? 
metalc8  metalc ? ? L MN .  MN  ? ? ? 1_555 S HOH .  O  ? ? F MN 37 F HOH 45 1_555 ? ? ? ? ? ? ?            2.307 ? ? 
metalc9  metalc ? ? M MN .  MN  ? ? ? 1_555 S HOH .  O  ? ? F MN 40 F HOH 41 1_555 ? ? ? ? ? ? ?            2.438 ? ? 
hydrog1  hydrog ? ? A DG 2  N1  ? ? ? 1_555 B DC  11 N3 ? ? A DG 2  B DC  11 1_555 ? ? ? ? ? ? WATSON-CRICK ?     ? ? 
hydrog2  hydrog ? ? A DG 2  N2  ? ? ? 1_555 B DC  11 O2 ? ? A DG 2  B DC  11 1_555 ? ? ? ? ? ? WATSON-CRICK ?     ? ? 
hydrog3  hydrog ? ? A DG 2  O6  ? ? ? 1_555 B DC  11 N4 ? ? A DG 2  B DC  11 1_555 ? ? ? ? ? ? WATSON-CRICK ?     ? ? 
hydrog4  hydrog ? ? A DT 3  N3  ? ? ? 1_555 B DA  10 N1 ? ? A DT 3  B DA  10 1_555 ? ? ? ? ? ? WATSON-CRICK ?     ? ? 
hydrog5  hydrog ? ? A DT 3  O4  ? ? ? 1_555 B DA  10 N6 ? ? A DT 3  B DA  10 1_555 ? ? ? ? ? ? WATSON-CRICK ?     ? ? 
hydrog6  hydrog ? ? A DT 4  N3  ? ? ? 1_555 B DA  9  N1 ? ? A DT 4  B DA  9  1_555 ? ? ? ? ? ? WATSON-CRICK ?     ? ? 
hydrog7  hydrog ? ? A DT 4  O4  ? ? ? 1_555 B DA  9  N6 ? ? A DT 4  B DA  9  1_555 ? ? ? ? ? ? WATSON-CRICK ?     ? ? 
hydrog8  hydrog ? ? A DA 5  N1  ? ? ? 1_555 B DT  8  N3 ? ? A DA 5  B DT  8  1_555 ? ? ? ? ? ? WATSON-CRICK ?     ? ? 
hydrog9  hydrog ? ? A DA 5  N6  ? ? ? 1_555 B DT  8  O4 ? ? A DA 5  B DT  8  1_555 ? ? ? ? ? ? WATSON-CRICK ?     ? ? 
hydrog10 hydrog ? ? A DA 6  N1  ? ? ? 1_555 B DT  7  N3 ? ? A DA 6  B DT  7  1_555 ? ? ? ? ? ? WATSON-CRICK ?     ? ? 
hydrog11 hydrog ? ? A DA 6  N6  ? ? ? 1_555 B DT  7  O4 ? ? A DA 6  B DT  7  1_555 ? ? ? ? ? ? WATSON-CRICK ?     ? ? 
hydrog12 hydrog ? ? A DT 7  N3  ? ? ? 1_555 B DA  6  N1 ? ? A DT 7  B DA  6  1_555 ? ? ? ? ? ? WATSON-CRICK ?     ? ? 
hydrog13 hydrog ? ? A DT 7  O4  ? ? ? 1_555 B DA  6  N6 ? ? A DT 7  B DA  6  1_555 ? ? ? ? ? ? WATSON-CRICK ?     ? ? 
hydrog14 hydrog ? ? A DT 8  N3  ? ? ? 1_555 B DA  5  N1 ? ? A DT 8  B DA  5  1_555 ? ? ? ? ? ? WATSON-CRICK ?     ? ? 
hydrog15 hydrog ? ? A DT 8  O4  ? ? ? 1_555 B DA  5  N6 ? ? A DT 8  B DA  5  1_555 ? ? ? ? ? ? WATSON-CRICK ?     ? ? 
hydrog16 hydrog ? ? A DA 9  N1  ? ? ? 1_555 B DT  4  N3 ? ? A DA 9  B DT  4  1_555 ? ? ? ? ? ? WATSON-CRICK ?     ? ? 
hydrog17 hydrog ? ? A DA 9  N6  ? ? ? 1_555 B DT  4  O4 ? ? A DA 9  B DT  4  1_555 ? ? ? ? ? ? WATSON-CRICK ?     ? ? 
hydrog18 hydrog ? ? A DA 10 N1  ? ? ? 1_555 B DT  3  N3 ? ? A DA 10 B DT  3  1_555 ? ? ? ? ? ? WATSON-CRICK ?     ? ? 
hydrog19 hydrog ? ? A DA 10 N6  ? ? ? 1_555 B DT  3  O4 ? ? A DA 10 B DT  3  1_555 ? ? ? ? ? ? WATSON-CRICK ?     ? ? 
hydrog20 hydrog ? ? A DC 11 N3  ? ? ? 1_555 B DG  2  N1 ? ? A DC 11 B DG  2  1_555 ? ? ? ? ? ? WATSON-CRICK ?     ? ? 
hydrog21 hydrog ? ? A DC 11 N4  ? ? ? 1_555 B DG  2  O6 ? ? A DC 11 B DG  2  1_555 ? ? ? ? ? ? WATSON-CRICK ?     ? ? 
hydrog22 hydrog ? ? A DC 11 O2  ? ? ? 1_555 B DG  2  N2 ? ? A DC 11 B DG  2  1_555 ? ? ? ? ? ? WATSON-CRICK ?     ? ? 
hydrog23 hydrog ? ? C DG 2  N1  ? ? ? 1_555 D DC  11 N3 ? ? C DG 2  D DC  11 1_555 ? ? ? ? ? ? WATSON-CRICK ?     ? ? 
hydrog24 hydrog ? ? C DG 2  N2  ? ? ? 1_555 D DC  11 O2 ? ? C DG 2  D DC  11 1_555 ? ? ? ? ? ? WATSON-CRICK ?     ? ? 
hydrog25 hydrog ? ? C DG 2  O6  ? ? ? 1_555 D DC  11 N4 ? ? C DG 2  D DC  11 1_555 ? ? ? ? ? ? WATSON-CRICK ?     ? ? 
hydrog26 hydrog ? ? C DT 3  N3  ? ? ? 1_555 D DA  10 N1 ? ? C DT 3  D DA  10 1_555 ? ? ? ? ? ? WATSON-CRICK ?     ? ? 
hydrog27 hydrog ? ? C DT 3  O4  ? ? ? 1_555 D DA  10 N6 ? ? C DT 3  D DA  10 1_555 ? ? ? ? ? ? WATSON-CRICK ?     ? ? 
hydrog28 hydrog ? ? C DT 4  N3  ? ? ? 1_555 D DA  9  N1 ? ? C DT 4  D DA  9  1_555 ? ? ? ? ? ? WATSON-CRICK ?     ? ? 
hydrog29 hydrog ? ? C DT 4  O4  ? ? ? 1_555 D DA  9  N6 ? ? C DT 4  D DA  9  1_555 ? ? ? ? ? ? WATSON-CRICK ?     ? ? 
hydrog30 hydrog ? ? C DA 5  N1  ? ? ? 1_555 D DT  8  N3 ? ? C DA 5  D DT  8  1_555 ? ? ? ? ? ? WATSON-CRICK ?     ? ? 
hydrog31 hydrog ? ? C DA 5  N6  ? ? ? 1_555 D DT  8  O4 ? ? C DA 5  D DT  8  1_555 ? ? ? ? ? ? WATSON-CRICK ?     ? ? 
hydrog32 hydrog ? ? C DA 6  N1  ? ? ? 1_555 D DT  7  N3 ? ? C DA 6  D DT  7  1_555 ? ? ? ? ? ? WATSON-CRICK ?     ? ? 
hydrog33 hydrog ? ? C DA 6  N6  ? ? ? 1_555 D DT  7  O4 ? ? C DA 6  D DT  7  1_555 ? ? ? ? ? ? WATSON-CRICK ?     ? ? 
hydrog34 hydrog ? ? C DT 7  N3  ? ? ? 1_555 D DA  6  N1 ? ? C DT 7  D DA  6  1_555 ? ? ? ? ? ? WATSON-CRICK ?     ? ? 
hydrog35 hydrog ? ? C DT 7  O4  ? ? ? 1_555 D DA  6  N6 ? ? C DT 7  D DA  6  1_555 ? ? ? ? ? ? WATSON-CRICK ?     ? ? 
hydrog36 hydrog ? ? C DT 8  N3  ? ? ? 1_555 D DA  5  N1 ? ? C DT 8  D DA  5  1_555 ? ? ? ? ? ? WATSON-CRICK ?     ? ? 
hydrog37 hydrog ? ? C DT 8  O4  ? ? ? 1_555 D DA  5  N6 ? ? C DT 8  D DA  5  1_555 ? ? ? ? ? ? WATSON-CRICK ?     ? ? 
hydrog38 hydrog ? ? C DA 9  N1  ? ? ? 1_555 D DT  4  N3 ? ? C DA 9  D DT  4  1_555 ? ? ? ? ? ? WATSON-CRICK ?     ? ? 
hydrog39 hydrog ? ? C DA 9  N6  ? ? ? 1_555 D DT  4  O4 ? ? C DA 9  D DT  4  1_555 ? ? ? ? ? ? WATSON-CRICK ?     ? ? 
hydrog40 hydrog ? ? C DA 10 N1  ? ? ? 1_555 D DT  3  N3 ? ? C DA 10 D DT  3  1_555 ? ? ? ? ? ? WATSON-CRICK ?     ? ? 
hydrog41 hydrog ? ? C DA 10 N6  ? ? ? 1_555 D DT  3  O4 ? ? C DA 10 D DT  3  1_555 ? ? ? ? ? ? WATSON-CRICK ?     ? ? 
hydrog42 hydrog ? ? C DC 11 N3  ? ? ? 1_555 D DG  2  N1 ? ? C DC 11 D DG  2  1_555 ? ? ? ? ? ? WATSON-CRICK ?     ? ? 
hydrog43 hydrog ? ? C DC 11 N4  ? ? ? 1_555 D DG  2  O6 ? ? C DC 11 D DG  2  1_555 ? ? ? ? ? ? WATSON-CRICK ?     ? ? 
hydrog44 hydrog ? ? C DC 11 O2  ? ? ? 1_555 D DG  2  N2 ? ? C DC 11 D DG  2  1_555 ? ? ? ? ? ? WATSON-CRICK ?     ? ? 
hydrog45 hydrog ? ? E DG 2  N1  ? ? ? 1_555 F DC  11 N3 ? ? E DG 2  F DC  11 1_555 ? ? ? ? ? ? WATSON-CRICK ?     ? ? 
hydrog46 hydrog ? ? E DG 2  N2  ? ? ? 1_555 F DC  11 O2 ? ? E DG 2  F DC  11 1_555 ? ? ? ? ? ? WATSON-CRICK ?     ? ? 
hydrog47 hydrog ? ? E DG 2  O6  ? ? ? 1_555 F DC  11 N4 ? ? E DG 2  F DC  11 1_555 ? ? ? ? ? ? WATSON-CRICK ?     ? ? 
hydrog48 hydrog ? ? E DT 3  N3  ? ? ? 1_555 F DA  10 N1 ? ? E DT 3  F DA  10 1_555 ? ? ? ? ? ? WATSON-CRICK ?     ? ? 
hydrog49 hydrog ? ? E DT 3  O4  ? ? ? 1_555 F DA  10 N6 ? ? E DT 3  F DA  10 1_555 ? ? ? ? ? ? WATSON-CRICK ?     ? ? 
hydrog50 hydrog ? ? E DT 4  N3  ? ? ? 1_555 F DA  9  N1 ? ? E DT 4  F DA  9  1_555 ? ? ? ? ? ? WATSON-CRICK ?     ? ? 
hydrog51 hydrog ? ? E DT 4  O4  ? ? ? 1_555 F DA  9  N6 ? ? E DT 4  F DA  9  1_555 ? ? ? ? ? ? WATSON-CRICK ?     ? ? 
hydrog52 hydrog ? ? E DA 5  N1  ? ? ? 1_555 F DT  8  N3 ? ? E DA 5  F DT  8  1_555 ? ? ? ? ? ? WATSON-CRICK ?     ? ? 
hydrog53 hydrog ? ? E DA 5  N6  ? ? ? 1_555 F DT  8  O4 ? ? E DA 5  F DT  8  1_555 ? ? ? ? ? ? WATSON-CRICK ?     ? ? 
hydrog54 hydrog ? ? E DA 6  N1  ? ? ? 1_555 F DT  7  N3 ? ? E DA 6  F DT  7  1_555 ? ? ? ? ? ? WATSON-CRICK ?     ? ? 
hydrog55 hydrog ? ? E DA 6  N6  ? ? ? 1_555 F DT  7  O4 ? ? E DA 6  F DT  7  1_555 ? ? ? ? ? ? WATSON-CRICK ?     ? ? 
hydrog56 hydrog ? ? E DT 7  N3  ? ? ? 1_555 F DA  6  N1 ? ? E DT 7  F DA  6  1_555 ? ? ? ? ? ? WATSON-CRICK ?     ? ? 
hydrog57 hydrog ? ? E DT 7  O4  ? ? ? 1_555 F DA  6  N6 ? ? E DT 7  F DA  6  1_555 ? ? ? ? ? ? WATSON-CRICK ?     ? ? 
hydrog58 hydrog ? ? E DT 8  N3  ? ? ? 1_555 F DA  5  N1 ? ? E DT 8  F DA  5  1_555 ? ? ? ? ? ? WATSON-CRICK ?     ? ? 
hydrog59 hydrog ? ? E DT 8  O4  ? ? ? 1_555 F DA  5  N6 ? ? E DT 8  F DA  5  1_555 ? ? ? ? ? ? WATSON-CRICK ?     ? ? 
hydrog60 hydrog ? ? E DA 9  N1  ? ? ? 1_555 F DT  4  N3 ? ? E DA 9  F DT  4  1_555 ? ? ? ? ? ? WATSON-CRICK ?     ? ? 
hydrog61 hydrog ? ? E DA 9  N6  ? ? ? 1_555 F DT  4  O4 ? ? E DA 9  F DT  4  1_555 ? ? ? ? ? ? WATSON-CRICK ?     ? ? 
hydrog62 hydrog ? ? E DA 10 N1  ? ? ? 1_555 F DT  3  N3 ? ? E DA 10 F DT  3  1_555 ? ? ? ? ? ? WATSON-CRICK ?     ? ? 
hydrog63 hydrog ? ? E DA 10 N6  ? ? ? 1_555 F DT  3  O4 ? ? E DA 10 F DT  3  1_555 ? ? ? ? ? ? WATSON-CRICK ?     ? ? 
hydrog64 hydrog ? ? E DC 11 N3  ? ? ? 1_555 F DG  2  N1 ? ? E DC 11 F DG  2  1_555 ? ? ? ? ? ? WATSON-CRICK ?     ? ? 
hydrog65 hydrog ? ? E DC 11 N4  ? ? ? 1_555 F DG  2  O6 ? ? E DC 11 F DG  2  1_555 ? ? ? ? ? ? WATSON-CRICK ?     ? ? 
hydrog66 hydrog ? ? E DC 11 O2  ? ? ? 1_555 F DG  2  N2 ? ? E DC 11 F DG  2  1_555 ? ? ? ? ? ? WATSON-CRICK ?     ? ? 
# 
loop_
_struct_conn_type.id 
_struct_conn_type.criteria 
_struct_conn_type.reference 
metalc ? ? 
hydrog ? ? 
# 
loop_
_struct_site.id 
_struct_site.pdbx_evidence_code 
_struct_site.pdbx_auth_asym_id 
_struct_site.pdbx_auth_comp_id 
_struct_site.pdbx_auth_seq_id 
_struct_site.pdbx_auth_ins_code 
_struct_site.pdbx_num_residues 
_struct_site.details 
AC1 Software A MN 39 ? 4 'BINDING SITE FOR RESIDUE MN A 39' 
AC2 Software B MN 35 ? 4 'BINDING SITE FOR RESIDUE MN B 35' 
AC3 Software C MN 36 ? 2 'BINDING SITE FOR RESIDUE MN C 36' 
AC4 Software C MN 41 ? 2 'BINDING SITE FOR RESIDUE MN C 41' 
AC5 Software D MN 38 ? 3 'BINDING SITE FOR RESIDUE MN D 38' 
AC6 Software F MN 37 ? 4 'BINDING SITE FOR RESIDUE MN F 37' 
AC7 Software F MN 40 ? 3 'BINDING SITE FOR RESIDUE MN F 40' 
# 
loop_
_struct_site_gen.id 
_struct_site_gen.site_id 
_struct_site_gen.pdbx_num_res 
_struct_site_gen.label_comp_id 
_struct_site_gen.label_asym_id 
_struct_site_gen.label_seq_id 
_struct_site_gen.pdbx_auth_ins_code 
_struct_site_gen.auth_comp_id 
_struct_site_gen.auth_asym_id 
_struct_site_gen.auth_seq_id 
_struct_site_gen.label_atom_id 
_struct_site_gen.label_alt_id 
_struct_site_gen.symmetry 
_struct_site_gen.details 
1  AC1 4 DG  A 12 ? DG  A 12 . ? 1_555 ? 
2  AC1 4 DG  B 12 ? DG  B 12 . ? 3_565 ? 
3  AC1 4 HOH O .  ? HOH B 42 . ? 3_565 ? 
4  AC1 4 HOH S .  ? HOH F 42 . ? 2_665 ? 
5  AC2 4 DG  B 12 ? DG  B 12 . ? 1_555 ? 
6  AC2 4 HOH O .  ? HOH B 36 . ? 1_555 ? 
7  AC2 4 HOH O .  ? HOH B 38 . ? 1_555 ? 
8  AC2 4 DG  D 12 ? DG  D 12 . ? 1_555 ? 
9  AC3 2 DG  C 12 ? DG  C 12 . ? 1_555 ? 
10 AC3 2 DT  F 7  ? DT  F 7  . ? 1_545 ? 
11 AC4 2 DG  C 12 ? DG  C 12 . ? 1_555 ? 
12 AC4 2 DG  D 12 ? DG  D 12 . ? 2_654 ? 
13 AC5 3 DT  D 7  ? DT  D 7  . ? 1_555 ? 
14 AC5 3 HOH Q .  ? HOH D 43 . ? 1_555 ? 
15 AC5 3 DG  E 12 ? DG  E 12 . ? 1_545 ? 
16 AC6 4 DG  A 12 ? DG  A 12 . ? 1_654 ? 
17 AC6 4 DG  F 12 ? DG  F 12 . ? 1_555 ? 
18 AC6 4 HOH S .  ? HOH F 44 . ? 1_555 ? 
19 AC6 4 HOH S .  ? HOH F 45 . ? 1_555 ? 
20 AC7 3 DG  E 12 ? DG  E 12 . ? 2_764 ? 
21 AC7 3 DG  F 12 ? DG  F 12 . ? 1_555 ? 
22 AC7 3 HOH S .  ? HOH F 41 . ? 1_555 ? 
# 
_atom_sites.entry_id                    3EIL 
_atom_sites.fract_transf_matrix[1][1]   -0.00325153 
_atom_sites.fract_transf_matrix[1][2]   -0.02615621 
_atom_sites.fract_transf_matrix[1][3]   -0.00068077 
_atom_sites.fract_transf_matrix[2][1]   0.00480495 
_atom_sites.fract_transf_matrix[2][2]   -0.01330698 
_atom_sites.fract_transf_matrix[2][3]   -0.02224866 
_atom_sites.fract_transf_matrix[3][1]   0.00967551 
_atom_sites.fract_transf_matrix[3][2]   -0.00127705 
_atom_sites.fract_transf_matrix[3][3]   0.00285339 
_atom_sites.fract_transf_vector[1]      0.642354 
_atom_sites.fract_transf_vector[2]      0.639976 
_atom_sites.fract_transf_vector[3]      0.666246 
# 
loop_
_atom_type.symbol 
C  
MN 
N  
O  
P  
# 
loop_
_atom_site.group_PDB 
_atom_site.id 
_atom_site.type_symbol 
_atom_site.label_atom_id 
_atom_site.label_alt_id 
_atom_site.label_comp_id 
_atom_site.label_asym_id 
_atom_site.label_entity_id 
_atom_site.label_seq_id 
_atom_site.pdbx_PDB_ins_code 
_atom_site.Cartn_x 
_atom_site.Cartn_y 
_atom_site.Cartn_z 
_atom_site.occupancy 
_atom_site.B_iso_or_equiv 
_atom_site.pdbx_formal_charge 
_atom_site.auth_seq_id 
_atom_site.auth_comp_id 
_atom_site.auth_asym_id 
_atom_site.auth_atom_id 
_atom_site.pdbx_PDB_model_num 
ATOM   1    P  P     . DG  A 1 2  ? 20.529  17.003  -6.869  1.00 75.72  ? 2  DG  A P     1 
ATOM   2    O  OP1   . DG  A 1 2  ? 21.668  17.931  -6.625  1.00 75.49  ? 2  DG  A OP1   1 
ATOM   3    O  OP2   . DG  A 1 2  ? 20.780  15.664  -7.473  1.00 76.30  ? 2  DG  A OP2   1 
ATOM   4    O  "O5'" . DG  A 1 2  ? 19.769  16.743  -5.485  1.00 73.64  ? 2  DG  A "O5'" 1 
ATOM   5    C  "C5'" . DG  A 1 2  ? 19.288  17.823  -4.671  1.00 70.26  ? 2  DG  A "C5'" 1 
ATOM   6    C  "C4'" . DG  A 1 2  ? 19.664  17.669  -3.214  1.00 68.10  ? 2  DG  A "C4'" 1 
ATOM   7    O  "O4'" . DG  A 1 2  ? 19.713  16.278  -2.748  1.00 66.69  ? 2  DG  A "O4'" 1 
ATOM   8    C  "C3'" . DG  A 1 2  ? 21.043  18.201  -2.988  1.00 66.27  ? 2  DG  A "C3'" 1 
ATOM   9    O  "O3'" . DG  A 1 2  ? 21.133  18.717  -1.659  1.00 65.41  ? 2  DG  A "O3'" 1 
ATOM   10   C  "C2'" . DG  A 1 2  ? 21.881  16.950  -3.231  1.00 65.24  ? 2  DG  A "C2'" 1 
ATOM   11   C  "C1'" . DG  A 1 2  ? 21.055  15.911  -2.500  1.00 64.74  ? 2  DG  A "C1'" 1 
ATOM   12   N  N9    . DG  A 1 2  ? 21.196  14.534  -2.944  1.00 63.65  ? 2  DG  A N9    1 
ATOM   13   C  C8    . DG  A 1 2  ? 21.395  14.052  -4.232  1.00 63.06  ? 2  DG  A C8    1 
ATOM   14   N  N7    . DG  A 1 2  ? 21.419  12.743  -4.294  1.00 62.32  ? 2  DG  A N7    1 
ATOM   15   C  C5    . DG  A 1 2  ? 21.205  12.336  -2.969  1.00 61.90  ? 2  DG  A C5    1 
ATOM   16   C  C6    . DG  A 1 2  ? 21.123  11.038  -2.395  1.00 60.67  ? 2  DG  A C6    1 
ATOM   17   O  O6    . DG  A 1 2  ? 21.229  9.937   -2.952  1.00 60.06  ? 2  DG  A O6    1 
ATOM   18   N  N1    . DG  A 1 2  ? 20.891  11.100  -1.013  1.00 60.08  ? 2  DG  A N1    1 
ATOM   19   C  C2    . DG  A 1 2  ? 20.754  12.268  -0.268  1.00 59.14  ? 2  DG  A C2    1 
ATOM   20   N  N2    . DG  A 1 2  ? 20.545  12.133  1.048   1.00 56.72  ? 2  DG  A N2    1 
ATOM   21   N  N3    . DG  A 1 2  ? 20.821  13.483  -0.792  1.00 59.76  ? 2  DG  A N3    1 
ATOM   22   C  C4    . DG  A 1 2  ? 21.048  13.438  -2.137  1.00 62.45  ? 2  DG  A C4    1 
ATOM   23   P  P     . DT  A 1 3  ? 22.227  19.777  -1.184  1.00 65.06  ? 3  DT  A P     1 
ATOM   24   O  OP1   . DT  A 1 3  ? 21.489  20.896  -0.544  1.00 63.65  ? 3  DT  A OP1   1 
ATOM   25   O  OP2   . DT  A 1 3  ? 23.211  20.006  -2.282  1.00 64.34  ? 3  DT  A OP2   1 
ATOM   26   O  "O5'" . DT  A 1 3  ? 22.964  18.990  -0.014  1.00 63.87  ? 3  DT  A "O5'" 1 
ATOM   27   C  "C5'" . DT  A 1 3  ? 22.170  18.597  1.081   1.00 62.10  ? 3  DT  A "C5'" 1 
ATOM   28   C  "C4'" . DT  A 1 3  ? 22.760  17.383  1.753   1.00 60.36  ? 3  DT  A "C4'" 1 
ATOM   29   O  "O4'" . DT  A 1 3  ? 22.765  16.245  0.868   1.00 59.28  ? 3  DT  A "O4'" 1 
ATOM   30   C  "C3'" . DT  A 1 3  ? 24.213  17.576  2.146   1.00 59.75  ? 3  DT  A "C3'" 1 
ATOM   31   O  "O3'" . DT  A 1 3  ? 24.293  17.738  3.549   1.00 60.89  ? 3  DT  A "O3'" 1 
ATOM   32   C  "C2'" . DT  A 1 3  ? 24.921  16.303  1.675   1.00 58.66  ? 3  DT  A "C2'" 1 
ATOM   33   C  "C1'" . DT  A 1 3  ? 23.764  15.387  1.344   1.00 57.51  ? 3  DT  A "C1'" 1 
ATOM   34   N  N1    . DT  A 1 3  ? 24.022  14.384  0.306   1.00 55.60  ? 3  DT  A N1    1 
ATOM   35   C  C2    . DT  A 1 3  ? 23.914  13.053  0.632   1.00 55.25  ? 3  DT  A C2    1 
ATOM   36   O  O2    . DT  A 1 3  ? 23.657  12.646  1.753   1.00 54.21  ? 3  DT  A O2    1 
ATOM   37   N  N3    . DT  A 1 3  ? 24.135  12.194  -0.412  1.00 55.21  ? 3  DT  A N3    1 
ATOM   38   C  C4    . DT  A 1 3  ? 24.440  12.506  -1.711  1.00 54.08  ? 3  DT  A C4    1 
ATOM   39   O  O4    . DT  A 1 3  ? 24.608  11.623  -2.542  1.00 52.86  ? 3  DT  A O4    1 
ATOM   40   C  C5    . DT  A 1 3  ? 24.531  13.926  -1.997  1.00 53.82  ? 3  DT  A C5    1 
ATOM   41   C  C7    . DT  A 1 3  ? 24.851  14.385  -3.379  1.00 52.77  ? 3  DT  A C7    1 
ATOM   42   C  C6    . DT  A 1 3  ? 24.308  14.794  -0.982  1.00 54.80  ? 3  DT  A C6    1 
ATOM   43   P  P     . DT  A 1 4  ? 25.688  17.916  4.323   1.00 62.17  ? 4  DT  A P     1 
ATOM   44   O  OP1   . DT  A 1 4  ? 25.464  18.859  5.456   1.00 61.67  ? 4  DT  A OP1   1 
ATOM   45   O  OP2   . DT  A 1 4  ? 26.774  18.123  3.304   1.00 60.55  ? 4  DT  A OP2   1 
ATOM   46   O  "O5'" . DT  A 1 4  ? 25.856  16.496  5.006   1.00 60.96  ? 4  DT  A "O5'" 1 
ATOM   47   C  "C5'" . DT  A 1 4  ? 24.805  16.072  5.784   1.00 58.60  ? 4  DT  A "C5'" 1 
ATOM   48   C  "C4'" . DT  A 1 4  ? 24.924  14.595  5.992   1.00 58.86  ? 4  DT  A "C4'" 1 
ATOM   49   O  "O4'" . DT  A 1 4  ? 25.052  13.917  4.712   1.00 58.48  ? 4  DT  A "O4'" 1 
ATOM   50   C  "C3'" . DT  A 1 4  ? 26.151  14.200  6.802   1.00 58.70  ? 4  DT  A "C3'" 1 
ATOM   51   O  "O3'" . DT  A 1 4  ? 25.709  13.411  7.918   1.00 59.98  ? 4  DT  A "O3'" 1 
ATOM   52   C  "C2'" . DT  A 1 4  ? 27.047  13.422  5.827   1.00 57.80  ? 4  DT  A "C2'" 1 
ATOM   53   C  "C1'" . DT  A 1 4  ? 26.032  12.908  4.827   1.00 57.82  ? 4  DT  A "C1'" 1 
ATOM   54   N  N1    . DT  A 1 4  ? 26.505  12.627  3.477   1.00 57.00  ? 4  DT  A N1    1 
ATOM   55   C  C2    . DT  A 1 4  ? 26.304  11.360  3.036   1.00 56.43  ? 4  DT  A C2    1 
ATOM   56   O  O2    . DT  A 1 4  ? 25.812  10.500  3.749   1.00 56.27  ? 4  DT  A O2    1 
ATOM   57   N  N3    . DT  A 1 4  ? 26.701  11.128  1.748   1.00 55.69  ? 4  DT  A N3    1 
ATOM   58   C  C4    . DT  A 1 4  ? 27.253  12.042  0.869   1.00 56.87  ? 4  DT  A C4    1 
ATOM   59   O  O4    . DT  A 1 4  ? 27.583  11.736  -0.284  1.00 57.09  ? 4  DT  A O4    1 
ATOM   60   C  C5    . DT  A 1 4  ? 27.423  13.377  1.395   1.00 56.86  ? 4  DT  A C5    1 
ATOM   61   C  C7    . DT  A 1 4  ? 28.015  14.436  0.521   1.00 56.28  ? 4  DT  A C7    1 
ATOM   62   C  C6    . DT  A 1 4  ? 27.033  13.617  2.666   1.00 56.82  ? 4  DT  A C6    1 
ATOM   63   P  P     . DA  A 1 5  ? 26.689  12.546  8.841   1.00 61.80  ? 5  DA  A P     1 
ATOM   64   O  OP1   . DA  A 1 5  ? 26.012  12.397  10.157  1.00 61.95  ? 5  DA  A OP1   1 
ATOM   65   O  OP2   . DA  A 1 5  ? 28.041  13.162  8.757   1.00 61.13  ? 5  DA  A OP2   1 
ATOM   66   O  "O5'" . DA  A 1 5  ? 26.726  11.081  8.151   1.00 62.55  ? 5  DA  A "O5'" 1 
ATOM   67   C  "C5'" . DA  A 1 5  ? 25.519  10.356  8.007   1.00 62.54  ? 5  DA  A "C5'" 1 
ATOM   68   C  "C4'" . DA  A 1 5  ? 25.791  8.879   7.891   1.00 62.83  ? 5  DA  A "C4'" 1 
ATOM   69   O  "O4'" . DA  A 1 5  ? 26.312  8.545   6.577   1.00 63.32  ? 5  DA  A "O4'" 1 
ATOM   70   C  "C3'" . DA  A 1 5  ? 26.842  8.383   8.838   1.00 63.21  ? 5  DA  A "C3'" 1 
ATOM   71   O  "O3'" . DA  A 1 5  ? 26.605  6.974   9.088   1.00 64.95  ? 5  DA  A "O3'" 1 
ATOM   72   C  "C2'" . DA  A 1 5  ? 28.133  8.613   8.077   1.00 62.82  ? 5  DA  A "C2'" 1 
ATOM   73   C  "C1'" . DA  A 1 5  ? 27.712  8.291   6.661   1.00 62.15  ? 5  DA  A "C1'" 1 
ATOM   74   N  N9    . DA  A 1 5  ? 28.358  9.117   5.654   1.00 61.00  ? 5  DA  A N9    1 
ATOM   75   C  C8    . DA  A 1 5  ? 28.569  10.471  5.691   1.00 60.12  ? 5  DA  A C8    1 
ATOM   76   N  N7    . DA  A 1 5  ? 29.150  10.942  4.606   1.00 60.00  ? 5  DA  A N7    1 
ATOM   77   C  C5    . DA  A 1 5  ? 29.317  9.814   3.809   1.00 58.70  ? 5  DA  A C5    1 
ATOM   78   C  C6    . DA  A 1 5  ? 29.864  9.623   2.538   1.00 57.31  ? 5  DA  A C6    1 
ATOM   79   N  N6    . DA  A 1 5  ? 30.374  10.607  1.809   1.00 57.59  ? 5  DA  A N6    1 
ATOM   80   N  N1    . DA  A 1 5  ? 29.873  8.373   2.044   1.00 56.09  ? 5  DA  A N1    1 
ATOM   81   C  C2    . DA  A 1 5  ? 29.368  7.383   2.769   1.00 56.56  ? 5  DA  A C2    1 
ATOM   82   N  N3    . DA  A 1 5  ? 28.811  7.438   3.969   1.00 57.91  ? 5  DA  A N3    1 
ATOM   83   C  C4    . DA  A 1 5  ? 28.826  8.691   4.436   1.00 59.30  ? 5  DA  A C4    1 
ATOM   84   P  P     . DA  A 1 6  ? 27.628  6.049   9.920   1.00 65.26  ? 6  DA  A P     1 
ATOM   85   O  OP1   . DA  A 1 6  ? 26.840  4.949   10.540  1.00 64.14  ? 6  DA  A OP1   1 
ATOM   86   O  OP2   . DA  A 1 6  ? 28.469  6.961   10.757  1.00 65.56  ? 6  DA  A OP2   1 
ATOM   87   O  "O5'" . DA  A 1 6  ? 28.547  5.400   8.783   1.00 62.98  ? 6  DA  A "O5'" 1 
ATOM   88   C  "C5'" . DA  A 1 6  ? 27.917  4.906   7.643   1.00 61.99  ? 6  DA  A "C5'" 1 
ATOM   89   C  "C4'" . DA  A 1 6  ? 28.890  4.071   6.847   1.00 61.84  ? 6  DA  A "C4'" 1 
ATOM   90   O  "O4'" . DA  A 1 6  ? 29.570  4.850   5.816   1.00 60.20  ? 6  DA  A "O4'" 1 
ATOM   91   C  "C3'" . DA  A 1 6  ? 29.974  3.486   7.735   1.00 61.53  ? 6  DA  A "C3'" 1 
ATOM   92   O  "O3'" . DA  A 1 6  ? 30.167  2.083   7.377   1.00 64.39  ? 6  DA  A "O3'" 1 
ATOM   93   C  "C2'" . DA  A 1 6  ? 31.212  4.356   7.466   1.00 59.98  ? 6  DA  A "C2'" 1 
ATOM   94   C  "C1'" . DA  A 1 6  ? 30.979  4.842   6.038   1.00 58.49  ? 6  DA  A "C1'" 1 
ATOM   95   N  N9    . DA  A 1 6  ? 31.492  6.174   5.766   1.00 54.98  ? 6  DA  A N9    1 
ATOM   96   C  C8    . DA  A 1 6  ? 31.574  7.261   6.595   1.00 53.73  ? 6  DA  A C8    1 
ATOM   97   N  N7    . DA  A 1 6  ? 32.078  8.329   6.007   1.00 52.75  ? 6  DA  A N7    1 
ATOM   98   C  C5    . DA  A 1 6  ? 32.340  7.899   4.703   1.00 52.13  ? 6  DA  A C5    1 
ATOM   99   C  C6    . DA  A 1 6  ? 32.886  8.531   3.537   1.00 50.93  ? 6  DA  A C6    1 
ATOM   100  N  N6    . DA  A 1 6  ? 33.298  9.807   3.468   1.00 48.70  ? 6  DA  A N6    1 
ATOM   101  N  N1    . DA  A 1 6  ? 32.985  7.781   2.427   1.00 50.43  ? 6  DA  A N1    1 
ATOM   102  C  C2    . DA  A 1 6  ? 32.570  6.505   2.459   1.00 51.58  ? 6  DA  A C2    1 
ATOM   103  N  N3    . DA  A 1 6  ? 32.050  5.812   3.474   1.00 51.98  ? 6  DA  A N3    1 
ATOM   104  C  C4    . DA  A 1 6  ? 31.971  6.573   4.565   1.00 52.86  ? 6  DA  A C4    1 
ATOM   105  P  P     . DT  A 1 7  ? 31.554  1.319   7.643   1.00 67.44  ? 7  DT  A P     1 
ATOM   106  O  OP1   . DT  A 1 7  ? 31.248  -0.125  7.713   1.00 66.81  ? 7  DT  A OP1   1 
ATOM   107  O  OP2   . DT  A 1 7  ? 32.199  2.059   8.771   1.00 67.82  ? 7  DT  A OP2   1 
ATOM   108  O  "O5'" . DT  A 1 7  ? 32.463  1.523   6.336   1.00 65.10  ? 7  DT  A "O5'" 1 
ATOM   109  C  "C5'" . DT  A 1 7  ? 31.955  1.091   5.157   1.00 65.05  ? 7  DT  A "C5'" 1 
ATOM   110  C  "C4'" . DT  A 1 7  ? 32.990  1.257   4.087   1.00 66.07  ? 7  DT  A "C4'" 1 
ATOM   111  O  "O4'" . DT  A 1 7  ? 33.317  2.659   3.881   1.00 65.01  ? 7  DT  A "O4'" 1 
ATOM   112  C  "C3'" . DT  A 1 7  ? 34.309  0.583   4.452   1.00 67.26  ? 7  DT  A "C3'" 1 
ATOM   113  O  "O3'" . DT  A 1 7  ? 34.801  -0.195  3.333   1.00 69.97  ? 7  DT  A "O3'" 1 
ATOM   114  C  "C2'" . DT  A 1 7  ? 35.249  1.735   4.756   1.00 65.52  ? 7  DT  A "C2'" 1 
ATOM   115  C  "C1'" . DT  A 1 7  ? 34.724  2.789   3.813   1.00 63.68  ? 7  DT  A "C1'" 1 
ATOM   116  N  N1    . DT  A 1 7  ? 35.076  4.192   4.176   1.00 60.70  ? 7  DT  A N1    1 
ATOM   117  C  C2    . DT  A 1 7  ? 35.578  5.069   3.207   1.00 59.88  ? 7  DT  A C2    1 
ATOM   118  O  O2    . DT  A 1 7  ? 35.793  4.768   2.034   1.00 59.36  ? 7  DT  A O2    1 
ATOM   119  N  N3    . DT  A 1 7  ? 35.829  6.332   3.673   1.00 58.92  ? 7  DT  A N3    1 
ATOM   120  C  C4    . DT  A 1 7  ? 35.625  6.811   4.956   1.00 58.84  ? 7  DT  A C4    1 
ATOM   121  O  O4    . DT  A 1 7  ? 35.871  7.976   5.256   1.00 58.76  ? 7  DT  A O4    1 
ATOM   122  C  C5    . DT  A 1 7  ? 35.098  5.854   5.907   1.00 58.56  ? 7  DT  A C5    1 
ATOM   123  C  C7    . DT  A 1 7  ? 34.844  6.267   7.323   1.00 57.99  ? 7  DT  A C7    1 
ATOM   124  C  C6    . DT  A 1 7  ? 34.847  4.606   5.476   1.00 59.10  ? 7  DT  A C6    1 
ATOM   125  P  P     . DT  A 1 8  ? 35.948  -1.304  3.483   1.00 70.65  ? 8  DT  A P     1 
ATOM   126  O  OP1   . DT  A 1 8  ? 35.398  -2.597  2.983   1.00 70.67  ? 8  DT  A OP1   1 
ATOM   127  O  OP2   . DT  A 1 8  ? 36.498  -1.194  4.874   1.00 69.51  ? 8  DT  A OP2   1 
ATOM   128  O  "O5'" . DT  A 1 8  ? 37.012  -0.764  2.397   1.00 69.21  ? 8  DT  A "O5'" 1 
ATOM   129  C  "C5'" . DT  A 1 8  ? 36.467  -0.174  1.208   1.00 68.90  ? 8  DT  A "C5'" 1 
ATOM   130  C  "C4'" . DT  A 1 8  ? 37.430  0.788   0.537   1.00 68.84  ? 8  DT  A "C4'" 1 
ATOM   131  O  "O4'" . DT  A 1 8  ? 37.462  2.098   1.212   1.00 68.18  ? 8  DT  A "O4'" 1 
ATOM   132  C  "C3'" . DT  A 1 8  ? 38.868  0.294   0.533   1.00 68.16  ? 8  DT  A "C3'" 1 
ATOM   133  O  "O3'" . DT  A 1 8  ? 39.453  0.558   -0.761  1.00 68.47  ? 8  DT  A "O3'" 1 
ATOM   134  C  "C2'" . DT  A 1 8  ? 39.504  1.096   1.671   1.00 66.94  ? 8  DT  A "C2'" 1 
ATOM   135  C  "C1'" . DT  A 1 8  ? 38.822  2.434   1.456   1.00 66.30  ? 8  DT  A "C1'" 1 
ATOM   136  N  N1    . DT  A 1 8  ? 38.906  3.394   2.581   1.00 63.69  ? 8  DT  A N1    1 
ATOM   137  C  C2    . DT  A 1 8  ? 39.248  4.677   2.272   1.00 62.21  ? 8  DT  A C2    1 
ATOM   138  O  O2    . DT  A 1 8  ? 39.500  5.040   1.125   1.00 61.98  ? 8  DT  A O2    1 
ATOM   139  N  N3    . DT  A 1 8  ? 39.297  5.523   3.351   1.00 60.57  ? 8  DT  A N3    1 
ATOM   140  C  C4    . DT  A 1 8  ? 39.039  5.225   4.672   1.00 60.01  ? 8  DT  A C4    1 
ATOM   141  O  O4    . DT  A 1 8  ? 39.109  6.070   5.554   1.00 58.73  ? 8  DT  A O4    1 
ATOM   142  C  C5    . DT  A 1 8  ? 38.682  3.854   4.937   1.00 60.82  ? 8  DT  A C5    1 
ATOM   143  C  C7    . DT  A 1 8  ? 38.377  3.421   6.342   1.00 60.10  ? 8  DT  A C7    1 
ATOM   144  C  C6    . DT  A 1 8  ? 38.628  3.005   3.886   1.00 62.45  ? 8  DT  A C6    1 
ATOM   145  P  P     . DA  A 1 9  ? 40.969  0.159   -1.062  1.00 68.79  ? 9  DA  A P     1 
ATOM   146  O  OP1   . DA  A 1 9  ? 40.952  -1.020  -1.972  1.00 68.73  ? 9  DA  A OP1   1 
ATOM   147  O  OP2   . DA  A 1 9  ? 41.656  0.078   0.263   1.00 67.63  ? 9  DA  A OP2   1 
ATOM   148  O  "O5'" . DA  A 1 9  ? 41.537  1.433   -1.879  1.00 66.16  ? 9  DA  A "O5'" 1 
ATOM   149  C  "C5'" . DA  A 1 9  ? 40.708  2.570   -2.095  1.00 64.59  ? 9  DA  A "C5'" 1 
ATOM   150  C  "C4'" . DA  A 1 9  ? 41.574  3.770   -2.405  1.00 63.24  ? 9  DA  A "C4'" 1 
ATOM   151  O  "O4'" . DA  A 1 9  ? 41.699  4.667   -1.264  1.00 61.77  ? 9  DA  A "O4'" 1 
ATOM   152  C  "C3'" . DA  A 1 9  ? 42.979  3.358   -2.725  1.00 62.65  ? 9  DA  A "C3'" 1 
ATOM   153  O  "O3'" . DA  A 1 9  ? 43.602  4.304   -3.597  1.00 63.55  ? 9  DA  A "O3'" 1 
ATOM   154  C  "C2'" . DA  A 1 9  ? 43.628  3.338   -1.357  1.00 62.05  ? 9  DA  A "C2'" 1 
ATOM   155  C  "C1'" . DA  A 1 9  ? 43.005  4.564   -0.720  1.00 61.18  ? 9  DA  A "C1'" 1 
ATOM   156  N  N9    . DA  A 1 9  ? 42.880  4.492   0.730   1.00 59.88  ? 9  DA  A N9    1 
ATOM   157  C  C8    . DA  A 1 9  ? 42.609  3.377   1.487   1.00 59.47  ? 9  DA  A C8    1 
ATOM   158  N  N7    . DA  A 1 9  ? 42.529  3.620   2.790   1.00 59.02  ? 9  DA  A N7    1 
ATOM   159  C  C5    . DA  A 1 9  ? 42.759  4.998   2.885   1.00 58.10  ? 9  DA  A C5    1 
ATOM   160  C  C6    . DA  A 1 9  ? 42.807  5.896   3.985   1.00 55.95  ? 9  DA  A C6    1 
ATOM   161  N  N6    . DA  A 1 9  ? 42.615  5.542   5.252   1.00 54.35  ? 9  DA  A N6    1 
ATOM   162  N  N1    . DA  A 1 9  ? 43.059  7.190   3.715   1.00 56.20  ? 9  DA  A N1    1 
ATOM   163  C  C2    . DA  A 1 9  ? 43.255  7.581   2.438   1.00 56.44  ? 9  DA  A C2    1 
ATOM   164  N  N3    . DA  A 1 9  ? 43.226  6.848   1.326   1.00 57.04  ? 9  DA  A N3    1 
ATOM   165  C  C4    . DA  A 1 9  ? 42.974  5.548   1.619   1.00 58.75  ? 9  DA  A C4    1 
ATOM   166  P  P     . DA  A 1 10 ? 45.128  4.093   -4.060  1.00 64.55  ? 10 DA  A P     1 
ATOM   167  O  OP1   . DA  A 1 10 ? 45.182  4.477   -5.496  1.00 63.07  ? 10 DA  A OP1   1 
ATOM   168  O  OP2   . DA  A 1 10 ? 45.608  2.749   -3.561  1.00 62.96  ? 10 DA  A OP2   1 
ATOM   169  O  "O5'" . DA  A 1 10 ? 45.927  5.209   -3.268  1.00 62.02  ? 10 DA  A "O5'" 1 
ATOM   170  C  "C5'" . DA  A 1 10 ? 45.423  6.481   -3.320  1.00 60.38  ? 10 DA  A "C5'" 1 
ATOM   171  C  "C4'" . DA  A 1 10 ? 46.134  7.337   -2.301  1.00 59.73  ? 10 DA  A "C4'" 1 
ATOM   172  O  "O4'" . DA  A 1 10 ? 45.737  6.954   -0.974  1.00 58.95  ? 10 DA  A "O4'" 1 
ATOM   173  C  "C3'" . DA  A 1 10 ? 47.652  7.197   -2.319  1.00 59.12  ? 10 DA  A "C3'" 1 
ATOM   174  O  "O3'" . DA  A 1 10 ? 48.218  8.359   -2.917  1.00 59.94  ? 10 DA  A "O3'" 1 
ATOM   175  C  "C2'" . DA  A 1 10 ? 48.058  7.079   -0.853  1.00 58.12  ? 10 DA  A "C2'" 1 
ATOM   176  C  "C1'" . DA  A 1 10 ? 46.761  7.345   -0.109  1.00 57.90  ? 10 DA  A "C1'" 1 
ATOM   177  N  N9    . DA  A 1 10 ? 46.597  6.591   1.126   1.00 56.81  ? 10 DA  A N9    1 
ATOM   178  C  C8    . DA  A 1 10 ? 46.487  5.231   1.259   1.00 56.24  ? 10 DA  A C8    1 
ATOM   179  N  N7    . DA  A 1 10 ? 46.320  4.835   2.509   1.00 55.60  ? 10 DA  A N7    1 
ATOM   180  C  C5    . DA  A 1 10 ? 46.323  6.024   3.233   1.00 54.75  ? 10 DA  A C5    1 
ATOM   181  C  C6    . DA  A 1 10 ? 46.185  6.312   4.607   1.00 53.76  ? 10 DA  A C6    1 
ATOM   182  N  N6    . DA  A 1 10 ? 46.017  5.387   5.553   1.00 52.06  ? 10 DA  A N6    1 
ATOM   183  N  N1    . DA  A 1 10 ? 46.243  7.610   4.979   1.00 54.24  ? 10 DA  A N1    1 
ATOM   184  C  C2    . DA  A 1 10 ? 46.405  8.560   4.047   1.00 54.83  ? 10 DA  A C2    1 
ATOM   185  N  N3    . DA  A 1 10 ? 46.534  8.416   2.736   1.00 55.06  ? 10 DA  A N3    1 
ATOM   186  C  C4    . DA  A 1 10 ? 46.486  7.113   2.392   1.00 55.55  ? 10 DA  A C4    1 
ATOM   187  P  P     . DC  A 1 11 ? 49.768  8.475   -3.330  1.00 59.92  ? 11 DC  A P     1 
ATOM   188  O  OP1   . DC  A 1 11 ? 49.793  9.361   -4.513  1.00 61.63  ? 11 DC  A OP1   1 
ATOM   189  O  OP2   . DC  A 1 11 ? 50.358  7.114   -3.417  1.00 60.83  ? 11 DC  A OP2   1 
ATOM   190  O  "O5'" . DC  A 1 11 ? 50.464  9.237   -2.097  1.00 58.47  ? 11 DC  A "O5'" 1 
ATOM   191  C  "C5'" . DC  A 1 11 ? 49.854  10.388  -1.576  1.00 56.99  ? 11 DC  A "C5'" 1 
ATOM   192  C  "C4'" . DC  A 1 11 ? 50.475  10.752  -0.247  1.00 56.45  ? 11 DC  A "C4'" 1 
ATOM   193  O  "O4'" . DC  A 1 11 ? 49.913  9.918   0.808   1.00 55.41  ? 11 DC  A "O4'" 1 
ATOM   194  C  "C3'" . DC  A 1 11 ? 51.986  10.543  -0.176  1.00 54.95  ? 11 DC  A "C3'" 1 
ATOM   195  O  "O3'" . DC  A 1 11 ? 52.592  11.613  0.550   1.00 55.34  ? 11 DC  A "O3'" 1 
ATOM   196  C  "C2'" . DC  A 1 11 ? 52.113  9.259   0.595   1.00 54.01  ? 11 DC  A "C2'" 1 
ATOM   197  C  "C1'" . DC  A 1 11 ? 50.969  9.390   1.574   1.00 53.69  ? 11 DC  A "C1'" 1 
ATOM   198  N  N1    . DC  A 1 11 ? 50.516  8.119   2.197   1.00 52.15  ? 11 DC  A N1    1 
ATOM   199  C  C2    . DC  A 1 11 ? 50.097  8.140   3.535   1.00 50.77  ? 11 DC  A C2    1 
ATOM   200  O  O2    . DC  A 1 11 ? 50.133  9.205   4.169   1.00 48.80  ? 11 DC  A O2    1 
ATOM   201  N  N3    . DC  A 1 11 ? 49.672  6.992   4.104   1.00 50.93  ? 11 DC  A N3    1 
ATOM   202  C  C4    . DC  A 1 11 ? 49.644  5.865   3.398   1.00 51.60  ? 11 DC  A C4    1 
ATOM   203  N  N4    . DC  A 1 11 ? 49.227  4.752   4.023   1.00 51.59  ? 11 DC  A N4    1 
ATOM   204  C  C5    . DC  A 1 11 ? 50.061  5.824   2.027   1.00 51.65  ? 11 DC  A C5    1 
ATOM   205  C  C6    . DC  A 1 11 ? 50.491  6.962   1.471   1.00 51.12  ? 11 DC  A C6    1 
ATOM   206  P  P     . DG  A 1 12 ? 54.071  12.176  0.257   1.00 55.76  ? 12 DG  A P     1 
ATOM   207  O  OP1   . DG  A 1 12 ? 54.142  13.563  0.784   1.00 55.22  ? 12 DG  A OP1   1 
ATOM   208  O  OP2   . DG  A 1 12 ? 54.418  11.898  -1.153  1.00 57.25  ? 12 DG  A OP2   1 
ATOM   209  O  "O5'" . DG  A 1 12 ? 54.985  11.248  1.181   1.00 56.02  ? 12 DG  A "O5'" 1 
ATOM   210  C  "C5'" . DG  A 1 12 ? 54.607  11.011  2.538   1.00 55.84  ? 12 DG  A "C5'" 1 
ATOM   211  C  "C4'" . DG  A 1 12 ? 55.635  10.140  3.235   1.00 55.26  ? 12 DG  A "C4'" 1 
ATOM   212  O  "O4'" . DG  A 1 12 ? 55.422  8.761   2.837   1.00 54.32  ? 12 DG  A "O4'" 1 
ATOM   213  C  "C3'" . DG  A 1 12 ? 57.084  10.482  2.881   1.00 55.14  ? 12 DG  A "C3'" 1 
ATOM   214  O  "O3'" . DG  A 1 12 ? 57.771  11.060  3.974   1.00 54.10  ? 12 DG  A "O3'" 1 
ATOM   215  C  "C2'" . DG  A 1 12 ? 57.708  9.152   2.502   1.00 55.63  ? 12 DG  A "C2'" 1 
ATOM   216  C  "C1'" . DG  A 1 12 ? 56.537  8.299   2.104   1.00 55.03  ? 12 DG  A "C1'" 1 
ATOM   217  N  N9    . DG  A 1 12 ? 56.293  8.367   0.668   1.00 55.52  ? 12 DG  A N9    1 
ATOM   218  C  C8    . DG  A 1 12 ? 56.965  9.136   -0.244  1.00 55.09  ? 12 DG  A C8    1 
ATOM   219  N  N7    . DG  A 1 12 ? 56.536  8.982   -1.465  1.00 56.06  ? 12 DG  A N7    1 
ATOM   220  C  C5    . DG  A 1 12 ? 55.526  8.035   -1.360  1.00 57.15  ? 12 DG  A C5    1 
ATOM   221  C  C6    . DG  A 1 12 ? 54.696  7.456   -2.355  1.00 58.69  ? 12 DG  A C6    1 
ATOM   222  O  O6    . DG  A 1 12 ? 54.693  7.673   -3.584  1.00 58.91  ? 12 DG  A O6    1 
ATOM   223  N  N1    . DG  A 1 12 ? 53.793  6.539   -1.805  1.00 59.09  ? 12 DG  A N1    1 
ATOM   224  C  C2    . DG  A 1 12 ? 53.716  6.210   -0.468  1.00 59.33  ? 12 DG  A C2    1 
ATOM   225  N  N2    . DG  A 1 12 ? 52.779  5.304   -0.105  1.00 60.81  ? 12 DG  A N2    1 
ATOM   226  N  N3    . DG  A 1 12 ? 54.492  6.746   0.461   1.00 58.55  ? 12 DG  A N3    1 
ATOM   227  C  C4    . DG  A 1 12 ? 55.369  7.642   -0.053  1.00 57.06  ? 12 DG  A C4    1 
ATOM   228  P  P     . DG  B 1 2  ? 49.025  5.468   14.964  1.00 73.80  ? 2  DG  B P     1 
ATOM   229  O  OP1   . DG  B 1 2  ? 49.536  5.722   16.348  1.00 72.68  ? 2  DG  B OP1   1 
ATOM   230  O  OP2   . DG  B 1 2  ? 47.561  5.400   14.683  1.00 71.57  ? 2  DG  B OP2   1 
ATOM   231  O  "O5'" . DG  B 1 2  ? 49.650  6.574   13.974  1.00 71.14  ? 2  DG  B "O5'" 1 
ATOM   232  C  "C5'" . DG  B 1 2  ? 50.270  7.762   14.487  1.00 67.85  ? 2  DG  B "C5'" 1 
ATOM   233  C  "C4'" . DG  B 1 2  ? 49.761  9.015   13.787  1.00 65.61  ? 2  DG  B "C4'" 1 
ATOM   234  O  "O4'" . DG  B 1 2  ? 49.724  8.871   12.328  1.00 64.97  ? 2  DG  B "O4'" 1 
ATOM   235  C  "C3'" . DG  B 1 2  ? 48.361  9.393   14.173  1.00 63.56  ? 2  DG  B "C3'" 1 
ATOM   236  O  "O3'" . DG  B 1 2  ? 48.286  10.801  14.163  1.00 62.42  ? 2  DG  B "O3'" 1 
ATOM   237  C  "C2'" . DG  B 1 2  ? 47.511  8.692   13.099  1.00 62.45  ? 2  DG  B "C2'" 1 
ATOM   238  C  "C1'" . DG  B 1 2  ? 48.388  8.815   11.854  1.00 62.11  ? 2  DG  B "C1'" 1 
ATOM   239  N  N9    . DG  B 1 2  ? 48.370  7.706   10.906  1.00 59.72  ? 2  DG  B N9    1 
ATOM   240  C  C8    . DG  B 1 2  ? 48.244  6.344   11.145  1.00 59.67  ? 2  DG  B C8    1 
ATOM   241  N  N7    . DG  B 1 2  ? 48.347  5.612   10.068  1.00 58.39  ? 2  DG  B N7    1 
ATOM   242  C  C5    . DG  B 1 2  ? 48.578  6.538   9.061   1.00 57.21  ? 2  DG  B C5    1 
ATOM   243  C  C6    . DG  B 1 2  ? 48.766  6.349   7.673   1.00 55.68  ? 2  DG  B C6    1 
ATOM   244  O  O6    . DG  B 1 2  ? 48.766  5.281   7.041   1.00 54.11  ? 2  DG  B O6    1 
ATOM   245  N  N1    . DG  B 1 2  ? 48.976  7.573   7.012   1.00 54.63  ? 2  DG  B N1    1 
ATOM   246  C  C2    . DG  B 1 2  ? 48.992  8.824   7.616   1.00 54.14  ? 2  DG  B C2    1 
ATOM   247  N  N2    . DG  B 1 2  ? 49.201  9.887   6.817   1.00 52.32  ? 2  DG  B N2    1 
ATOM   248  N  N3    . DG  B 1 2  ? 48.817  9.010   8.923   1.00 55.22  ? 2  DG  B N3    1 
ATOM   249  C  C4    . DG  B 1 2  ? 48.615  7.830   9.572   1.00 57.71  ? 2  DG  B C4    1 
ATOM   250  P  P     . DT  B 1 3  ? 46.970  11.583  14.587  1.00 63.66  ? 3  DT  B P     1 
ATOM   251  O  OP1   . DT  B 1 3  ? 47.404  12.844  15.261  1.00 62.67  ? 3  DT  B OP1   1 
ATOM   252  O  OP2   . DT  B 1 3  ? 46.048  10.616  15.237  1.00 62.50  ? 3  DT  B OP2   1 
ATOM   253  O  "O5'" . DT  B 1 3  ? 46.338  12.017  13.197  1.00 62.14  ? 3  DT  B "O5'" 1 
ATOM   254  C  "C5'" . DT  B 1 3  ? 47.126  12.854  12.387  1.00 60.85  ? 3  DT  B "C5'" 1 
ATOM   255  C  "C4'" . DT  B 1 3  ? 46.601  12.845  10.980  1.00 59.52  ? 3  DT  B "C4'" 1 
ATOM   256  O  "O4'" . DT  B 1 3  ? 46.675  11.517  10.403  1.00 58.37  ? 3  DT  B "O4'" 1 
ATOM   257  C  "C3'" . DT  B 1 3  ? 45.133  13.232  10.911  1.00 58.70  ? 3  DT  B "C3'" 1 
ATOM   258  O  "O3'" . DT  B 1 3  ? 45.036  14.545  10.394  1.00 60.39  ? 3  DT  B "O3'" 1 
ATOM   259  C  "C2'" . DT  B 1 3  ? 44.471  12.161  10.017  1.00 56.98  ? 3  DT  B "C2'" 1 
ATOM   260  C  "C1'" . DT  B 1 3  ? 45.663  11.444  9.426   1.00 55.63  ? 3  DT  B "C1'" 1 
ATOM   261  N  N1    . DT  B 1 3  ? 45.478  10.046  9.111   1.00 52.99  ? 3  DT  B N1    1 
ATOM   262  C  C2    . DT  B 1 3  ? 45.689  9.684   7.810   1.00 52.82  ? 3  DT  B C2    1 
ATOM   263  O  O2    . DT  B 1 3  ? 45.950  10.485  6.925   1.00 51.07  ? 3  DT  B O2    1 
ATOM   264  N  N3    . DT  B 1 3  ? 45.554  8.341   7.570   1.00 52.97  ? 3  DT  B N3    1 
ATOM   265  C  C4    . DT  B 1 3  ? 45.247  7.348   8.477   1.00 51.65  ? 3  DT  B C4    1 
ATOM   266  O  O4    . DT  B 1 3  ? 45.155  6.166   8.140   1.00 49.92  ? 3  DT  B O4    1 
ATOM   267  C  C5    . DT  B 1 3  ? 45.053  7.795   9.834   1.00 50.95  ? 3  DT  B C5    1 
ATOM   268  C  C7    . DT  B 1 3  ? 44.719  6.784   10.874  1.00 50.20  ? 3  DT  B C7    1 
ATOM   269  C  C6    . DT  B 1 3  ? 45.184  9.119   10.099  1.00 51.71  ? 3  DT  B C6    1 
ATOM   270  P  P     . DT  B 1 4  ? 43.604  15.168  10.109  1.00 62.78  ? 4  DT  B P     1 
ATOM   271  O  OP1   . DT  B 1 4  ? 43.655  16.639  10.420  1.00 60.93  ? 4  DT  B OP1   1 
ATOM   272  O  OP2   . DT  B 1 4  ? 42.594  14.265  10.757  1.00 62.06  ? 4  DT  B OP2   1 
ATOM   273  O  "O5'" . DT  B 1 4  ? 43.523  14.977  8.525   1.00 61.44  ? 4  DT  B "O5'" 1 
ATOM   274  C  "C5'" . DT  B 1 4  ? 44.486  15.627  7.734   1.00 59.75  ? 4  DT  B "C5'" 1 
ATOM   275  C  "C4'" . DT  B 1 4  ? 44.422  15.135  6.320   1.00 59.52  ? 4  DT  B "C4'" 1 
ATOM   276  O  "O4'" . DT  B 1 4  ? 44.407  13.686  6.297   1.00 58.09  ? 4  DT  B "O4'" 1 
ATOM   277  C  "C3'" . DT  B 1 4  ? 43.175  15.585  5.562   1.00 59.39  ? 4  DT  B "C3'" 1 
ATOM   278  O  "O3'" . DT  B 1 4  ? 43.600  16.158  4.331   1.00 61.09  ? 4  DT  B "O3'" 1 
ATOM   279  C  "C2'" . DT  B 1 4  ? 42.354  14.301  5.385   1.00 57.91  ? 4  DT  B "C2'" 1 
ATOM   280  C  "C1'" . DT  B 1 4  ? 43.437  13.247  5.360   1.00 57.26  ? 4  DT  B "C1'" 1 
ATOM   281  N  N1    . DT  B 1 4  ? 43.049  11.882  5.751   1.00 56.21  ? 4  DT  B N1    1 
ATOM   282  C  C2    . DT  B 1 4  ? 43.431  10.884  4.913   1.00 55.35  ? 4  DT  B C2    1 
ATOM   283  O  O2    . DT  B 1 4  ? 44.006  11.101  3.850   1.00 54.93  ? 4  DT  B O2    1 
ATOM   284  N  N3    . DT  B 1 4  ? 43.101  9.629   5.339   1.00 54.13  ? 4  DT  B N3    1 
ATOM   285  C  C4    . DT  B 1 4  ? 42.459  9.280   6.506   1.00 53.88  ? 4  DT  B C4    1 
ATOM   286  O  O4    . DT  B 1 4  ? 42.213  8.108   6.799   1.00 53.33  ? 4  DT  B O4    1 
ATOM   287  C  C5    . DT  B 1 4  ? 42.098  10.382  7.358   1.00 53.59  ? 4  DT  B C5    1 
ATOM   288  C  C7    . DT  B 1 4  ? 41.398  10.098  8.639   1.00 52.72  ? 4  DT  B C7    1 
ATOM   289  C  C6    . DT  B 1 4  ? 42.412  11.626  6.957   1.00 54.89  ? 4  DT  B C6    1 
ATOM   290  P  P     . DA  B 1 5  ? 42.603  16.483  3.125   1.00 62.75  ? 5  DA  B P     1 
ATOM   291  O  OP1   . DA  B 1 5  ? 43.231  17.600  2.372   1.00 62.75  ? 5  DA  B OP1   1 
ATOM   292  O  OP2   . DA  B 1 5  ? 41.235  16.631  3.681   1.00 62.42  ? 5  DA  B OP2   1 
ATOM   293  O  "O5'" . DA  B 1 5  ? 42.658  15.156  2.192   1.00 62.90  ? 5  DA  B "O5'" 1 
ATOM   294  C  "C5'" . DA  B 1 5  ? 43.922  14.719  1.674   1.00 62.36  ? 5  DA  B "C5'" 1 
ATOM   295  C  "C4'" . DA  B 1 5  ? 43.755  13.842  0.445   1.00 62.79  ? 5  DA  B "C4'" 1 
ATOM   296  O  "O4'" . DA  B 1 5  ? 43.330  12.499  0.799   1.00 63.05  ? 5  DA  B "O4'" 1 
ATOM   297  C  "C3'" . DA  B 1 5  ? 42.700  14.322  -0.519  1.00 63.15  ? 5  DA  B "C3'" 1 
ATOM   298  O  "O3'" . DA  B 1 5  ? 43.012  13.903  -1.846  1.00 63.93  ? 5  DA  B "O3'" 1 
ATOM   299  C  "C2'" . DA  B 1 5  ? 41.443  13.642  -0.031  1.00 62.78  ? 5  DA  B "C2'" 1 
ATOM   300  C  "C1'" . DA  B 1 5  ? 41.961  12.308  0.455   1.00 62.13  ? 5  DA  B "C1'" 1 
ATOM   301  N  N9    . DA  B 1 5  ? 41.288  11.843  1.648   1.00 61.42  ? 5  DA  B N9    1 
ATOM   302  C  C8    . DA  B 1 5  ? 40.987  12.581  2.761   1.00 60.86  ? 5  DA  B C8    1 
ATOM   303  N  N7    . DA  B 1 5  ? 40.412  11.887  3.716   1.00 60.37  ? 5  DA  B N7    1 
ATOM   304  C  C5    . DA  B 1 5  ? 40.341  10.608  3.192   1.00 59.59  ? 5  DA  B C5    1 
ATOM   305  C  C6    . DA  B 1 5  ? 39.842  9.408   3.704   1.00 58.33  ? 5  DA  B C6    1 
ATOM   306  N  N6    . DA  B 1 5  ? 39.286  9.305   4.903   1.00 57.67  ? 5  DA  B N6    1 
ATOM   307  N  N1    . DA  B 1 5  ? 39.929  8.314   2.921   1.00 58.20  ? 5  DA  B N1    1 
ATOM   308  C  C2    . DA  B 1 5  ? 40.476  8.420   1.707   1.00 58.31  ? 5  DA  B C2    1 
ATOM   309  N  N3    . DA  B 1 5  ? 40.997  9.490   1.122   1.00 59.64  ? 5  DA  B N3    1 
ATOM   310  C  C4    . DA  B 1 5  ? 40.887  10.563  1.922   1.00 60.46  ? 5  DA  B C4    1 
ATOM   311  P  P     . DA  B 1 6  ? 42.004  14.171  -3.058  1.00 65.36  ? 6  DA  B P     1 
ATOM   312  O  OP1   . DA  B 1 6  ? 42.842  14.292  -4.284  1.00 64.88  ? 6  DA  B OP1   1 
ATOM   313  O  OP2   . DA  B 1 6  ? 41.059  15.262  -2.653  1.00 64.52  ? 6  DA  B OP2   1 
ATOM   314  O  "O5'" . DA  B 1 6  ? 41.183  12.797  -3.159  1.00 63.88  ? 6  DA  B "O5'" 1 
ATOM   315  C  "C5'" . DA  B 1 6  ? 41.939  11.619  -3.192  1.00 62.77  ? 6  DA  B "C5'" 1 
ATOM   316  C  "C4'" . DA  B 1 6  ? 41.062  10.449  -3.533  1.00 62.36  ? 6  DA  B "C4'" 1 
ATOM   317  O  "O4'" . DA  B 1 6  ? 40.391  9.893   -2.350  1.00 61.44  ? 6  DA  B "O4'" 1 
ATOM   318  C  "C3'" . DA  B 1 6  ? 39.968  10.853  -4.502  1.00 61.53  ? 6  DA  B "C3'" 1 
ATOM   319  O  "O3'" . DA  B 1 6  ? 39.832  9.834   -5.513  1.00 63.40  ? 6  DA  B "O3'" 1 
ATOM   320  C  "C2'" . DA  B 1 6  ? 38.741  11.023  -3.604  1.00 60.37  ? 6  DA  B "C2'" 1 
ATOM   321  C  "C1'" . DA  B 1 6  ? 38.981  9.992   -2.504  1.00 59.90  ? 6  DA  B "C1'" 1 
ATOM   322  N  N9    . DA  B 1 6  ? 38.402  10.359  -1.221  1.00 57.18  ? 6  DA  B N9    1 
ATOM   323  C  C8    . DA  B 1 6  ? 38.206  11.613  -0.718  1.00 56.47  ? 6  DA  B C8    1 
ATOM   324  N  N7    . DA  B 1 6  ? 37.685  11.618  0.491   1.00 54.82  ? 6  DA  B N7    1 
ATOM   325  C  C5    . DA  B 1 6  ? 37.528  10.270  0.785   1.00 53.83  ? 6  DA  B C5    1 
ATOM   326  C  C6    . DA  B 1 6  ? 37.007  9.571   1.907   1.00 52.91  ? 6  DA  B C6    1 
ATOM   327  N  N6    . DA  B 1 6  ? 36.535  10.166  3.014   1.00 51.08  ? 6  DA  B N6    1 
ATOM   328  N  N1    . DA  B 1 6  ? 37.004  8.222   1.849   1.00 51.93  ? 6  DA  B N1    1 
ATOM   329  C  C2    . DA  B 1 6  ? 37.487  7.617   0.762   1.00 52.81  ? 6  DA  B C2    1 
ATOM   330  N  N3    . DA  B 1 6  ? 37.988  8.163   -0.347  1.00 54.05  ? 6  DA  B N3    1 
ATOM   331  C  C4    . DA  B 1 6  ? 37.967  9.494   -0.269  1.00 54.76  ? 6  DA  B C4    1 
ATOM   332  P  P     . DT  B 1 7  ? 38.474  9.609   -6.312  1.00 66.01  ? 7  DT  B P     1 
ATOM   333  O  OP1   . DT  B 1 7  ? 38.847  8.924   -7.580  1.00 64.96  ? 7  DT  B OP1   1 
ATOM   334  O  OP2   . DT  B 1 7  ? 37.765  10.921  -6.329  1.00 65.93  ? 7  DT  B OP2   1 
ATOM   335  O  "O5'" . DT  B 1 7  ? 37.626  8.569   -5.398  1.00 64.51  ? 7  DT  B "O5'" 1 
ATOM   336  C  "C5'" . DT  B 1 7  ? 38.227  7.350   -5.056  1.00 64.67  ? 7  DT  B "C5'" 1 
ATOM   337  C  "C4'" . DT  B 1 7  ? 37.222  6.367   -4.515  1.00 65.84  ? 7  DT  B "C4'" 1 
ATOM   338  O  "O4'" . DT  B 1 7  ? 36.791  6.737   -3.176  1.00 65.15  ? 7  DT  B "O4'" 1 
ATOM   339  C  "C3'" . DT  B 1 7  ? 35.962  6.278   -5.359  1.00 67.37  ? 7  DT  B "C3'" 1 
ATOM   340  O  "O3'" . DT  B 1 7  ? 35.667  4.869   -5.638  1.00 70.55  ? 7  DT  B "O3'" 1 
ATOM   341  C  "C2'" . DT  B 1 7  ? 34.896  6.984   -4.508  1.00 65.70  ? 7  DT  B "C2'" 1 
ATOM   342  C  "C1'" . DT  B 1 7  ? 35.379  6.718   -3.100  1.00 63.82  ? 7  DT  B "C1'" 1 
ATOM   343  N  N1    . DT  B 1 7  ? 34.975  7.744   -2.119  1.00 61.34  ? 7  DT  B N1    1 
ATOM   344  C  C2    . DT  B 1 7  ? 34.479  7.349   -0.886  1.00 60.72  ? 7  DT  B C2    1 
ATOM   345  O  O2    . DT  B 1 7  ? 34.311  6.176   -0.546  1.00 59.06  ? 7  DT  B O2    1 
ATOM   346  N  N3    . DT  B 1 7  ? 34.171  8.399   -0.059  1.00 60.36  ? 7  DT  B N3    1 
ATOM   347  C  C4    . DT  B 1 7  ? 34.298  9.753   -0.320  1.00 59.98  ? 7  DT  B C4    1 
ATOM   348  O  O4    . DT  B 1 7  ? 33.997  10.602  0.517   1.00 59.90  ? 7  DT  B O4    1 
ATOM   349  C  C5    . DT  B 1 7  ? 34.836  10.093  -1.619  1.00 59.56  ? 7  DT  B C5    1 
ATOM   350  C  C7    . DT  B 1 7  ? 35.034  11.530  -2.010  1.00 59.26  ? 7  DT  B C7    1 
ATOM   351  C  C6    . DT  B 1 7  ? 35.145  9.080   -2.446  1.00 60.25  ? 7  DT  B C6    1 
ATOM   352  P  P     . DT  B 1 8  ? 34.362  4.470   -6.464  1.00 72.41  ? 8  DT  B P     1 
ATOM   353  O  OP1   . DT  B 1 8  ? 34.685  3.281   -7.314  1.00 71.82  ? 8  DT  B OP1   1 
ATOM   354  O  OP2   . DT  B 1 8  ? 33.876  5.756   -7.076  1.00 70.69  ? 8  DT  B OP2   1 
ATOM   355  O  "O5'" . DT  B 1 8  ? 33.371  3.991   -5.286  1.00 70.48  ? 8  DT  B "O5'" 1 
ATOM   356  C  "C5'" . DT  B 1 8  ? 33.940  3.213   -4.218  1.00 70.03  ? 8  DT  B "C5'" 1 
ATOM   357  C  "C4'" . DT  B 1 8  ? 32.926  2.861   -3.152  1.00 69.73  ? 8  DT  B "C4'" 1 
ATOM   358  O  "O4'" . DT  B 1 8  ? 32.701  4.004   -2.255  1.00 69.86  ? 8  DT  B "O4'" 1 
ATOM   359  C  "C3'" . DT  B 1 8  ? 31.555  2.497   -3.702  1.00 68.61  ? 8  DT  B "C3'" 1 
ATOM   360  O  "O3'" . DT  B 1 8  ? 30.970  1.451   -2.898  1.00 68.30  ? 8  DT  B "O3'" 1 
ATOM   361  C  "C2'" . DT  B 1 8  ? 30.803  3.829   -3.622  1.00 67.46  ? 8  DT  B "C2'" 1 
ATOM   362  C  "C1'" . DT  B 1 8  ? 31.325  4.353   -2.286  1.00 67.34  ? 8  DT  B "C1'" 1 
ATOM   363  N  N1    . DT  B 1 8  ? 31.195  5.804   -2.046  1.00 64.07  ? 8  DT  B N1    1 
ATOM   364  C  C2    . DT  B 1 8  ? 30.828  6.159   -0.793  1.00 62.00  ? 8  DT  B C2    1 
ATOM   365  O  O2    . DT  B 1 8  ? 30.600  5.328   0.072   1.00 61.03  ? 8  DT  B O2    1 
ATOM   366  N  N3    . DT  B 1 8  ? 30.722  7.509   -0.589  1.00 60.89  ? 8  DT  B N3    1 
ATOM   367  C  C4    . DT  B 1 8  ? 30.956  8.518   -1.498  1.00 60.97  ? 8  DT  B C4    1 
ATOM   368  O  O4    . DT  B 1 8  ? 30.835  9.703   -1.185  1.00 59.41  ? 8  DT  B O4    1 
ATOM   369  C  C5    . DT  B 1 8  ? 31.354  8.070   -2.829  1.00 62.04  ? 8  DT  B C5    1 
ATOM   370  C  C7    . DT  B 1 8  ? 31.648  9.057   -3.930  1.00 61.54  ? 8  DT  B C7    1 
ATOM   371  C  C6    . DT  B 1 8  ? 31.458  6.742   -3.035  1.00 62.92  ? 8  DT  B C6    1 
ATOM   372  P  P     . DA  B 1 9  ? 29.474  0.970   -3.185  1.00 68.57  ? 9  DA  B P     1 
ATOM   373  O  OP1   . DA  B 1 9  ? 29.533  -0.441  -3.652  1.00 68.17  ? 9  DA  B OP1   1 
ATOM   374  O  OP2   . DA  B 1 9  ? 28.850  2.035   -4.032  1.00 66.67  ? 9  DA  B OP2   1 
ATOM   375  O  "O5'" . DA  B 1 9  ? 28.772  0.979   -1.736  1.00 65.46  ? 9  DA  B "O5'" 1 
ATOM   376  C  "C5'" . DA  B 1 9  ? 29.543  1.117   -0.557  1.00 63.06  ? 9  DA  B "C5'" 1 
ATOM   377  C  "C4'" . DA  B 1 9  ? 28.635  1.428   0.617   1.00 61.71  ? 9  DA  B "C4'" 1 
ATOM   378  O  "O4'" . DA  B 1 9  ? 28.494  2.864   0.818   1.00 59.52  ? 9  DA  B "O4'" 1 
ATOM   379  C  "C3'" . DA  B 1 9  ? 27.226  0.907   0.413   1.00 60.79  ? 9  DA  B "C3'" 1 
ATOM   380  O  "O3'" . DA  B 1 9  ? 26.650  0.489   1.652   1.00 61.86  ? 9  DA  B "O3'" 1 
ATOM   381  C  "C2'" . DA  B 1 9  ? 26.497  2.101   -0.191  1.00 59.71  ? 9  DA  B "C2'" 1 
ATOM   382  C  "C1'" . DA  B 1 9  ? 27.159  3.270   0.520   1.00 58.56  ? 9  DA  B "C1'" 1 
ATOM   383  N  N9    . DA  B 1 9  ? 27.245  4.497   -0.262  1.00 56.83  ? 9  DA  B N9    1 
ATOM   384  C  C8    . DA  B 1 9  ? 27.555  4.630   -1.595  1.00 55.94  ? 9  DA  B C8    1 
ATOM   385  N  N7    . DA  B 1 9  ? 27.591  5.886   -2.013  1.00 55.24  ? 9  DA  B N7    1 
ATOM   386  C  C5    . DA  B 1 9  ? 27.296  6.628   -0.866  1.00 55.33  ? 9  DA  B C5    1 
ATOM   387  C  C6    . DA  B 1 9  ? 27.176  8.029   -0.615  1.00 53.81  ? 9  DA  B C6    1 
ATOM   388  N  N6    . DA  B 1 9  ? 27.353  8.973   -1.534  1.00 51.87  ? 9  DA  B N6    1 
ATOM   389  N  N1    . DA  B 1 9  ? 26.859  8.408   0.641   1.00 53.87  ? 9  DA  B N1    1 
ATOM   390  C  C2    . DA  B 1 9  ? 26.672  7.464   1.592   1.00 54.86  ? 9  DA  B C2    1 
ATOM   391  N  N3    . DA  B 1 9  ? 26.774  6.132   1.490   1.00 54.81  ? 9  DA  B N3    1 
ATOM   392  C  C4    . DA  B 1 9  ? 27.084  5.776   0.222   1.00 56.04  ? 9  DA  B C4    1 
ATOM   393  P  P     . DA  B 1 10 ? 25.163  -0.123  1.706   1.00 62.58  ? 10 DA  B P     1 
ATOM   394  O  OP1   . DA  B 1 10 ? 25.218  -1.277  2.639   1.00 62.87  ? 10 DA  B OP1   1 
ATOM   395  O  OP2   . DA  B 1 10 ? 24.675  -0.287  0.301   1.00 62.40  ? 10 DA  B OP2   1 
ATOM   396  O  "O5'" . DA  B 1 10 ? 24.281  1.025   2.391   1.00 60.75  ? 10 DA  B "O5'" 1 
ATOM   397  C  "C5'" . DA  B 1 10 ? 24.863  1.846   3.381   1.00 59.76  ? 10 DA  B "C5'" 1 
ATOM   398  C  "C4'" . DA  B 1 10 ? 23.992  3.057   3.653   1.00 58.66  ? 10 DA  B "C4'" 1 
ATOM   399  O  "O4'" . DA  B 1 10 ? 24.337  4.115   2.733   1.00 57.53  ? 10 DA  B "O4'" 1 
ATOM   400  C  "C3'" . DA  B 1 10 ? 22.494  2.806   3.472   1.00 57.94  ? 10 DA  B "C3'" 1 
ATOM   401  O  "O3'" . DA  B 1 10 ? 21.803  2.916   4.731   1.00 58.58  ? 10 DA  B "O3'" 1 
ATOM   402  C  "C2'" . DA  B 1 10 ? 22.044  3.875   2.478   1.00 57.21  ? 10 DA  B "C2'" 1 
ATOM   403  C  "C1'" . DA  B 1 10 ? 23.188  4.870   2.489   1.00 56.59  ? 10 DA  B "C1'" 1 
ATOM   404  N  N9    . DA  B 1 10 ? 23.386  5.586   1.234   1.00 54.95  ? 10 DA  B N9    1 
ATOM   405  C  C8    . DA  B 1 10 ? 23.506  5.051   -0.014  1.00 53.99  ? 10 DA  B C8    1 
ATOM   406  N  N7    . DA  B 1 10 ? 23.698  5.951   -0.958  1.00 53.08  ? 10 DA  B N7    1 
ATOM   407  C  C5    . DA  B 1 10 ? 23.699  7.154   -0.270  1.00 53.21  ? 10 DA  B C5    1 
ATOM   408  C  C6    . DA  B 1 10 ? 23.859  8.500   -0.677  1.00 53.54  ? 10 DA  B C6    1 
ATOM   409  N  N6    . DA  B 1 10 ? 24.050  8.893   -1.946  1.00 50.94  ? 10 DA  B N6    1 
ATOM   410  N  N1    . DA  B 1 10 ? 23.810  9.447   0.290   1.00 54.14  ? 10 DA  B N1    1 
ATOM   411  C  C2    . DA  B 1 10 ? 23.623  9.084   1.564   1.00 53.84  ? 10 DA  B C2    1 
ATOM   412  N  N3    . DA  B 1 10 ? 23.477  7.866   2.062   1.00 53.55  ? 10 DA  B N3    1 
ATOM   413  C  C4    . DA  B 1 10 ? 23.521  6.941   1.086   1.00 53.88  ? 10 DA  B C4    1 
ATOM   414  P  P     . DC  B 1 11 ? 20.228  2.609   4.853   1.00 59.29  ? 11 DC  B P     1 
ATOM   415  O  OP1   . DC  B 1 11 ? 19.958  2.102   6.217   1.00 60.77  ? 11 DC  B OP1   1 
ATOM   416  O  OP2   . DC  B 1 11 ? 19.842  1.801   3.664   1.00 59.85  ? 11 DC  B OP2   1 
ATOM   417  O  "O5'" . DC  B 1 11 ? 19.553  4.053   4.748   1.00 57.97  ? 11 DC  B "O5'" 1 
ATOM   418  C  "C5'" . DC  B 1 11 ? 19.948  5.021   5.676   1.00 56.18  ? 11 DC  B "C5'" 1 
ATOM   419  C  "C4'" . DC  B 1 11 ? 19.297  6.326   5.338   1.00 55.69  ? 11 DC  B "C4'" 1 
ATOM   420  O  "O4'" . DC  B 1 11 ? 19.903  6.879   4.130   1.00 54.82  ? 11 DC  B "O4'" 1 
ATOM   421  C  "C3'" . DC  B 1 11 ? 17.815  6.198   5.032   1.00 54.25  ? 11 DC  B "C3'" 1 
ATOM   422  O  "O3'" . DC  B 1 11 ? 17.129  7.349   5.517   1.00 54.36  ? 11 DC  B "O3'" 1 
ATOM   423  C  "C2'" . DC  B 1 11 ? 17.810  6.143   3.518   1.00 53.93  ? 11 DC  B "C2'" 1 
ATOM   424  C  "C1'" . DC  B 1 11 ? 18.869  7.182   3.226   1.00 53.48  ? 11 DC  B "C1'" 1 
ATOM   425  N  N1    . DC  B 1 11 ? 19.401  7.168   1.854   1.00 51.73  ? 11 DC  B N1    1 
ATOM   426  C  C2    . DC  B 1 11 ? 19.724  8.391   1.270   1.00 51.21  ? 11 DC  B C2    1 
ATOM   427  O  O2    . DC  B 1 11 ? 19.549  9.423   1.925   1.00 51.68  ? 11 DC  B O2    1 
ATOM   428  N  N3    . DC  B 1 11 ? 20.207  8.411   0.016   1.00 49.81  ? 11 DC  B N3    1 
ATOM   429  C  C4    . DC  B 1 11 ? 20.379  7.279   -0.642  1.00 49.57  ? 11 DC  B C4    1 
ATOM   430  N  N4    . DC  B 1 11 ? 20.857  7.370   -1.886  1.00 48.93  ? 11 DC  B N4    1 
ATOM   431  C  C5    . DC  B 1 11 ? 20.057  6.005   -0.058  1.00 49.63  ? 11 DC  B C5    1 
ATOM   432  C  C6    . DC  B 1 11 ? 19.564  6.001   1.182   1.00 49.80  ? 11 DC  B C6    1 
ATOM   433  P  P     . DG  B 1 12 ? 15.666  7.270   6.174   1.00 55.42  ? 12 DG  B P     1 
ATOM   434  O  OP1   . DG  B 1 12 ? 15.625  8.266   7.274   1.00 55.30  ? 12 DG  B OP1   1 
ATOM   435  O  OP2   . DG  B 1 12 ? 15.372  5.846   6.455   1.00 54.84  ? 12 DG  B OP2   1 
ATOM   436  O  "O5'" . DG  B 1 12 ? 14.688  7.771   4.982   1.00 56.06  ? 12 DG  B "O5'" 1 
ATOM   437  C  "C5'" . DG  B 1 12 ? 15.192  8.576   3.889   1.00 56.52  ? 12 DG  B "C5'" 1 
ATOM   438  C  "C4'" . DG  B 1 12 ? 14.195  8.658   2.741   1.00 56.78  ? 12 DG  B "C4'" 1 
ATOM   439  O  "O4'" . DG  B 1 12 ? 14.279  7.437   1.964   1.00 56.44  ? 12 DG  B "O4'" 1 
ATOM   440  C  "C3'" . DG  B 1 12 ? 12.731  8.817   3.178   1.00 57.22  ? 12 DG  B "C3'" 1 
ATOM   441  O  "O3'" . DG  B 1 12 ? 12.044  9.857   2.480   1.00 57.20  ? 12 DG  B "O3'" 1 
ATOM   442  C  "C2'" . DG  B 1 12 ? 12.071  7.513   2.846   1.00 57.46  ? 12 DG  B "C2'" 1 
ATOM   443  C  "C1'" . DG  B 1 12 ? 13.126  6.655   2.152   1.00 56.69  ? 12 DG  B "C1'" 1 
ATOM   444  N  N9    . DG  B 1 12 ? 13.483  5.437   2.882   1.00 57.10  ? 12 DG  B N9    1 
ATOM   445  C  C8    . DG  B 1 12 ? 12.881  4.898   4.001   1.00 58.22  ? 12 DG  B C8    1 
ATOM   446  N  N7    . DG  B 1 12 ? 13.417  3.779   4.393   1.00 59.13  ? 12 DG  B N7    1 
ATOM   447  C  C5    . DG  B 1 12 ? 14.431  3.552   3.483   1.00 58.73  ? 12 DG  B C5    1 
ATOM   448  C  C6    . DG  B 1 12 ? 15.353  2.480   3.404   1.00 59.98  ? 12 DG  B C6    1 
ATOM   449  O  O6    . DG  B 1 12 ? 15.452  1.481   4.155   1.00 59.51  ? 12 DG  B O6    1 
ATOM   450  N  N1    . DG  B 1 12 ? 16.223  2.642   2.315   1.00 60.73  ? 12 DG  B N1    1 
ATOM   451  C  C2    . DG  B 1 12 ? 16.188  3.698   1.420   1.00 60.00  ? 12 DG  B C2    1 
ATOM   452  N  N2    . DG  B 1 12 ? 17.095  3.681   0.422   1.00 60.24  ? 12 DG  B N2    1 
ATOM   453  N  N3    . DG  B 1 12 ? 15.321  4.703   1.496   1.00 59.08  ? 12 DG  B N3    1 
ATOM   454  C  C4    . DG  B 1 12 ? 14.479  4.561   2.543   1.00 58.09  ? 12 DG  B C4    1 
ATOM   455  P  P     . DG  C 1 2  ? 4.489   -2.293  24.677  1.00 73.63  ? 2  DG  C P     1 
ATOM   456  O  OP1   . DG  C 1 2  ? 5.106   -2.977  25.844  1.00 74.25  ? 2  DG  C OP1   1 
ATOM   457  O  OP2   . DG  C 1 2  ? 3.010   -2.388  24.422  1.00 71.58  ? 2  DG  C OP2   1 
ATOM   458  O  "O5'" . DG  C 1 2  ? 4.905   -0.751  24.720  1.00 69.94  ? 2  DG  C "O5'" 1 
ATOM   459  C  "C5'" . DG  C 1 2  ? 5.452   -0.132  23.557  1.00 68.08  ? 2  DG  C "C5'" 1 
ATOM   460  C  "C4'" . DG  C 1 2  ? 4.936   1.276   23.395  1.00 65.84  ? 2  DG  C "C4'" 1 
ATOM   461  O  "O4'" . DG  C 1 2  ? 4.597   1.508   22.000  1.00 65.07  ? 2  DG  C "O4'" 1 
ATOM   462  C  "C3'" . DG  C 1 2  ? 3.651   1.542   24.142  1.00 64.71  ? 2  DG  C "C3'" 1 
ATOM   463  O  "O3'" . DG  C 1 2  ? 3.485   2.975   24.359  1.00 63.37  ? 2  DG  C "O3'" 1 
ATOM   464  C  "C2'" . DG  C 1 2  ? 2.652   0.882   23.190  1.00 63.87  ? 2  DG  C "C2'" 1 
ATOM   465  C  "C1'" . DG  C 1 2  ? 3.239   1.178   21.813  1.00 63.51  ? 2  DG  C "C1'" 1 
ATOM   466  N  N9    . DG  C 1 2  ? 3.234   0.052   20.908  1.00 62.31  ? 2  DG  C N9    1 
ATOM   467  C  C8    . DG  C 1 2  ? 3.078   -1.300  21.191  1.00 61.58  ? 2  DG  C C8    1 
ATOM   468  N  N7    . DG  C 1 2  ? 3.166   -2.058  20.127  1.00 59.75  ? 2  DG  C N7    1 
ATOM   469  C  C5    . DG  C 1 2  ? 3.400   -1.149  19.091  1.00 59.43  ? 2  DG  C C5    1 
ATOM   470  C  C6    . DG  C 1 2  ? 3.588   -1.362  17.710  1.00 59.25  ? 2  DG  C C6    1 
ATOM   471  O  O6    . DG  C 1 2  ? 3.584   -2.439  17.096  1.00 59.67  ? 2  DG  C O6    1 
ATOM   472  N  N1    . DG  C 1 2  ? 3.800   -0.157  17.022  1.00 58.48  ? 2  DG  C N1    1 
ATOM   473  C  C2    . DG  C 1 2  ? 3.839   1.102   17.599  1.00 57.79  ? 2  DG  C C2    1 
ATOM   474  N  N2    . DG  C 1 2  ? 4.045   2.150   16.781  1.00 54.78  ? 2  DG  C N2    1 
ATOM   475  N  N3    . DG  C 1 2  ? 3.676   1.312   18.897  1.00 59.12  ? 2  DG  C N3    1 
ATOM   476  C  C4    . DG  C 1 2  ? 3.462   0.147   19.572  1.00 60.58  ? 2  DG  C C4    1 
ATOM   477  P  P     . DT  C 1 3  ? 2.090   3.680   24.762  1.00 63.66  ? 3  DT  C P     1 
ATOM   478  O  OP1   . DT  C 1 3  ? 2.443   4.933   25.471  1.00 64.45  ? 3  DT  C OP1   1 
ATOM   479  O  OP2   . DT  C 1 3  ? 1.166   2.683   25.371  1.00 62.77  ? 3  DT  C OP2   1 
ATOM   480  O  "O5'" . DT  C 1 3  ? 1.505   4.112   23.355  1.00 63.35  ? 3  DT  C "O5'" 1 
ATOM   481  C  "C5'" . DT  C 1 3  ? 2.285   4.997   22.614  1.00 63.01  ? 3  DT  C "C5'" 1 
ATOM   482  C  "C4'" . DT  C 1 3  ? 1.661   5.162   21.272  1.00 63.16  ? 3  DT  C "C4'" 1 
ATOM   483  O  "O4'" . DT  C 1 3  ? 1.652   3.893   20.606  1.00 62.31  ? 3  DT  C "O4'" 1 
ATOM   484  C  "C3'" . DT  C 1 3  ? 0.208   5.588   21.347  1.00 63.86  ? 3  DT  C "C3'" 1 
ATOM   485  O  "O3'" . DT  C 1 3  ? 0.110   6.944   20.903  1.00 66.85  ? 3  DT  C "O3'" 1 
ATOM   486  C  "C2'" . DT  C 1 3  ? -0.538  4.576   20.453  1.00 62.77  ? 3  DT  C "C2'" 1 
ATOM   487  C  "C1'" . DT  C 1 3  ? 0.601   3.922   19.698  1.00 60.76  ? 3  DT  C "C1'" 1 
ATOM   488  N  N1    . DT  C 1 3  ? 0.406   2.543   19.328  1.00 57.76  ? 3  DT  C N1    1 
ATOM   489  C  C2    . DT  C 1 3  ? 0.595   2.199   18.027  1.00 56.79  ? 3  DT  C C2    1 
ATOM   490  O  O2    . DT  C 1 3  ? 0.859   3.014   17.164  1.00 55.42  ? 3  DT  C O2    1 
ATOM   491  N  N3    . DT  C 1 3  ? 0.452   0.863   17.776  1.00 56.25  ? 3  DT  C N3    1 
ATOM   492  C  C4    . DT  C 1 3  ? 0.166   -0.136  18.673  1.00 55.84  ? 3  DT  C C4    1 
ATOM   493  O  O4    . DT  C 1 3  ? 0.060   -1.303  18.306  1.00 55.58  ? 3  DT  C O4    1 
ATOM   494  C  C5    . DT  C 1 3  ? -0.011  0.300   20.050  1.00 56.43  ? 3  DT  C C5    1 
ATOM   495  C  C7    . DT  C 1 3  ? -0.331  -0.691  21.138  1.00 56.19  ? 3  DT  C C7    1 
ATOM   496  C  C6    . DT  C 1 3  ? 0.135   1.611   20.310  1.00 56.91  ? 3  DT  C C6    1 
ATOM   497  P  P     . DT  C 1 4  ? -1.310  7.675   20.736  1.00 70.17  ? 4  DT  C P     1 
ATOM   498  O  OP1   . DT  C 1 4  ? -1.105  9.122   21.053  1.00 69.98  ? 4  DT  C OP1   1 
ATOM   499  O  OP2   . DT  C 1 4  ? -2.353  6.860   21.446  1.00 70.27  ? 4  DT  C OP2   1 
ATOM   500  O  "O5'" . DT  C 1 4  ? -1.549  7.545   19.171  1.00 67.91  ? 4  DT  C "O5'" 1 
ATOM   501  C  "C5'" . DT  C 1 4  ? -0.634  8.208   18.344  1.00 65.97  ? 4  DT  C "C5'" 1 
ATOM   502  C  "C4'" . DT  C 1 4  ? -0.746  7.703   16.942  1.00 64.61  ? 4  DT  C "C4'" 1 
ATOM   503  O  "O4'" . DT  C 1 4  ? -0.841  6.262   16.957  1.00 63.23  ? 4  DT  C "O4'" 1 
ATOM   504  C  "C3'" . DT  C 1 4  ? -1.982  8.204   16.215  1.00 64.37  ? 4  DT  C "C3'" 1 
ATOM   505  O  "O3'" . DT  C 1 4  ? -1.554  8.810   14.989  1.00 66.59  ? 4  DT  C "O3'" 1 
ATOM   506  C  "C2'" . DT  C 1 4  ? -2.851  6.945   16.037  1.00 63.14  ? 4  DT  C "C2'" 1 
ATOM   507  C  "C1'" . DT  C 1 4  ? -1.793  5.869   16.002  1.00 62.21  ? 4  DT  C "C1'" 1 
ATOM   508  N  N1    . DT  C 1 4  ? -2.204  4.504   16.346  1.00 60.40  ? 4  DT  C N1    1 
ATOM   509  C  C2    . DT  C 1 4  ? -1.973  3.543   15.409  1.00 60.12  ? 4  DT  C C2    1 
ATOM   510  O  O2    . DT  C 1 4  ? -1.517  3.795   14.308  1.00 60.76  ? 4  DT  C O2    1 
ATOM   511  N  N3    . DT  C 1 4  ? -2.316  2.274   15.793  1.00 59.52  ? 4  DT  C N3    1 
ATOM   512  C  C4    . DT  C 1 4  ? -2.843  1.876   17.008  1.00 59.41  ? 4  DT  C C4    1 
ATOM   513  O  O4    . DT  C 1 4  ? -3.112  0.698   17.248  1.00 57.93  ? 4  DT  C O4    1 
ATOM   514  C  C5    . DT  C 1 4  ? -3.035  2.942   17.970  1.00 59.45  ? 4  DT  C C5    1 
ATOM   515  C  C7    . DT  C 1 4  ? -3.596  2.637   19.324  1.00 59.02  ? 4  DT  C C7    1 
ATOM   516  C  C6    . DT  C 1 4  ? -2.698  4.198   17.600  1.00 60.34  ? 4  DT  C C6    1 
ATOM   517  P  P     . DA  C 1 5  ? -2.588  9.240   13.851  1.00 70.10  ? 5  DA  C P     1 
ATOM   518  O  OP1   . DA  C 1 5  ? -2.006  10.381  13.090  1.00 69.61  ? 5  DA  C OP1   1 
ATOM   519  O  OP2   . DA  C 1 5  ? -3.924  9.356   14.494  1.00 70.89  ? 5  DA  C OP2   1 
ATOM   520  O  "O5'" . DA  C 1 5  ? -2.603  7.957   12.900  1.00 69.51  ? 5  DA  C "O5'" 1 
ATOM   521  C  "C5'" . DA  C 1 5  ? -1.380  7.524   12.410  1.00 69.75  ? 5  DA  C "C5'" 1 
ATOM   522  C  "C4'" . DA  C 1 5  ? -1.577  6.759   11.136  1.00 70.47  ? 5  DA  C "C4'" 1 
ATOM   523  O  "O4'" . DA  C 1 5  ? -2.054  5.414   11.413  1.00 70.18  ? 5  DA  C "O4'" 1 
ATOM   524  C  "C3'" . DA  C 1 5  ? -2.630  7.354   10.243  1.00 70.58  ? 5  DA  C "C3'" 1 
ATOM   525  O  "O3'" . DA  C 1 5  ? -2.341  6.944   8.876   1.00 71.26  ? 5  DA  C "O3'" 1 
ATOM   526  C  "C2'" . DA  C 1 5  ? -3.912  6.762   10.832  1.00 70.17  ? 5  DA  C "C2'" 1 
ATOM   527  C  "C1'" . DA  C 1 5  ? -3.451  5.345   11.156  1.00 69.96  ? 5  DA  C "C1'" 1 
ATOM   528  N  N9    . DA  C 1 5  ? -4.068  4.747   12.328  1.00 68.68  ? 5  DA  C N9    1 
ATOM   529  C  C8    . DA  C 1 5  ? -4.366  5.355   13.512  1.00 67.96  ? 5  DA  C C8    1 
ATOM   530  N  N7    . DA  C 1 5  ? -4.893  4.538   14.399  1.00 67.76  ? 5  DA  C N7    1 
ATOM   531  C  C5    . DA  C 1 5  ? -4.918  3.313   13.748  1.00 67.28  ? 5  DA  C C5    1 
ATOM   532  C  C6    . DA  C 1 5  ? -5.351  2.032   14.138  1.00 67.34  ? 5  DA  C C6    1 
ATOM   533  N  N6    . DA  C 1 5  ? -5.870  1.773   15.342  1.00 67.44  ? 5  DA  C N6    1 
ATOM   534  N  N1    . DA  C 1 5  ? -5.231  1.017   13.236  1.00 66.81  ? 5  DA  C N1    1 
ATOM   535  C  C2    . DA  C 1 5  ? -4.723  1.273   12.032  1.00 66.52  ? 5  DA  C C2    1 
ATOM   536  N  N3    . DA  C 1 5  ? -4.275  2.433   11.559  1.00 67.49  ? 5  DA  C N3    1 
ATOM   537  C  C4    . DA  C 1 5  ? -4.408  3.422   12.475  1.00 67.96  ? 5  DA  C C4    1 
ATOM   538  P  P     . DA  C 1 6  ? -3.373  7.147   7.655   1.00 72.44  ? 6  DA  C P     1 
ATOM   539  O  OP1   . DA  C 1 6  ? -2.579  7.225   6.396   1.00 71.42  ? 6  DA  C OP1   1 
ATOM   540  O  OP2   . DA  C 1 6  ? -4.329  8.222   8.058   1.00 70.92  ? 6  DA  C OP2   1 
ATOM   541  O  "O5'" . DA  C 1 6  ? -4.153  5.764   7.596   1.00 69.72  ? 6  DA  C "O5'" 1 
ATOM   542  C  "C5'" . DA  C 1 6  ? -3.386  4.616   7.443   1.00 67.56  ? 6  DA  C "C5'" 1 
ATOM   543  C  "C4'" . DA  C 1 6  ? -4.289  3.490   7.058   1.00 66.38  ? 6  DA  C "C4'" 1 
ATOM   544  O  "O4'" . DA  C 1 6  ? -4.907  2.928   8.250   1.00 64.25  ? 6  DA  C "O4'" 1 
ATOM   545  C  "C3'" . DA  C 1 6  ? -5.410  3.964   6.141   1.00 65.61  ? 6  DA  C "C3'" 1 
ATOM   546  O  "O3'" . DA  C 1 6  ? -5.479  3.131   4.945   1.00 66.38  ? 6  DA  C "O3'" 1 
ATOM   547  C  "C2'" . DA  C 1 6  ? -6.671  3.897   7.015   1.00 64.41  ? 6  DA  C "C2'" 1 
ATOM   548  C  "C1'" . DA  C 1 6  ? -6.307  2.895   8.101   1.00 62.62  ? 6  DA  C "C1'" 1 
ATOM   549  N  N9    . DA  C 1 6  ? -6.888  3.199   9.389   1.00 59.45  ? 6  DA  C N9    1 
ATOM   550  C  C8    . DA  C 1 6  ? -7.055  4.422   9.977   1.00 58.59  ? 6  DA  C C8    1 
ATOM   551  N  N7    . DA  C 1 6  ? -7.598  4.355   11.175  1.00 58.82  ? 6  DA  C N7    1 
ATOM   552  C  C5    . DA  C 1 6  ? -7.791  2.986   11.382  1.00 57.88  ? 6  DA  C C5    1 
ATOM   553  C  C6    . DA  C 1 6  ? -8.332  2.211   12.463  1.00 56.63  ? 6  DA  C C6    1 
ATOM   554  N  N6    . DA  C 1 6  ? -8.813  2.717   13.609  1.00 52.39  ? 6  DA  C N6    1 
ATOM   555  N  N1    . DA  C 1 6  ? -8.353  0.867   12.300  1.00 56.70  ? 6  DA  C N1    1 
ATOM   556  C  C2    . DA  C 1 6  ? -7.869  0.329   11.163  1.00 55.89  ? 6  DA  C C2    1 
ATOM   557  N  N3    . DA  C 1 6  ? -7.345  0.938   10.106  1.00 56.31  ? 6  DA  C N3    1 
ATOM   558  C  C4    . DA  C 1 6  ? -7.343  2.273   10.281  1.00 58.06  ? 6  DA  C C4    1 
ATOM   559  P  P     . DT  C 1 7  ? -6.860  2.925   4.149   1.00 67.87  ? 7  DT  C P     1 
ATOM   560  O  OP1   . DT  C 1 7  ? -6.515  2.509   2.766   1.00 68.02  ? 7  DT  C OP1   1 
ATOM   561  O  OP2   . DT  C 1 7  ? -7.681  4.135   4.437   1.00 66.85  ? 7  DT  C OP2   1 
ATOM   562  O  "O5'" . DT  C 1 7  ? -7.584  1.663   4.845   1.00 66.36  ? 7  DT  C "O5'" 1 
ATOM   563  C  "C5'" . DT  C 1 7  ? -6.896  0.460   4.916   1.00 65.14  ? 7  DT  C "C5'" 1 
ATOM   564  C  "C4'" . DT  C 1 7  ? -7.778  -0.554  5.561   1.00 64.44  ? 7  DT  C "C4'" 1 
ATOM   565  O  "O4'" . DT  C 1 7  ? -8.200  -0.093  6.876   1.00 63.74  ? 7  DT  C "O4'" 1 
ATOM   566  C  "C3'" . DT  C 1 7  ? -9.046  -0.760  4.769   1.00 64.99  ? 7  DT  C "C3'" 1 
ATOM   567  O  "O3'" . DT  C 1 7  ? -9.251  -2.189  4.560   1.00 67.39  ? 7  DT  C "O3'" 1 
ATOM   568  C  "C2'" . DT  C 1 7  ? -10.132 -0.092  5.626   1.00 63.85  ? 7  DT  C "C2'" 1 
ATOM   569  C  "C1'" . DT  C 1 7  ? -9.583  -0.311  7.013   1.00 62.10  ? 7  DT  C "C1'" 1 
ATOM   570  N  N1    . DT  C 1 7  ? -10.082 0.605   8.056   1.00 59.74  ? 7  DT  C N1    1 
ATOM   571  C  C2    . DT  C 1 7  ? -10.498 0.058   9.260   1.00 59.64  ? 7  DT  C C2    1 
ATOM   572  O  O2    . DT  C 1 7  ? -10.499 -1.148  9.485   1.00 59.00  ? 7  DT  C O2    1 
ATOM   573  N  N3    . DT  C 1 7  ? -10.918 0.979   10.202  1.00 59.18  ? 7  DT  C N3    1 
ATOM   574  C  C4    . DT  C 1 7  ? -10.949 2.362   10.075  1.00 58.72  ? 7  DT  C C4    1 
ATOM   575  O  O4    . DT  C 1 7  ? -11.344 3.088   11.007  1.00 56.68  ? 7  DT  C O4    1 
ATOM   576  C  C5    . DT  C 1 7  ? -10.478 2.871   8.772   1.00 57.81  ? 7  DT  C C5    1 
ATOM   577  C  C7    . DT  C 1 7  ? -10.450 4.340   8.484   1.00 56.68  ? 7  DT  C C7    1 
ATOM   578  C  C6    . DT  C 1 7  ? -10.060 1.974   7.844   1.00 58.36  ? 7  DT  C C6    1 
ATOM   579  P  P     . DT  C 1 8  ? -10.485 -2.758  3.701   1.00 68.89  ? 8  DT  C P     1 
ATOM   580  O  OP1   . DT  C 1 8  ? -9.984  -3.922  2.900   1.00 67.82  ? 8  DT  C OP1   1 
ATOM   581  O  OP2   . DT  C 1 8  ? -11.110 -1.570  3.037   1.00 66.72  ? 8  DT  C OP2   1 
ATOM   582  O  "O5'" . DT  C 1 8  ? -11.503 -3.320  4.828   1.00 68.50  ? 8  DT  C "O5'" 1 
ATOM   583  C  "C5'" . DT  C 1 8  ? -11.014 -4.150  5.904   1.00 67.40  ? 8  DT  C "C5'" 1 
ATOM   584  C  "C4'" . DT  C 1 8  ? -12.085 -4.363  6.952   1.00 66.35  ? 8  DT  C "C4'" 1 
ATOM   585  O  "O4'" . DT  C 1 8  ? -12.254 -3.152  7.732   1.00 65.41  ? 8  DT  C "O4'" 1 
ATOM   586  C  "C3'" . DT  C 1 8  ? -13.458 -4.690  6.372   1.00 66.50  ? 8  DT  C "C3'" 1 
ATOM   587  O  "O3'" . DT  C 1 8  ? -14.025 -5.863  7.045   1.00 67.05  ? 8  DT  C "O3'" 1 
ATOM   588  C  "C2'" . DT  C 1 8  ? -14.255 -3.402  6.607   1.00 65.83  ? 8  DT  C "C2'" 1 
ATOM   589  C  "C1'" . DT  C 1 8  ? -13.625 -2.905  7.884   1.00 64.96  ? 8  DT  C "C1'" 1 
ATOM   590  N  N1    . DT  C 1 8  ? -13.822 -1.471  8.182   1.00 63.71  ? 8  DT  C N1    1 
ATOM   591  C  C2    . DT  C 1 8  ? -14.264 -1.167  9.446   1.00 64.16  ? 8  DT  C C2    1 
ATOM   592  O  O2    . DT  C 1 8  ? -14.505 -2.024  10.287  1.00 64.20  ? 8  DT  C O2    1 
ATOM   593  N  N3    . DT  C 1 8  ? -14.415 0.175   9.689   1.00 64.19  ? 8  DT  C N3    1 
ATOM   594  C  C4    . DT  C 1 8  ? -14.172 1.218   8.811   1.00 63.78  ? 8  DT  C C4    1 
ATOM   595  O  O4    . DT  C 1 8  ? -14.341 2.391   9.125   1.00 62.65  ? 8  DT  C O4    1 
ATOM   596  C  C5    . DT  C 1 8  ? -13.710 0.831   7.496   1.00 63.51  ? 8  DT  C C5    1 
ATOM   597  C  C7    . DT  C 1 8  ? -13.422 1.899   6.485   1.00 63.38  ? 8  DT  C C7    1 
ATOM   598  C  C6    . DT  C 1 8  ? -13.549 -0.489  7.239   1.00 62.63  ? 8  DT  C C6    1 
ATOM   599  P  P     . DA  C 1 9  ? -15.509 -6.385  6.715   1.00 67.92  ? 9  DA  C P     1 
ATOM   600  O  OP1   . DA  C 1 9  ? -15.424 -7.810  6.319   1.00 67.74  ? 9  DA  C OP1   1 
ATOM   601  O  OP2   . DA  C 1 9  ? -16.124 -5.389  5.790   1.00 67.70  ? 9  DA  C OP2   1 
ATOM   602  O  "O5'" . DA  C 1 9  ? -16.249 -6.298  8.144   1.00 65.92  ? 9  DA  C "O5'" 1 
ATOM   603  C  "C5'" . DA  C 1 9  ? -15.459 -6.086  9.289   1.00 64.37  ? 9  DA  C "C5'" 1 
ATOM   604  C  "C4'" . DA  C 1 9  ? -16.346 -5.868  10.479  1.00 63.62  ? 9  DA  C "C4'" 1 
ATOM   605  O  "O4'" . DA  C 1 9  ? -16.511 -4.447  10.724  1.00 63.46  ? 9  DA  C "O4'" 1 
ATOM   606  C  "C3'" . DA  C 1 9  ? -17.733 -6.414  10.249  1.00 62.06  ? 9  DA  C "C3'" 1 
ATOM   607  O  "O3'" . DA  C 1 9  ? -18.337 -6.839  11.466  1.00 60.86  ? 9  DA  C "O3'" 1 
ATOM   608  C  "C2'" . DA  C 1 9  ? -18.464 -5.235  9.670   1.00 62.08  ? 9  DA  C "C2'" 1 
ATOM   609  C  "C1'" . DA  C 1 9  ? -17.839 -4.067  10.417  1.00 62.16  ? 9  DA  C "C1'" 1 
ATOM   610  N  N9    . DA  C 1 9  ? -17.773 -2.823  9.662   1.00 61.40  ? 9  DA  C N9    1 
ATOM   611  C  C8    . DA  C 1 9  ? -17.426 -2.669  8.347   1.00 61.15  ? 9  DA  C C8    1 
ATOM   612  N  N7    . DA  C 1 9  ? -17.427 -1.405  7.949   1.00 61.88  ? 9  DA  C N7    1 
ATOM   613  C  C5    . DA  C 1 9  ? -17.795 -0.688  9.093   1.00 60.39  ? 9  DA  C C5    1 
ATOM   614  C  C6    . DA  C 1 9  ? -17.993 0.695   9.354   1.00 59.10  ? 9  DA  C C6    1 
ATOM   615  N  N6    . DA  C 1 9  ? -17.837 1.653   8.449   1.00 58.30  ? 9  DA  C N6    1 
ATOM   616  N  N1    . DA  C 1 9  ? -18.357 1.053   10.597  1.00 59.53  ? 9  DA  C N1    1 
ATOM   617  C  C2    . DA  C 1 9  ? -18.523 0.103   11.525  1.00 60.07  ? 9  DA  C C2    1 
ATOM   618  N  N3    . DA  C 1 9  ? -18.369 -1.218  11.409  1.00 60.42  ? 9  DA  C N3    1 
ATOM   619  C  C4    . DA  C 1 9  ? -18.006 -1.552  10.153  1.00 60.83  ? 9  DA  C C4    1 
ATOM   620  P  P     . DA  C 1 10 ? -19.811 -7.492  11.499  1.00 61.49  ? 10 DA  C P     1 
ATOM   621  O  OP1   . DA  C 1 10 ? -19.832 -8.480  12.606  1.00 61.72  ? 10 DA  C OP1   1 
ATOM   622  O  OP2   . DA  C 1 10 ? -20.197 -7.897  10.126  1.00 62.58  ? 10 DA  C OP2   1 
ATOM   623  O  "O5'" . DA  C 1 10 ? -20.729 -6.265  11.926  1.00 59.98  ? 10 DA  C "O5'" 1 
ATOM   624  C  "C5'" . DA  C 1 10 ? -20.443 -5.631  13.149  1.00 58.07  ? 10 DA  C "C5'" 1 
ATOM   625  C  "C4'" . DA  C 1 10 ? -21.278 -4.382  13.311  1.00 56.31  ? 10 DA  C "C4'" 1 
ATOM   626  O  "O4'" . DA  C 1 10 ? -20.851 -3.391  12.357  1.00 55.63  ? 10 DA  C "O4'" 1 
ATOM   627  C  "C3'" . DA  C 1 10 ? -22.758 -4.587  13.029  1.00 56.06  ? 10 DA  C "C3'" 1 
ATOM   628  O  "O3'" . DA  C 1 10 ? -23.502 -4.692  14.270  1.00 56.42  ? 10 DA  C "O3'" 1 
ATOM   629  C  "C2'" . DA  C 1 10 ? -23.166 -3.357  12.199  1.00 55.23  ? 10 DA  C "C2'" 1 
ATOM   630  C  "C1'" . DA  C 1 10 ? -21.910 -2.504  12.171  1.00 54.60  ? 10 DA  C "C1'" 1 
ATOM   631  N  N9    . DA  C 1 10 ? -21.682 -1.783  10.931  1.00 54.48  ? 10 DA  C N9    1 
ATOM   632  C  C8    . DA  C 1 10 ? -21.452 -2.305  9.684   1.00 54.17  ? 10 DA  C C8    1 
ATOM   633  N  N7    . DA  C 1 10 ? -21.260 -1.382  8.753   1.00 54.06  ? 10 DA  C N7    1 
ATOM   634  C  C5    . DA  C 1 10 ? -21.360 -0.176  9.451   1.00 53.74  ? 10 DA  C C5    1 
ATOM   635  C  C6    . DA  C 1 10 ? -21.255 1.180   9.061   1.00 53.20  ? 10 DA  C C6    1 
ATOM   636  N  N6    . DA  C 1 10 ? -21.006 1.596   7.811   1.00 50.75  ? 10 DA  C N6    1 
ATOM   637  N  N1    . DA  C 1 10 ? -21.416 2.107   10.027  1.00 53.95  ? 10 DA  C N1    1 
ATOM   638  C  C2    . DA  C 1 10 ? -21.664 1.724   11.290  1.00 54.02  ? 10 DA  C C2    1 
ATOM   639  N  N3    . DA  C 1 10 ? -21.773 0.498   11.778  1.00 53.78  ? 10 DA  C N3    1 
ATOM   640  C  C4    . DA  C 1 10 ? -21.615 -0.412  10.797  1.00 54.37  ? 10 DA  C C4    1 
ATOM   641  P  P     . DC  C 1 11 ? -25.077 -5.077  14.332  1.00 56.32  ? 11 DC  C P     1 
ATOM   642  O  OP1   . DC  C 1 11 ? -25.343 -5.665  15.667  1.00 57.13  ? 11 DC  C OP1   1 
ATOM   643  O  OP2   . DC  C 1 11 ? -25.458 -5.810  13.084  1.00 54.93  ? 11 DC  C OP2   1 
ATOM   644  O  "O5'" . DC  C 1 11 ? -25.775 -3.649  14.322  1.00 56.00  ? 11 DC  C "O5'" 1 
ATOM   645  C  "C5'" . DC  C 1 11 ? -25.437 -2.705  15.313  1.00 55.12  ? 11 DC  C "C5'" 1 
ATOM   646  C  "C4'" . DC  C 1 11 ? -26.013 -1.379  14.916  1.00 54.82  ? 11 DC  C "C4'" 1 
ATOM   647  O  "O4'" . DC  C 1 11 ? -25.325 -0.928  13.718  1.00 53.67  ? 11 DC  C "O4'" 1 
ATOM   648  C  "C3'" . DC  C 1 11 ? -27.501 -1.428  14.549  1.00 54.60  ? 11 DC  C "C3'" 1 
ATOM   649  O  "O3'" . DC  C 1 11 ? -28.194 -0.308  15.149  1.00 55.22  ? 11 DC  C "O3'" 1 
ATOM   650  C  "C2'" . DC  C 1 11 ? -27.472 -1.355  13.029  1.00 53.71  ? 11 DC  C "C2'" 1 
ATOM   651  C  "C1'" . DC  C 1 11 ? -26.295 -0.435  12.832  1.00 53.15  ? 11 DC  C "C1'" 1 
ATOM   652  N  N1    . DC  C 1 11 ? -25.748 -0.413  11.487  1.00 52.47  ? 11 DC  C N1    1 
ATOM   653  C  C2    . DC  C 1 11 ? -25.352 0.808   10.980  1.00 52.01  ? 11 DC  C C2    1 
ATOM   654  O  O2    . DC  C 1 11 ? -25.492 1.797   11.691  1.00 52.54  ? 11 DC  C O2    1 
ATOM   655  N  N3    . DC  C 1 11 ? -24.838 0.875   9.731   1.00 51.53  ? 11 DC  C N3    1 
ATOM   656  C  C4    . DC  C 1 11 ? -24.720 -0.226  8.999   1.00 52.05  ? 11 DC  C C4    1 
ATOM   657  N  N4    . DC  C 1 11 ? -24.203 -0.101  7.763   1.00 51.67  ? 11 DC  C N4    1 
ATOM   658  C  C5    . DC  C 1 11 ? -25.117 -1.509  9.510   1.00 52.60  ? 11 DC  C C5    1 
ATOM   659  C  C6    . DC  C 1 11 ? -25.622 -1.558  10.754  1.00 52.52  ? 11 DC  C C6    1 
ATOM   660  P  P     . DG  C 1 12 ? -29.676 -0.409  15.784  1.00 55.91  ? 12 DG  C P     1 
ATOM   661  O  OP1   . DG  C 1 12 ? -29.847 0.746   16.724  1.00 54.73  ? 12 DG  C OP1   1 
ATOM   662  O  OP2   . DG  C 1 12 ? -29.914 -1.805  16.248  1.00 54.55  ? 12 DG  C OP2   1 
ATOM   663  O  "O5'" . DG  C 1 12 ? -30.593 -0.149  14.508  1.00 56.26  ? 12 DG  C "O5'" 1 
ATOM   664  C  "C5'" . DG  C 1 12 ? -30.254 0.871   13.571  1.00 56.88  ? 12 DG  C "C5'" 1 
ATOM   665  C  "C4'" . DG  C 1 12 ? -31.267 0.918   12.444  1.00 57.37  ? 12 DG  C "C4'" 1 
ATOM   666  O  "O4'" . DG  C 1 12 ? -30.899 -0.033  11.402  1.00 57.90  ? 12 DG  C "O4'" 1 
ATOM   667  C  "C3'" . DG  C 1 12 ? -32.689 0.560   12.877  1.00 57.14  ? 12 DG  C "C3'" 1 
ATOM   668  O  "O3'" . DG  C 1 12 ? -33.530 1.709   12.896  1.00 56.12  ? 12 DG  C "O3'" 1 
ATOM   669  C  "C2'" . DG  C 1 12 ? -33.166 -0.432  11.843  1.00 58.17  ? 12 DG  C "C2'" 1 
ATOM   670  C  "C1'" . DG  C 1 12 ? -31.896 -1.027  11.308  1.00 58.31  ? 12 DG  C "C1'" 1 
ATOM   671  N  N9    . DG  C 1 12 ? -31.507 -2.173  12.094  1.00 59.66  ? 12 DG  C N9    1 
ATOM   672  C  C8    . DG  C 1 12 ? -32.113 -2.636  13.244  1.00 59.60  ? 12 DG  C C8    1 
ATOM   673  N  N7    . DG  C 1 12 ? -31.527 -3.696  13.735  1.00 59.34  ? 12 DG  C N7    1 
ATOM   674  C  C5    . DG  C 1 12 ? -30.477 -3.943  12.854  1.00 59.17  ? 12 DG  C C5    1 
ATOM   675  C  C6    . DG  C 1 12 ? -29.500 -4.949  12.863  1.00 59.73  ? 12 DG  C C6    1 
ATOM   676  O  O6    . DG  C 1 12 ? -29.353 -5.864  13.680  1.00 60.53  ? 12 DG  C O6    1 
ATOM   677  N  N1    . DG  C 1 12 ? -28.619 -4.829  11.788  1.00 59.56  ? 12 DG  C N1    1 
ATOM   678  C  C2    . DG  C 1 12 ? -28.684 -3.860  10.816  1.00 58.96  ? 12 DG  C C2    1 
ATOM   679  N  N2    . DG  C 1 12 ? -27.750 -3.910  9.848   1.00 59.12  ? 12 DG  C N2    1 
ATOM   680  N  N3    . DG  C 1 12 ? -29.595 -2.906  10.797  1.00 58.93  ? 12 DG  C N3    1 
ATOM   681  C  C4    . DG  C 1 12 ? -30.453 -3.014  11.841  1.00 59.66  ? 12 DG  C C4    1 
ATOM   682  P  P     . DG  D 1 2  ? -24.726 9.473   2.816   1.00 70.44  ? 2  DG  D P     1 
ATOM   683  O  OP1   . DG  D 1 2  ? -25.828 8.699   2.164   1.00 67.84  ? 2  DG  D OP1   1 
ATOM   684  O  OP2   . DG  D 1 2  ? -24.575 10.930  2.567   1.00 71.72  ? 2  DG  D OP2   1 
ATOM   685  O  "O5'" . DG  D 1 2  ? -24.876 9.362   4.399   1.00 69.63  ? 2  DG  D "O5'" 1 
ATOM   686  C  "C5'" . DG  D 1 2  ? -25.771 10.250  5.073   1.00 67.40  ? 2  DG  D "C5'" 1 
ATOM   687  C  "C4'" . DG  D 1 2  ? -25.507 10.272  6.561   1.00 65.49  ? 2  DG  D "C4'" 1 
ATOM   688  O  "O4'" . DG  D 1 2  ? -25.535 8.938   7.158   1.00 64.85  ? 2  DG  D "O4'" 1 
ATOM   689  C  "C3'" . DG  D 1 2  ? -24.144 10.796  6.871   1.00 64.66  ? 2  DG  D "C3'" 1 
ATOM   690  O  "O3'" . DG  D 1 2  ? -24.172 11.368  8.147   1.00 65.04  ? 2  DG  D "O3'" 1 
ATOM   691  C  "C2'" . DG  D 1 2  ? -23.287 9.544   6.820   1.00 64.17  ? 2  DG  D "C2'" 1 
ATOM   692  C  "C1'" . DG  D 1 2  ? -24.210 8.529   7.478   1.00 63.44  ? 2  DG  D "C1'" 1 
ATOM   693  N  N9    . DG  D 1 2  ? -24.038 7.155   6.993   1.00 60.72  ? 2  DG  D N9    1 
ATOM   694  C  C8    . DG  D 1 2  ? -23.722 6.734   5.710   1.00 59.56  ? 2  DG  D C8    1 
ATOM   695  N  N7    . DG  D 1 2  ? -23.654 5.441   5.584   1.00 58.71  ? 2  DG  D N7    1 
ATOM   696  C  C5    . DG  D 1 2  ? -23.937 4.968   6.863   1.00 58.57  ? 2  DG  D C5    1 
ATOM   697  C  C6    . DG  D 1 2  ? -24.017 3.643   7.348   1.00 57.11  ? 2  DG  D C6    1 
ATOM   698  O  O6    . DG  D 1 2  ? -23.841 2.585   6.725   1.00 57.32  ? 2  DG  D O6    1 
ATOM   699  N  N1    . DG  D 1 2  ? -24.338 3.612   8.710   1.00 56.10  ? 2  DG  D N1    1 
ATOM   700  C  C2    . DG  D 1 2  ? -24.552 4.720   9.504   1.00 55.12  ? 2  DG  D C2    1 
ATOM   701  N  N2    . DG  D 1 2  ? -24.834 4.490   10.788  1.00 53.91  ? 2  DG  D N2    1 
ATOM   702  N  N3    . DG  D 1 2  ? -24.486 5.968   9.063   1.00 56.62  ? 2  DG  D N3    1 
ATOM   703  C  C4    . DG  D 1 2  ? -24.185 6.015   7.737   1.00 59.14  ? 2  DG  D C4    1 
ATOM   704  P  P     . DT  D 1 3  ? -23.111 12.468  8.586   1.00 65.26  ? 3  DT  D P     1 
ATOM   705  O  OP1   . DT  D 1 3  ? -23.885 13.648  9.075   1.00 64.25  ? 3  DT  D OP1   1 
ATOM   706  O  OP2   . DT  D 1 3  ? -22.109 12.606  7.495   1.00 64.09  ? 3  DT  D OP2   1 
ATOM   707  O  "O5'" . DT  D 1 3  ? -22.395 11.749  9.837   1.00 65.72  ? 3  DT  D "O5'" 1 
ATOM   708  C  "C5'" . DT  D 1 3  ? -23.204 11.224  10.934  1.00 65.62  ? 3  DT  D "C5'" 1 
ATOM   709  C  "C4'" . DT  D 1 3  ? -22.578 9.988   11.582  1.00 63.97  ? 3  DT  D "C4'" 1 
ATOM   710  O  "O4'" . DT  D 1 3  ? -22.574 8.873   10.671  1.00 62.27  ? 3  DT  D "O4'" 1 
ATOM   711  C  "C3'" . DT  D 1 3  ? -21.123 10.155  12.002  1.00 63.04  ? 3  DT  D "C3'" 1 
ATOM   712  O  "O3'" . DT  D 1 3  ? -21.052 10.480  13.383  1.00 63.67  ? 3  DT  D "O3'" 1 
ATOM   713  C  "C2'" . DT  D 1 3  ? -20.470 8.805   11.688  1.00 61.40  ? 3  DT  D "C2'" 1 
ATOM   714  C  "C1'" . DT  D 1 3  ? -21.626 7.963   11.171  1.00 60.65  ? 3  DT  D "C1'" 1 
ATOM   715  N  N1    . DT  D 1 3  ? -21.272 7.011   10.075  1.00 59.52  ? 3  DT  D N1    1 
ATOM   716  C  C2    . DT  D 1 3  ? -21.363 5.657   10.316  1.00 59.91  ? 3  DT  D C2    1 
ATOM   717  O  O2    . DT  D 1 3  ? -21.699 5.183   11.396  1.00 60.05  ? 3  DT  D O2    1 
ATOM   718  N  N3    . DT  D 1 3  ? -21.042 4.861   9.239   1.00 59.84  ? 3  DT  D N3    1 
ATOM   719  C  C4    . DT  D 1 3  ? -20.658 5.265   7.976   1.00 58.57  ? 3  DT  D C4    1 
ATOM   720  O  O4    . DT  D 1 3  ? -20.398 4.469   7.080   1.00 57.06  ? 3  DT  D O4    1 
ATOM   721  C  C5    . DT  D 1 3  ? -20.580 6.687   7.792   1.00 58.08  ? 3  DT  D C5    1 
ATOM   722  C  C7    . DT  D 1 3  ? -20.172 7.219   6.463   1.00 58.60  ? 3  DT  D C7    1 
ATOM   723  C  C6    . DT  D 1 3  ? -20.887 7.490   8.832   1.00 58.54  ? 3  DT  D C6    1 
ATOM   724  P  P     . DT  D 1 4  ? -19.638 10.491  14.135  1.00 65.01  ? 4  DT  D P     1 
ATOM   725  O  OP1   . DT  D 1 4  ? -19.728 11.448  15.283  1.00 62.96  ? 4  DT  D OP1   1 
ATOM   726  O  OP2   . DT  D 1 4  ? -18.550 10.629  13.119  1.00 64.79  ? 4  DT  D OP2   1 
ATOM   727  O  "O5'" . DT  D 1 4  ? -19.601 8.989   14.685  1.00 63.25  ? 4  DT  D "O5'" 1 
ATOM   728  C  "C5'" . DT  D 1 4  ? -20.643 8.551   15.540  1.00 61.35  ? 4  DT  D "C5'" 1 
ATOM   729  C  "C4'" . DT  D 1 4  ? -20.488 7.089   15.873  1.00 60.75  ? 4  DT  D "C4'" 1 
ATOM   730  O  "O4'" . DT  D 1 4  ? -20.344 6.330   14.645  1.00 59.96  ? 4  DT  D "O4'" 1 
ATOM   731  C  "C3'" . DT  D 1 4  ? -19.278 6.743   16.742  1.00 60.30  ? 4  DT  D "C3'" 1 
ATOM   732  O  "O3'" . DT  D 1 4  ? -19.715 5.913   17.830  1.00 61.80  ? 4  DT  D "O3'" 1 
ATOM   733  C  "C2'" . DT  D 1 4  ? -18.329 6.023   15.787  1.00 59.55  ? 4  DT  D "C2'" 1 
ATOM   734  C  "C1'" . DT  D 1 4  ? -19.286 5.420   14.774  1.00 59.25  ? 4  DT  D "C1'" 1 
ATOM   735  N  N1    . DT  D 1 4  ? -18.755 5.200   13.422  1.00 58.58  ? 4  DT  D N1    1 
ATOM   736  C  C2    . DT  D 1 4  ? -18.927 3.949   12.885  1.00 59.25  ? 4  DT  D C2    1 
ATOM   737  O  O2    . DT  D 1 4  ? -19.453 3.020   13.498  1.00 59.77  ? 4  DT  D O2    1 
ATOM   738  N  N3    . DT  D 1 4  ? -18.446 3.810   11.609  1.00 58.62  ? 4  DT  D N3    1 
ATOM   739  C  C4    . DT  D 1 4  ? -17.838 4.779   10.832  1.00 58.58  ? 4  DT  D C4    1 
ATOM   740  O  O4    . DT  D 1 4  ? -17.441 4.554   9.696   1.00 58.35  ? 4  DT  D O4    1 
ATOM   741  C  C5    . DT  D 1 4  ? -17.704 6.079   11.446  1.00 58.09  ? 4  DT  D C5    1 
ATOM   742  C  C7    . DT  D 1 4  ? -17.051 7.178   10.667  1.00 57.47  ? 4  DT  D C7    1 
ATOM   743  C  C6    . DT  D 1 4  ? -18.172 6.239   12.706  1.00 57.84  ? 4  DT  D C6    1 
ATOM   744  P  P     . DA  D 1 5  ? -18.720 5.121   18.809  1.00 62.83  ? 5  DA  D P     1 
ATOM   745  O  OP1   . DA  D 1 5  ? -19.402 5.093   20.139  1.00 62.03  ? 5  DA  D OP1   1 
ATOM   746  O  OP2   . DA  D 1 5  ? -17.358 5.705   18.693  1.00 62.71  ? 5  DA  D OP2   1 
ATOM   747  O  "O5'" . DA  D 1 5  ? -18.685 3.621   18.179  1.00 61.72  ? 5  DA  D "O5'" 1 
ATOM   748  C  "C5'" . DA  D 1 5  ? -19.848 2.776   18.329  1.00 60.73  ? 5  DA  D "C5'" 1 
ATOM   749  C  "C4'" . DA  D 1 5  ? -19.555 1.307   18.105  1.00 60.30  ? 5  DA  D "C4'" 1 
ATOM   750  O  "O4'" . DA  D 1 5  ? -19.047 1.050   16.760  1.00 59.42  ? 5  DA  D "O4'" 1 
ATOM   751  C  "C3'" . DA  D 1 5  ? -18.517 0.763   19.043  1.00 59.41  ? 5  DA  D "C3'" 1 
ATOM   752  O  "O3'" . DA  D 1 5  ? -18.779 -0.617  19.302  1.00 59.75  ? 5  DA  D "O3'" 1 
ATOM   753  C  "C2'" . DA  D 1 5  ? -17.233 0.987   18.259  1.00 59.37  ? 5  DA  D "C2'" 1 
ATOM   754  C  "C1'" . DA  D 1 5  ? -17.672 0.735   16.821  1.00 59.46  ? 5  DA  D "C1'" 1 
ATOM   755  N  N9    . DA  D 1 5  ? -17.014 1.584   15.836  1.00 59.80  ? 5  DA  D N9    1 
ATOM   756  C  C8    . DA  D 1 5  ? -16.822 2.934   15.936  1.00 58.83  ? 5  DA  D C8    1 
ATOM   757  N  N7    . DA  D 1 5  ? -16.225 3.469   14.889  1.00 57.74  ? 5  DA  D N7    1 
ATOM   758  C  C5    . DA  D 1 5  ? -16.014 2.395   14.035  1.00 57.55  ? 5  DA  D C5    1 
ATOM   759  C  C6    . DA  D 1 5  ? -15.434 2.307   12.757  1.00 56.79  ? 5  DA  D C6    1 
ATOM   760  N  N6    . DA  D 1 5  ? -14.930 3.356   12.105  1.00 56.45  ? 5  DA  D N6    1 
ATOM   761  N  N1    . DA  D 1 5  ? -15.382 1.091   12.181  1.00 55.63  ? 5  DA  D N1    1 
ATOM   762  C  C2    . DA  D 1 5  ? -15.873 0.037   12.844  1.00 56.25  ? 5  DA  D C2    1 
ATOM   763  N  N3    . DA  D 1 5  ? -16.461 -0.010  14.039  1.00 57.41  ? 5  DA  D N3    1 
ATOM   764  C  C4    . DA  D 1 5  ? -16.497 1.219   14.595  1.00 58.90  ? 5  DA  D C4    1 
ATOM   765  P  P     . DA  D 1 6  ? -17.712 -1.523  20.071  1.00 59.53  ? 6  DA  D P     1 
ATOM   766  O  OP1   . DA  D 1 6  ? -18.445 -2.669  20.694  1.00 58.68  ? 6  DA  D OP1   1 
ATOM   767  O  OP2   . DA  D 1 6  ? -16.890 -0.596  20.883  1.00 59.73  ? 6  DA  D OP2   1 
ATOM   768  O  "O5'" . DA  D 1 6  ? -16.813 -2.123  18.894  1.00 59.30  ? 6  DA  D "O5'" 1 
ATOM   769  C  "C5'" . DA  D 1 6  ? -17.494 -2.863  17.921  1.00 59.16  ? 6  DA  D "C5'" 1 
ATOM   770  C  "C4'" . DA  D 1 6  ? -16.537 -3.615  17.047  1.00 58.75  ? 6  DA  D "C4'" 1 
ATOM   771  O  "O4'" . DA  D 1 6  ? -15.872 -2.749  16.087  1.00 58.35  ? 6  DA  D "O4'" 1 
ATOM   772  C  "C3'" . DA  D 1 6  ? -15.443 -4.268  17.852  1.00 58.71  ? 6  DA  D "C3'" 1 
ATOM   773  O  "O3'" . DA  D 1 6  ? -15.247 -5.597  17.320  1.00 60.47  ? 6  DA  D "O3'" 1 
ATOM   774  C  "C2'" . DA  D 1 6  ? -14.251 -3.324  17.679  1.00 58.18  ? 6  DA  D "C2'" 1 
ATOM   775  C  "C1'" . DA  D 1 6  ? -14.466 -2.838  16.259  1.00 58.06  ? 6  DA  D "C1'" 1 
ATOM   776  N  N9    . DA  D 1 6  ? -13.933 -1.524  15.975  1.00 56.51  ? 6  DA  D N9    1 
ATOM   777  C  C8    . DA  D 1 6  ? -13.928 -0.445  16.801  1.00 55.92  ? 6  DA  D C8    1 
ATOM   778  N  N7    . DA  D 1 6  ? -13.427 0.642   16.240  1.00 55.72  ? 6  DA  D N7    1 
ATOM   779  C  C5    . DA  D 1 6  ? -13.094 0.240   14.955  1.00 54.65  ? 6  DA  D C5    1 
ATOM   780  C  C6    . DA  D 1 6  ? -12.506 0.911   13.851  1.00 54.30  ? 6  DA  D C6    1 
ATOM   781  N  N6    . DA  D 1 6  ? -12.137 2.200   13.851  1.00 54.31  ? 6  DA  D N6    1 
ATOM   782  N  N1    . DA  D 1 6  ? -12.321 0.201   12.725  1.00 54.09  ? 6  DA  D N1    1 
ATOM   783  C  C2    . DA  D 1 6  ? -12.690 -1.086  12.700  1.00 55.17  ? 6  DA  D C2    1 
ATOM   784  N  N3    . DA  D 1 6  ? -13.240 -1.826  13.665  1.00 55.66  ? 6  DA  D N3    1 
ATOM   785  C  C4    . DA  D 1 6  ? -13.415 -1.094  14.777  1.00 56.00  ? 6  DA  D C4    1 
ATOM   786  P  P     . DT  D 1 7  ? -13.986 -6.497  17.689  1.00 62.33  ? 7  DT  D P     1 
ATOM   787  O  OP1   . DT  D 1 7  ? -14.431 -7.917  17.638  1.00 61.92  ? 7  DT  D OP1   1 
ATOM   788  O  OP2   . DT  D 1 7  ? -13.401 -5.894  18.908  1.00 61.51  ? 7  DT  D OP2   1 
ATOM   789  O  "O5'" . DT  D 1 7  ? -12.957 -6.263  16.486  1.00 62.06  ? 7  DT  D "O5'" 1 
ATOM   790  C  "C5'" . DT  D 1 7  ? -13.412 -6.404  15.183  1.00 61.65  ? 7  DT  D "C5'" 1 
ATOM   791  C  "C4'" . DT  D 1 7  ? -12.267 -6.205  14.238  1.00 62.36  ? 7  DT  D "C4'" 1 
ATOM   792  O  "O4'" . DT  D 1 7  ? -11.916 -4.800  14.196  1.00 61.65  ? 7  DT  D "O4'" 1 
ATOM   793  C  "C3'" . DT  D 1 7  ? -10.987 -6.948  14.641  1.00 63.16  ? 7  DT  D "C3'" 1 
ATOM   794  O  "O3'" . DT  D 1 7  ? -10.574 -7.807  13.519  1.00 64.57  ? 7  DT  D "O3'" 1 
ATOM   795  C  "C2'" . DT  D 1 7  ? -10.001 -5.812  14.982  1.00 61.98  ? 7  DT  D "C2'" 1 
ATOM   796  C  "C1'" . DT  D 1 7  ? -10.522 -4.697  14.101  1.00 60.68  ? 7  DT  D "C1'" 1 
ATOM   797  N  N1    . DT  D 1 7  ? -10.208 -3.341  14.511  1.00 58.75  ? 7  DT  D N1    1 
ATOM   798  C  C2    . DT  D 1 7  ? -9.729  -2.458  13.564  1.00 58.46  ? 7  DT  D C2    1 
ATOM   799  O  O2    . DT  D 1 7  ? -9.489  -2.769  12.400  1.00 58.70  ? 7  DT  D O2    1 
ATOM   800  N  N3    . DT  D 1 7  ? -9.516  -1.193  14.044  1.00 58.11  ? 7  DT  D N3    1 
ATOM   801  C  C4    . DT  D 1 7  ? -9.756  -0.728  15.327  1.00 58.16  ? 7  DT  D C4    1 
ATOM   802  O  O4    . DT  D 1 7  ? -9.546  0.439   15.655  1.00 57.42  ? 7  DT  D O4    1 
ATOM   803  C  C5    . DT  D 1 7  ? -10.276 -1.706  16.258  1.00 58.28  ? 7  DT  D C5    1 
ATOM   804  C  C7    . DT  D 1 7  ? -10.561 -1.297  17.665  1.00 57.28  ? 7  DT  D C7    1 
ATOM   805  C  C6    . DT  D 1 7  ? -10.495 -2.956  15.807  1.00 58.54  ? 7  DT  D C6    1 
ATOM   806  P  P     . DT  D 1 8  ? -9.208  -8.646  13.495  1.00 65.32  ? 8  DT  D P     1 
ATOM   807  O  OP1   . DT  D 1 8  ? -9.479  -9.895  12.716  1.00 65.39  ? 8  DT  D OP1   1 
ATOM   808  O  OP2   . DT  D 1 8  ? -8.703  -8.714  14.901  1.00 63.32  ? 8  DT  D OP2   1 
ATOM   809  O  "O5'" . DT  D 1 8  ? -8.232  -7.703  12.610  1.00 65.37  ? 8  DT  D "O5'" 1 
ATOM   810  C  "C5'" . DT  D 1 8  ? -8.810  -6.937  11.556  1.00 65.70  ? 8  DT  D "C5'" 1 
ATOM   811  C  "C4'" . DT  D 1 8  ? -7.774  -6.180  10.754  1.00 66.16  ? 8  DT  D "C4'" 1 
ATOM   812  O  "O4'" . DT  D 1 8  ? -7.623  -4.832  11.293  1.00 65.65  ? 8  DT  D "O4'" 1 
ATOM   813  C  "C3'" . DT  D 1 8  ? -6.378  -6.803  10.739  1.00 66.06  ? 8  DT  D "C3'" 1 
ATOM   814  O  "O3'" . DT  D 1 8  ? -5.823  -6.699  9.387   1.00 67.80  ? 8  DT  D "O3'" 1 
ATOM   815  C  "C2'" . DT  D 1 8  ? -5.613  -5.976  11.778  1.00 64.98  ? 8  DT  D "C2'" 1 
ATOM   816  C  "C1'" . DT  D 1 8  ? -6.257  -4.602  11.604  1.00 64.37  ? 8  DT  D "C1'" 1 
ATOM   817  N  N1    . DT  D 1 8  ? -6.234  -3.733  12.790  1.00 61.77  ? 8  DT  D N1    1 
ATOM   818  C  C2    . DT  D 1 8  ? -5.993  -2.387  12.608  1.00 61.40  ? 8  DT  D C2    1 
ATOM   819  O  O2    . DT  D 1 8  ? -5.748  -1.873  11.520  1.00 61.96  ? 8  DT  D O2    1 
ATOM   820  N  N3    . DT  D 1 8  ? -6.033  -1.657  13.761  1.00 60.73  ? 8  DT  D N3    1 
ATOM   821  C  C4    . DT  D 1 8  ? -6.292  -2.116  15.033  1.00 59.69  ? 8  DT  D C4    1 
ATOM   822  O  O4    . DT  D 1 8  ? -6.295  -1.379  16.002  1.00 58.11  ? 8  DT  D O4    1 
ATOM   823  C  C5    . DT  D 1 8  ? -6.541  -3.525  15.151  1.00 59.80  ? 8  DT  D C5    1 
ATOM   824  C  C7    . DT  D 1 8  ? -6.828  -4.098  16.497  1.00 59.49  ? 8  DT  D C7    1 
ATOM   825  C  C6    . DT  D 1 8  ? -6.509  -4.267  14.035  1.00 60.94  ? 8  DT  D C6    1 
ATOM   826  P  P     . DA  D 1 9  ? -4.287  -7.042  9.056   1.00 68.23  ? 9  DA  D P     1 
ATOM   827  O  OP1   . DA  D 1 9  ? -4.272  -7.846  7.799   1.00 67.11  ? 9  DA  D OP1   1 
ATOM   828  O  OP2   . DA  D 1 9  ? -3.693  -7.568  10.307  1.00 68.52  ? 9  DA  D OP2   1 
ATOM   829  O  "O5'" . DA  D 1 9  ? -3.631  -5.614  8.771   1.00 66.27  ? 9  DA  D "O5'" 1 
ATOM   830  C  "C5'" . DA  D 1 9  ? -4.433  -4.630  8.160   1.00 66.10  ? 9  DA  D "C5'" 1 
ATOM   831  C  "C4'" . DA  D 1 9  ? -3.637  -3.381  7.862   1.00 65.55  ? 9  DA  D "C4'" 1 
ATOM   832  O  "O4'" . DA  D 1 9  ? -3.559  -2.540  9.044   1.00 64.44  ? 9  DA  D "O4'" 1 
ATOM   833  C  "C3'" . DA  D 1 9  ? -2.206  -3.657  7.452   1.00 65.17  ? 9  DA  D "C3'" 1 
ATOM   834  O  "O3'" . DA  D 1 9  ? -1.777  -2.703  6.455   1.00 66.50  ? 9  DA  D "O3'" 1 
ATOM   835  C  "C2'" . DA  D 1 9  ? -1.442  -3.554  8.773   1.00 64.50  ? 9  DA  D "C2'" 1 
ATOM   836  C  "C1'" . DA  D 1 9  ? -2.237  -2.510  9.548   1.00 63.71  ? 9  DA  D "C1'" 1 
ATOM   837  N  N9    . DA  D 1 9  ? -2.334  -2.730  10.990  1.00 62.16  ? 9  DA  D N9    1 
ATOM   838  C  C8    . DA  D 1 9  ? -2.548  -3.915  11.650  1.00 62.53  ? 9  DA  D C8    1 
ATOM   839  N  N7    . DA  D 1 9  ? -2.624  -3.787  12.965  1.00 62.32  ? 9  DA  D N7    1 
ATOM   840  C  C5    . DA  D 1 9  ? -2.474  -2.421  13.174  1.00 61.60  ? 9  DA  D C5    1 
ATOM   841  C  C6    . DA  D 1 9  ? -2.463  -1.624  14.348  1.00 60.88  ? 9  DA  D C6    1 
ATOM   842  N  N6    . DA  D 1 9  ? -2.613  -2.114  15.584  1.00 59.94  ? 9  DA  D N6    1 
ATOM   843  N  N1    . DA  D 1 9  ? -2.283  -0.295  14.193  1.00 60.33  ? 9  DA  D N1    1 
ATOM   844  C  C2    . DA  D 1 9  ? -2.118  0.204   12.951  1.00 60.73  ? 9  DA  D C2    1 
ATOM   845  N  N3    . DA  D 1 9  ? -2.123  -0.433  11.782  1.00 60.72  ? 9  DA  D N3    1 
ATOM   846  C  C4    . DA  D 1 9  ? -2.301  -1.757  11.963  1.00 61.56  ? 9  DA  D C4    1 
ATOM   847  P  P     . DA  D 1 10 ? -0.302  -2.769  5.817   1.00 67.64  ? 10 DA  D P     1 
ATOM   848  O  OP1   . DA  D 1 10 ? -0.397  -2.302  4.406   1.00 66.30  ? 10 DA  D OP1   1 
ATOM   849  O  OP2   . DA  D 1 10 ? 0.324   -4.090  6.154   1.00 67.16  ? 10 DA  D OP2   1 
ATOM   850  O  "O5'" . DA  D 1 10 ? 0.431   -1.662  6.677   1.00 66.10  ? 10 DA  D "O5'" 1 
ATOM   851  C  "C5'" . DA  D 1 10 ? -0.244  -0.443  6.936   1.00 64.99  ? 10 DA  D "C5'" 1 
ATOM   852  C  "C4'" . DA  D 1 10 ? 0.598   0.425   7.842   1.00 64.26  ? 10 DA  D "C4'" 1 
ATOM   853  O  "O4'" . DA  D 1 10 ? 0.308   0.092   9.211   1.00 63.83  ? 10 DA  D "O4'" 1 
ATOM   854  C  "C3'" . DA  D 1 10 ? 2.116   0.240   7.671   1.00 63.89  ? 10 DA  D "C3'" 1 
ATOM   855  O  "O3'" . DA  D 1 10 ? 2.746   1.452   7.208   1.00 64.96  ? 10 DA  D "O3'" 1 
ATOM   856  C  "C2'" . DA  D 1 10 ? 2.610   -0.164  9.050   1.00 63.22  ? 10 DA  D "C2'" 1 
ATOM   857  C  "C1'" . DA  D 1 10 ? 1.474   0.252   9.963   1.00 62.79  ? 10 DA  D "C1'" 1 
ATOM   858  N  N9    . DA  D 1 10 ? 1.356   -0.553  11.174  1.00 61.84  ? 10 DA  D N9    1 
ATOM   859  C  C8    . DA  D 1 10 ? 1.385   -1.916  11.266  1.00 61.16  ? 10 DA  D C8    1 
ATOM   860  N  N7    . DA  D 1 10 ? 1.248   -2.362  12.497  1.00 60.78  ? 10 DA  D N7    1 
ATOM   861  C  C5    . DA  D 1 10 ? 1.127   -1.209  13.259  1.00 59.90  ? 10 DA  D C5    1 
ATOM   862  C  C6    . DA  D 1 10 ? 0.943   -0.988  14.640  1.00 59.42  ? 10 DA  D C6    1 
ATOM   863  N  N6    . DA  D 1 10 ? 0.854   -1.960  15.546  1.00 57.84  ? 10 DA  D N6    1 
ATOM   864  N  N1    . DA  D 1 10 ? 0.851   0.292   15.058  1.00 60.76  ? 10 DA  D N1    1 
ATOM   865  C  C2    . DA  D 1 10 ? 0.932   1.285   14.162  1.00 61.56  ? 10 DA  D C2    1 
ATOM   866  N  N3    . DA  D 1 10 ? 1.093   1.202   12.843  1.00 61.12  ? 10 DA  D N3    1 
ATOM   867  C  C4    . DA  D 1 10 ? 1.177   -0.085  12.455  1.00 60.86  ? 10 DA  D C4    1 
ATOM   868  P  P     . DC  D 1 11 ? 4.304   1.507   6.761   1.00 66.00  ? 11 DC  D P     1 
ATOM   869  O  OP1   . DC  D 1 11 ? 4.390   2.501   5.653   1.00 65.76  ? 11 DC  D OP1   1 
ATOM   870  O  OP2   . DC  D 1 11 ? 4.805   0.114   6.555   1.00 65.84  ? 11 DC  D OP2   1 
ATOM   871  O  "O5'" . DC  D 1 11 ? 5.023   2.122   8.066   1.00 62.80  ? 11 DC  D "O5'" 1 
ATOM   872  C  "C5'" . DC  D 1 11 ? 4.662   3.440   8.470   1.00 60.86  ? 11 DC  D "C5'" 1 
ATOM   873  C  "C4'" . DC  D 1 11 ? 5.291   3.791   9.793   1.00 59.96  ? 11 DC  D "C4'" 1 
ATOM   874  O  "O4'" . DC  D 1 11 ? 4.742   2.935   10.842  1.00 58.54  ? 11 DC  D "O4'" 1 
ATOM   875  C  "C3'" . DC  D 1 11 ? 6.799   3.582   9.823   1.00 59.00  ? 11 DC  D "C3'" 1 
ATOM   876  O  "O3'" . DC  D 1 11 ? 7.439   4.644   10.562  1.00 59.29  ? 11 DC  D "O3'" 1 
ATOM   877  C  "C2'" . DC  D 1 11 ? 6.920   2.230   10.509  1.00 58.21  ? 11 DC  D "C2'" 1 
ATOM   878  C  "C1'" . DC  D 1 11 ? 5.803   2.323   11.528  1.00 57.61  ? 11 DC  D "C1'" 1 
ATOM   879  N  N1    . DC  D 1 11 ? 5.336   1.030   12.098  1.00 56.62  ? 11 DC  D N1    1 
ATOM   880  C  C2    . DC  D 1 11 ? 4.980   1.015   13.442  1.00 56.88  ? 11 DC  D C2    1 
ATOM   881  O  O2    . DC  D 1 11 ? 5.062   2.068   14.109  1.00 57.63  ? 11 DC  D O2    1 
ATOM   882  N  N3    . DC  D 1 11 ? 4.556   -0.151  13.985  1.00 57.00  ? 11 DC  D N3    1 
ATOM   883  C  C4    . DC  D 1 11 ? 4.475   -1.254  13.245  1.00 55.58  ? 11 DC  D C4    1 
ATOM   884  N  N4    . DC  D 1 11 ? 4.058   -2.372  13.849  1.00 54.62  ? 11 DC  D N4    1 
ATOM   885  C  C5    . DC  D 1 11 ? 4.834   -1.260  11.864  1.00 54.71  ? 11 DC  D C5    1 
ATOM   886  C  C6    . DC  D 1 11 ? 5.263   -0.108  11.338  1.00 55.20  ? 11 DC  D C6    1 
ATOM   887  P  P     . DG  D 1 12 ? 8.892   5.207   10.172  1.00 59.12  ? 12 DG  D P     1 
ATOM   888  O  OP1   . DG  D 1 12 ? 8.892   6.649   10.516  1.00 59.18  ? 12 DG  D OP1   1 
ATOM   889  O  OP2   . DG  D 1 12 ? 9.202   4.765   8.788   1.00 59.71  ? 12 DG  D OP2   1 
ATOM   890  O  "O5'" . DG  D 1 12 ? 9.889   4.423   11.167  1.00 59.74  ? 12 DG  D "O5'" 1 
ATOM   891  C  "C5'" . DG  D 1 12 ? 9.382   3.753   12.359  1.00 60.23  ? 12 DG  D "C5'" 1 
ATOM   892  C  "C4'" . DG  D 1 12 ? 10.414  2.848   13.029  1.00 60.42  ? 12 DG  D "C4'" 1 
ATOM   893  O  "O4'" . DG  D 1 12 ? 10.416  1.542   12.382  1.00 59.70  ? 12 DG  D "O4'" 1 
ATOM   894  C  "C3'" . DG  D 1 12 ? 11.853  3.378   12.998  1.00 60.33  ? 12 DG  D "C3'" 1 
ATOM   895  O  "O3'" . DG  D 1 12 ? 12.459  3.381   14.275  1.00 60.26  ? 12 DG  D "O3'" 1 
ATOM   896  C  "C2'" . DG  D 1 12 ? 12.605  2.433   12.084  1.00 60.80  ? 12 DG  D "C2'" 1 
ATOM   897  C  "C1'" . DG  D 1 12 ? 11.607  1.355   11.665  1.00 60.29  ? 12 DG  D "C1'" 1 
ATOM   898  N  N9    . DG  D 1 12 ? 11.287  1.389   10.242  1.00 61.02  ? 12 DG  D N9    1 
ATOM   899  C  C8    . DG  D 1 12 ? 11.864  2.177   9.266   1.00 61.60  ? 12 DG  D C8    1 
ATOM   900  N  N7    . DG  D 1 12 ? 11.370  1.979   8.079   1.00 62.30  ? 12 DG  D N7    1 
ATOM   901  C  C5    . DG  D 1 12 ? 10.404  1.006   8.268   1.00 62.25  ? 12 DG  D C5    1 
ATOM   902  C  C6    . DG  D 1 12 ? 9.540   0.389   7.321   1.00 63.21  ? 12 DG  D C6    1 
ATOM   903  O  O6    . DG  D 1 12 ? 9.469   0.597   6.086   1.00 62.75  ? 12 DG  D O6    1 
ATOM   904  N  N1    . DG  D 1 12 ? 8.700   -0.558  7.934   1.00 63.12  ? 12 DG  D N1    1 
ATOM   905  C  C2    . DG  D 1 12 ? 8.706   -0.861  9.284   1.00 62.78  ? 12 DG  D C2    1 
ATOM   906  N  N2    . DG  D 1 12 ? 7.830   -1.804  9.674   1.00 62.65  ? 12 DG  D N2    1 
ATOM   907  N  N3    . DG  D 1 12 ? 9.523   -0.287  10.186  1.00 62.19  ? 12 DG  D N3    1 
ATOM   908  C  C4    . DG  D 1 12 ? 10.340  0.630   9.603   1.00 61.85  ? 12 DG  D C4    1 
ATOM   909  P  P     . DG  E 1 2  ? -39.012 -1.181  -24.305 1.00 76.48  ? 2  DG  E P     1 
ATOM   910  O  OP1   . DG  E 1 2  ? -39.879 -0.904  -25.489 1.00 75.65  ? 2  DG  E OP1   1 
ATOM   911  O  OP2   . DG  E 1 2  ? -37.519 -1.047  -24.391 1.00 75.31  ? 2  DG  E OP2   1 
ATOM   912  O  "O5'" . DG  E 1 2  ? -39.536 -0.380  -23.109 1.00 68.18  ? 2  DG  E "O5'" 1 
ATOM   913  C  "C5'" . DG  E 1 2  ? -40.246 -0.941  -22.074 1.00 126.62 ? 2  DG  E "C5'" 1 
ATOM   914  C  "C4'" . DG  E 1 2  ? -39.797 -0.340  -20.752 1.00 63.75  ? 2  DG  E "C4'" 1 
ATOM   915  O  "O4'" . DG  E 1 2  ? -39.463 -1.417  -19.858 1.00 68.80  ? 2  DG  E "O4'" 1 
ATOM   916  C  "C3'" . DG  E 1 2  ? -38.525 0.505   -20.775 1.00 97.52  ? 2  DG  E "C3'" 1 
ATOM   917  O  "O3'" . DG  E 1 2  ? -38.486 1.341   -19.595 1.00 58.98  ? 2  DG  E "O3'" 1 
ATOM   918  C  "C2'" . DG  E 1 2  ? -37.456 -0.584  -20.835 1.00 82.31  ? 2  DG  E "C2'" 1 
ATOM   919  C  "C1'" . DG  E 1 2  ? -38.071 -1.694  -19.974 1.00 58.24  ? 2  DG  E "C1'" 1 
ATOM   920  N  N9    . DG  E 1 2  ? -37.954 -3.057  -20.495 1.00 73.69  ? 2  DG  E N9    1 
ATOM   921  C  C8    . DG  E 1 2  ? -37.672 -3.514  -21.783 1.00 99.13  ? 2  DG  E C8    1 
ATOM   922  N  N7    . DG  E 1 2  ? -37.656 -4.820  -21.882 1.00 35.55  ? 2  DG  E N7    1 
ATOM   923  C  C5    . DG  E 1 2  ? -37.979 -5.242  -20.575 1.00 68.60  ? 2  DG  E C5    1 
ATOM   924  C  C6    . DG  E 1 2  ? -38.126 -6.539  -20.015 1.00 42.66  ? 2  DG  E C6    1 
ATOM   925  O  O6    . DG  E 1 2  ? -38.018 -7.637  -20.566 1.00 45.16  ? 2  DG  E O6    1 
ATOM   926  N  N1    . DG  E 1 2  ? -38.439 -6.489  -18.658 1.00 50.14  ? 2  DG  E N1    1 
ATOM   927  C  C2    . DG  E 1 2  ? -38.599 -5.342  -17.907 1.00 55.12  ? 2  DG  E C2    1 
ATOM   928  N  N2    . DG  E 1 2  ? -38.898 -5.493  -16.601 1.00 25.74  ? 2  DG  E N2    1 
ATOM   929  N  N3    . DG  E 1 2  ? -38.476 -4.132  -18.413 1.00 46.70  ? 2  DG  E N3    1 
ATOM   930  C  C4    . DG  E 1 2  ? -38.162 -4.162  -19.737 1.00 44.96  ? 2  DG  E C4    1 
ATOM   931  P  P     . DT  E 1 3  ? -37.220 2.246   -19.165 1.00 82.80  ? 3  DT  E P     1 
ATOM   932  O  OP1   . DT  E 1 3  ? -37.768 3.479   -18.546 1.00 61.94  ? 3  DT  E OP1   1 
ATOM   933  O  OP2   . DT  E 1 3  ? -36.272 2.350   -20.304 1.00 56.32  ? 3  DT  E OP2   1 
ATOM   934  O  "O5'" . DT  E 1 3  ? -36.535 1.391   -18.001 1.00 79.43  ? 3  DT  E "O5'" 1 
ATOM   935  C  "C5'" . DT  E 1 3  ? -37.275 1.170   -16.826 1.00 67.27  ? 3  DT  E "C5'" 1 
ATOM   936  C  "C4'" . DT  E 1 3  ? -36.662 0.047   -16.053 1.00 70.43  ? 3  DT  E "C4'" 1 
ATOM   937  O  "O4'" . DT  E 1 3  ? -36.611 -1.128  -16.873 1.00 80.46  ? 3  DT  E "O4'" 1 
ATOM   938  C  "C3'" . DT  E 1 3  ? -35.228 0.307   -15.652 1.00 63.52  ? 3  DT  E "C3'" 1 
ATOM   939  O  "O3'" . DT  E 1 3  ? -35.197 0.573   -14.268 1.00 100.69 ? 3  DT  E "O3'" 1 
ATOM   940  C  "C2'" . DT  E 1 3  ? -34.483 -0.982  -16.012 1.00 89.37  ? 3  DT  E "C2'" 1 
ATOM   941  C  "C1'" . DT  E 1 3  ? -35.614 -1.929  -16.330 1.00 60.22  ? 3  DT  E "C1'" 1 
ATOM   942  N  N1    . DT  E 1 3  ? -35.307 -2.918  -17.333 1.00 44.75  ? 3  DT  E N1    1 
ATOM   943  C  C2    . DT  E 1 3  ? -35.419 -4.251  -17.005 1.00 69.06  ? 3  DT  E C2    1 
ATOM   944  O  O2    . DT  E 1 3  ? -35.729 -4.647  -15.889 1.00 44.29  ? 3  DT  E O2    1 
ATOM   945  N  N3    . DT  E 1 3  ? -35.138 -5.110  -18.040 1.00 38.67  ? 3  DT  E N3    1 
ATOM   946  C  C4    . DT  E 1 3  ? -34.776 -4.786  -19.330 1.00 43.37  ? 3  DT  E C4    1 
ATOM   947  O  O4    . DT  E 1 3  ? -34.568 -5.665  -20.168 1.00 38.00  ? 3  DT  E O4    1 
ATOM   948  C  C5    . DT  E 1 3  ? -34.690 -3.353  -19.616 1.00 39.69  ? 3  DT  E C5    1 
ATOM   949  C  C7    . DT  E 1 3  ? -34.313 -2.868  -20.987 1.00 47.14  ? 3  DT  E C7    1 
ATOM   950  C  C6    . DT  E 1 3  ? -34.968 -2.493  -18.611 1.00 51.43  ? 3  DT  E C6    1 
ATOM   951  P  P     . DT  E 1 4  ? -33.814 0.895   -13.552 1.00 80.79  ? 4  DT  E P     1 
ATOM   952  O  OP1   . DT  E 1 4  ? -34.053 1.956   -12.543 1.00 77.87  ? 4  DT  E OP1   1 
ATOM   953  O  OP2   . DT  E 1 4  ? -32.795 1.064   -14.611 1.00 71.02  ? 4  DT  E OP2   1 
ATOM   954  O  "O5'" . DT  E 1 4  ? -33.522 -0.471  -12.796 1.00 96.02  ? 4  DT  E "O5'" 1 
ATOM   955  C  "C5'" . DT  E 1 4  ? -34.441 -0.897  -11.826 1.00 49.51  ? 4  DT  E "C5'" 1 
ATOM   956  C  "C4'" . DT  E 1 4  ? -34.276 -2.360  -11.554 1.00 51.51  ? 4  DT  E "C4'" 1 
ATOM   957  O  "O4'" . DT  E 1 4  ? -34.111 -3.070  -12.802 1.00 60.82  ? 4  DT  E "O4'" 1 
ATOM   958  C  "C3'" . DT  E 1 4  ? -33.060 -2.695  -10.714 1.00 59.54  ? 4  DT  E "C3'" 1 
ATOM   959  O  "O3'" . DT  E 1 4  ? -33.495 -3.478  -9.590  1.00 51.17  ? 4  DT  E "O3'" 1 
ATOM   960  C  "C2'" . DT  E 1 4  ? -32.137 -3.468  -11.675 1.00 51.02  ? 4  DT  E "C2'" 1 
ATOM   961  C  "C1'" . DT  E 1 4  ? -33.143 -4.084  -12.617 1.00 45.29  ? 4  DT  E "C1'" 1 
ATOM   962  N  N1    . DT  E 1 4  ? -32.686 -4.457  -13.947 1.00 44.34  ? 4  DT  E N1    1 
ATOM   963  C  C2    . DT  E 1 4  ? -32.894 -5.755  -14.346 1.00 47.69  ? 4  DT  E C2    1 
ATOM   964  O  O2    . DT  E 1 4  ? -33.354 -6.617  -13.601 1.00 47.10  ? 4  DT  E O2    1 
ATOM   965  N  N3    . DT  E 1 4  ? -32.513 -6.016  -15.635 1.00 31.00  ? 4  DT  E N3    1 
ATOM   966  C  C4    . DT  E 1 4  ? -31.980 -5.133  -16.553 1.00 79.03  ? 4  DT  E C4    1 
ATOM   967  O  O4    . DT  E 1 4  ? -31.668 -5.504  -17.696 1.00 30.57  ? 4  DT  E O4    1 
ATOM   968  C  C5    . DT  E 1 4  ? -31.829 -3.758  -16.072 1.00 46.88  ? 4  DT  E C5    1 
ATOM   969  C  C7    . DT  E 1 4  ? -31.271 -2.682  -16.957 1.00 32.03  ? 4  DT  E C7    1 
ATOM   970  C  C6    . DT  E 1 4  ? -32.202 -3.491  -14.804 1.00 39.14  ? 4  DT  E C6    1 
ATOM   971  P  P     . DA  E 1 5  ? -32.430 -4.086  -8.569  1.00 67.95  ? 5  DA  E P     1 
ATOM   972  O  OP1   . DA  E 1 5  ? -32.936 -3.857  -7.193  1.00 77.73  ? 5  DA  E OP1   1 
ATOM   973  O  OP2   . DA  E 1 5  ? -31.104 -3.548  -8.972  1.00 60.10  ? 5  DA  E OP2   1 
ATOM   974  O  "O5'" . DA  E 1 5  ? -32.444 -5.672  -8.833  1.00 70.23  ? 5  DA  E "O5'" 1 
ATOM   975  C  "C5'" . DA  E 1 5  ? -33.488 -6.295  -9.542  1.00 56.35  ? 5  DA  E "C5'" 1 
ATOM   976  C  "C4'" . DA  E 1 5  ? -33.278 -7.788  -9.563  1.00 80.75  ? 5  DA  E "C4'" 1 
ATOM   977  O  "O4'" . DA  E 1 5  ? -32.726 -8.182  -10.830 1.00 81.68  ? 5  DA  E "O4'" 1 
ATOM   978  C  "C3'" . DA  E 1 5  ? -32.278 -8.297  -8.555  1.00 81.36  ? 5  DA  E "C3'" 1 
ATOM   979  O  "O3'" . DA  E 1 5  ? -32.542 -9.694  -8.285  1.00 82.38  ? 5  DA  E "O3'" 1 
ATOM   980  C  "C2'" . DA  E 1 5  ? -30.953 -8.082  -9.267  1.00 77.90  ? 5  DA  E "C2'" 1 
ATOM   981  C  "C1'" . DA  E 1 5  ? -31.336 -8.436  -10.684 1.00 79.08  ? 5  DA  E "C1'" 1 
ATOM   982  N  N9    . DA  E 1 5  ? -30.687 -7.650  -11.701 1.00 56.17  ? 5  DA  E N9    1 
ATOM   983  C  C8    . DA  E 1 5  ? -30.462 -6.296  -11.713 1.00 62.46  ? 5  DA  E C8    1 
ATOM   984  N  N7    . DA  E 1 5  ? -29.893 -5.872  -12.824 1.00 59.66  ? 5  DA  E N7    1 
ATOM   985  C  C5    . DA  E 1 5  ? -29.763 -7.030  -13.586 1.00 50.39  ? 5  DA  E C5    1 
ATOM   986  C  C6    . DA  E 1 5  ? -29.244 -7.270  -14.864 1.00 50.57  ? 5  DA  E C6    1 
ATOM   987  N  N6    . DA  E 1 5  ? -28.738 -6.305  -15.635 1.00 51.80  ? 5  DA  E N6    1 
ATOM   988  N  N1    . DA  E 1 5  ? -29.279 -8.550  -15.327 1.00 56.89  ? 5  DA  E N1    1 
ATOM   989  C  C2    . DA  E 1 5  ? -29.775 -9.518  -14.551 1.00 43.74  ? 5  DA  E C2    1 
ATOM   990  N  N3    . DA  E 1 5  ? -30.304 -9.410  -13.335 1.00 46.64  ? 5  DA  E N3    1 
ATOM   991  C  C4    . DA  E 1 5  ? -30.260 -8.129  -12.910 1.00 62.40  ? 5  DA  E C4    1 
ATOM   992  P  P     . DA  E 1 6  ? -31.528 -10.599 -7.434  1.00 97.01  ? 6  DA  E P     1 
ATOM   993  O  OP1   . DA  E 1 6  ? -32.292 -11.707 -6.824  1.00 66.67  ? 6  DA  E OP1   1 
ATOM   994  O  OP2   . DA  E 1 6  ? -30.706 -9.692  -6.614  1.00 44.20  ? 6  DA  E OP2   1 
ATOM   995  O  "O5'" . DA  E 1 6  ? -30.598 -11.245 -8.540  1.00 74.97  ? 6  DA  E "O5'" 1 
ATOM   996  C  "C5'" . DA  E 1 6  ? -31.234 -11.953 -9.544  1.00 69.34  ? 6  DA  E "C5'" 1 
ATOM   997  C  "C4'" . DA  E 1 6  ? -30.224 -12.768 -10.301 1.00 89.67  ? 6  DA  E "C4'" 1 
ATOM   998  O  "O4'" . DA  E 1 6  ? -29.608 -11.966 -11.337 1.00 78.53  ? 6  DA  E "O4'" 1 
ATOM   999  C  "C3'" . DA  E 1 6  ? -29.101 -13.264 -9.401  1.00 86.69  ? 6  DA  E "C3'" 1 
ATOM   1000 O  "O3'" . DA  E 1 6  ? -28.921 -14.681 -9.576  1.00 55.08  ? 6  DA  E "O3'" 1 
ATOM   1001 C  "C2'" . DA  E 1 6  ? -27.878 -12.445 -9.815  1.00 96.54  ? 6  DA  E "C2'" 1 
ATOM   1002 C  "C1'" . DA  E 1 6  ? -28.201 -12.024 -11.228 1.00 53.50  ? 6  DA  E "C1'" 1 
ATOM   1003 N  N9    . DA  E 1 6  ? -27.671 -10.725 -11.576 1.00 47.11  ? 6  DA  E N9    1 
ATOM   1004 C  C8    . DA  E 1 6  ? -27.570 -9.602  -10.798 1.00 50.77  ? 6  DA  E C8    1 
ATOM   1005 N  N7    . DA  E 1 6  ? -27.049 -8.559  -11.449 1.00 55.88  ? 6  DA  E N7    1 
ATOM   1006 C  C5    . DA  E 1 6  ? -26.794 -9.058  -12.739 1.00 38.68  ? 6  DA  E C5    1 
ATOM   1007 C  C6    . DA  E 1 6  ? -26.245 -8.498  -13.952 1.00 51.54  ? 6  DA  E C6    1 
ATOM   1008 N  N6    . DA  E 1 6  ? -25.817 -7.231  -14.121 1.00 25.23  ? 6  DA  E N6    1 
ATOM   1009 N  N1    . DA  E 1 6  ? -26.154 -9.317  -15.015 1.00 39.60  ? 6  DA  E N1    1 
ATOM   1010 C  C2    . DA  E 1 6  ? -26.583 -10.582 -14.912 1.00 55.42  ? 6  DA  E C2    1 
ATOM   1011 N  N3    . DA  E 1 6  ? -27.117 -11.208 -13.863 1.00 41.28  ? 6  DA  E N3    1 
ATOM   1012 C  C4    . DA  E 1 6  ? -27.188 -10.389 -12.808 1.00 44.29  ? 6  DA  E C4    1 
ATOM   1013 P  P     . DT  E 1 7  ? -27.514 -15.384 -9.282  1.00 94.66  ? 7  DT  E P     1 
ATOM   1014 O  OP1   . DT  E 1 7  ? -27.819 -16.797 -8.959  1.00 59.32  ? 7  DT  E OP1   1 
ATOM   1015 O  OP2   . DT  E 1 7  ? -26.784 -14.519 -8.322  1.00 55.95  ? 7  DT  E OP2   1 
ATOM   1016 O  "O5'" . DT  E 1 7  ? -26.721 -15.340 -10.689 1.00 57.93  ? 7  DT  E "O5'" 1 
ATOM   1017 C  "C5'" . DT  E 1 7  ? -27.383 -15.767 -11.864 1.00 74.36  ? 7  DT  E "C5'" 1 
ATOM   1018 C  "C4'" . DT  E 1 7  ? -26.443 -15.778 -13.024 1.00 67.87  ? 7  DT  E "C4'" 1 
ATOM   1019 O  "O4'" . DT  E 1 7  ? -26.019 -14.431 -13.353 1.00 85.06  ? 7  DT  E "O4'" 1 
ATOM   1020 C  "C3'" . DT  E 1 7  ? -25.183 -16.556 -12.732 1.00 68.02  ? 7  DT  E "C3'" 1 
ATOM   1021 O  "O3'" . DT  E 1 7  ? -24.884 -17.381 -13.881 1.00 132.38 ? 7  DT  E "O3'" 1 
ATOM   1022 C  "C2'" . DT  E 1 7  ? -24.146 -15.461 -12.447 1.00 74.72  ? 7  DT  E "C2'" 1 
ATOM   1023 C  "C1'" . DT  E 1 7  ? -24.604 -14.375 -13.383 1.00 56.25  ? 7  DT  E "C1'" 1 
ATOM   1024 N  N1    . DT  E 1 7  ? -24.213 -12.992 -13.024 1.00 51.51  ? 7  DT  E N1    1 
ATOM   1025 C  C2    . DT  E 1 7  ? -23.770 -12.169 -14.044 1.00 61.11  ? 7  DT  E C2    1 
ATOM   1026 O  O2    . DT  E 1 7  ? -23.632 -12.553 -15.200 1.00 45.49  ? 7  DT  E O2    1 
ATOM   1027 N  N3    . DT  E 1 7  ? -23.471 -10.882 -13.659 1.00 44.31  ? 7  DT  E N3    1 
ATOM   1028 C  C4    . DT  E 1 7  ? -23.585 -10.337 -12.385 1.00 65.94  ? 7  DT  E C4    1 
ATOM   1029 O  O4    . DT  E 1 7  ? -23.288 -9.154  -12.154 1.00 38.42  ? 7  DT  E O4    1 
ATOM   1030 C  C5    . DT  E 1 7  ? -24.076 -11.251 -11.357 1.00 56.62  ? 7  DT  E C5    1 
ATOM   1031 C  C7    . DT  E 1 7  ? -24.244 -10.771 -9.942  1.00 44.64  ? 7  DT  E C7    1 
ATOM   1032 C  C6    . DT  E 1 7  ? -24.371 -12.527 -11.721 1.00 34.39  ? 7  DT  E C6    1 
ATOM   1033 P  P     . DT  E 1 8  ? -23.649 -18.386 -13.907 1.00 75.84  ? 8  DT  E P     1 
ATOM   1034 O  OP1   . DT  E 1 8  ? -24.059 -19.625 -14.623 1.00 67.81  ? 8  DT  E OP1   1 
ATOM   1035 O  OP2   . DT  E 1 8  ? -23.115 -18.445 -12.524 1.00 60.03  ? 8  DT  E OP2   1 
ATOM   1036 O  "O5'" . DT  E 1 8  ? -22.610 -17.615 -14.843 1.00 103.78 ? 8  DT  E "O5'" 1 
ATOM   1037 C  "C5'" . DT  E 1 8  ? -23.026 -17.201 -16.142 1.00 74.37  ? 8  DT  E "C5'" 1 
ATOM   1038 C  "C4'" . DT  E 1 8  ? -21.987 -16.311 -16.764 1.00 63.36  ? 8  DT  E "C4'" 1 
ATOM   1039 O  "O4'" . DT  E 1 8  ? -21.928 -15.044 -16.049 1.00 77.28  ? 8  DT  E "O4'" 1 
ATOM   1040 C  "C3'" . DT  E 1 8  ? -20.576 -16.894 -16.718 1.00 85.10  ? 8  DT  E "C3'" 1 
ATOM   1041 O  "O3'" . DT  E 1 8  ? -20.009 -16.865 -18.052 1.00 64.57  ? 8  DT  E "O3'" 1 
ATOM   1042 C  "C2'" . DT  E 1 8  ? -19.858 -16.000 -15.693 1.00 61.01  ? 8  DT  E "C2'" 1 
ATOM   1043 C  "C1'" . DT  E 1 8  ? -20.574 -14.688 -15.876 1.00 55.70  ? 8  DT  E "C1'" 1 
ATOM   1044 N  N1    . DT  E 1 8  ? -20.444 -13.731 -14.740 1.00 53.29  ? 8  DT  E N1    1 
ATOM   1045 C  C2    . DT  E 1 8  ? -20.054 -12.449 -15.032 1.00 68.86  ? 8  DT  E C2    1 
ATOM   1046 O  O2    . DT  E 1 8  ? -19.789 -12.077 -16.168 1.00 60.32  ? 8  DT  E O2    1 
ATOM   1047 N  N3    . DT  E 1 8  ? -19.976 -11.616 -13.944 1.00 50.65  ? 8  DT  E N3    1 
ATOM   1048 C  C4    . DT  E 1 8  ? -20.243 -11.927 -12.624 1.00 75.75  ? 8  DT  E C4    1 
ATOM   1049 O  O4    . DT  E 1 8  ? -20.147 -11.096 -11.722 1.00 56.68  ? 8  DT  E O4    1 
ATOM   1050 C  C5    . DT  E 1 8  ? -20.651 -13.290 -12.380 1.00 53.42  ? 8  DT  E C5    1 
ATOM   1051 C  C7    . DT  E 1 8  ? -20.974 -13.727 -10.979 1.00 46.10  ? 8  DT  E C7    1 
ATOM   1052 C  C6    . DT  E 1 8  ? -20.734 -14.126 -13.444 1.00 45.34  ? 8  DT  E C6    1 
ATOM   1053 P  P     . DA  E 1 9  ? -18.543 -17.414 -18.389 1.00 77.53  ? 9  DA  E P     1 
ATOM   1054 O  OP1   . DA  E 1 9  ? -18.671 -18.472 -19.416 1.00 71.18  ? 9  DA  E OP1   1 
ATOM   1055 O  OP2   . DA  E 1 9  ? -17.869 -17.725 -17.103 1.00 61.81  ? 9  DA  E OP2   1 
ATOM   1056 O  "O5'" . DA  E 1 9  ? -17.837 -16.135 -19.066 1.00 67.02  ? 9  DA  E "O5'" 1 
ATOM   1057 C  "C5'" . DA  E 1 9  ? -18.601 -14.967 -19.313 1.00 66.00  ? 9  DA  E "C5'" 1 
ATOM   1058 C  "C4'" . DA  E 1 9  ? -17.710 -13.821 -19.662 1.00 79.25  ? 9  DA  E "C4'" 1 
ATOM   1059 O  "O4'" . DA  E 1 9  ? -17.659 -12.931 -18.532 1.00 58.10  ? 9  DA  E "O4'" 1 
ATOM   1060 C  "C3'" . DA  E 1 9  ? -16.280 -14.227 -19.943 1.00 54.93  ? 9  DA  E "C3'" 1 
ATOM   1061 O  "O3'" . DA  E 1 9  ? -15.703 -13.341 -20.911 1.00 55.85  ? 9  DA  E "O3'" 1 
ATOM   1062 C  "C2'" . DA  E 1 9  ? -15.611 -14.092 -18.591 1.00 60.32  ? 9  DA  E "C2'" 1 
ATOM   1063 C  "C1'" . DA  E 1 9  ? -16.342 -12.904 -18.004 1.00 51.68  ? 9  DA  E "C1'" 1 
ATOM   1064 N  N9    . DA  E 1 9  ? -16.447 -12.919 -16.551 1.00 59.72  ? 9  DA  E N9    1 
ATOM   1065 C  C8    . DA  E 1 9  ? -16.727 -13.998 -15.755 1.00 52.35  ? 9  DA  E C8    1 
ATOM   1066 N  N7    . DA  E 1 9  ? -16.792 -13.704 -14.464 1.00 56.98  ? 9  DA  E N7    1 
ATOM   1067 C  C5    . DA  E 1 9  ? -16.540 -12.326 -14.418 1.00 54.02  ? 9  DA  E C5    1 
ATOM   1068 C  C6    . DA  E 1 9  ? -16.463 -11.384 -13.346 1.00 42.06  ? 9  DA  E C6    1 
ATOM   1069 N  N6    . DA  E 1 9  ? -16.633 -11.691 -12.059 1.00 41.60  ? 9  DA  E N6    1 
ATOM   1070 N  N1    . DA  E 1 9  ? -16.183 -10.098 -13.662 1.00 43.17  ? 9  DA  E N1    1 
ATOM   1071 C  C2    . DA  E 1 9  ? -16.012 -9.762  -14.954 1.00 60.49  ? 9  DA  E C2    1 
ATOM   1072 N  N3    . DA  E 1 9  ? -16.066 -10.541 -16.041 1.00 50.75  ? 9  DA  E N3    1 
ATOM   1073 C  C4    . DA  E 1 9  ? -16.325 -11.830 -15.699 1.00 44.61  ? 9  DA  E C4    1 
ATOM   1074 P  P     . DA  E 1 10 ? -14.184 -13.487 -21.403 1.00 65.80  ? 10 DA  E P     1 
ATOM   1075 O  OP1   . DA  E 1 10 ? -14.126 -13.014 -22.806 1.00 74.17  ? 10 DA  E OP1   1 
ATOM   1076 O  OP2   . DA  E 1 10 ? -13.691 -14.833 -21.027 1.00 74.33  ? 10 DA  E OP2   1 
ATOM   1077 O  "O5'" . DA  E 1 10 ? -13.413 -12.423 -20.523 1.00 69.23  ? 10 DA  E "O5'" 1 
ATOM   1078 C  "C5'" . DA  E 1 10 ? -13.832 -11.101 -20.609 1.00 60.71  ? 10 DA  E "C5'" 1 
ATOM   1079 C  "C4'" . DA  E 1 10 ? -13.056 -10.246 -19.629 1.00 50.91  ? 10 DA  E "C4'" 1 
ATOM   1080 O  "O4'" . DA  E 1 10 ? -13.498 -10.524 -18.289 1.00 63.44  ? 10 DA  E "O4'" 1 
ATOM   1081 C  "C3'" . DA  E 1 10 ? -11.553 -10.502 -19.631 1.00 56.87  ? 10 DA  E "C3'" 1 
ATOM   1082 O  "O3'" . DA  E 1 10 ? -10.879 -9.382  -20.207 1.00 77.96  ? 10 DA  E "O3'" 1 
ATOM   1083 C  "C2'" . DA  E 1 10 ? -11.184 -10.702 -18.161 1.00 80.63  ? 10 DA  E "C2'" 1 
ATOM   1084 C  "C1'" . DA  E 1 10 ? -12.435 -10.278 -17.420 1.00 39.03  ? 10 DA  E "C1'" 1 
ATOM   1085 N  N9    . DA  E 1 10 ? -12.689 -11.031 -16.202 1.00 52.11  ? 10 DA  E N9    1 
ATOM   1086 C  C8    . DA  E 1 10 ? -12.863 -12.383 -16.091 1.00 48.82  ? 10 DA  E C8    1 
ATOM   1087 N  N7    . DA  E 1 10 ? -13.092 -12.788 -14.849 1.00 47.42  ? 10 DA  E N7    1 
ATOM   1088 C  C5    . DA  E 1 10 ? -13.071 -11.606 -14.107 1.00 45.61  ? 10 DA  E C5    1 
ATOM   1089 C  C6    . DA  E 1 10 ? -13.262 -11.326 -12.734 1.00 44.41  ? 10 DA  E C6    1 
ATOM   1090 N  N6    . DA  E 1 10 ? -13.518 -12.259 -11.804 1.00 32.38  ? 10 DA  E N6    1 
ATOM   1091 N  N1    . DA  E 1 10 ? -13.170 -10.037 -12.354 1.00 42.48  ? 10 DA  E N1    1 
ATOM   1092 C  C2    . DA  E 1 10 ? -12.921 -9.086  -13.265 1.00 46.40  ? 10 DA  E C2    1 
ATOM   1093 N  N3    . DA  E 1 10 ? -12.743 -9.216  -14.567 1.00 45.02  ? 10 DA  E N3    1 
ATOM   1094 C  C4    . DA  E 1 10 ? -12.827 -10.515 -14.928 1.00 58.53  ? 10 DA  E C4    1 
ATOM   1095 P  P     . DC  E 1 11 ? -9.308  -9.395  -20.550 1.00 60.86  ? 11 DC  E P     1 
ATOM   1096 O  OP1   . DC  E 1 11 ? -9.089  -8.448  -21.661 1.00 57.72  ? 11 DC  E OP1   1 
ATOM   1097 O  OP2   . DC  E 1 11 ? -8.832  -10.808 -20.661 1.00 55.38  ? 11 DC  E OP2   1 
ATOM   1098 O  "O5'" . DC  E 1 11 ? -8.690  -8.751  -19.229 1.00 72.54  ? 11 DC  E "O5'" 1 
ATOM   1099 C  "C5'" . DC  E 1 11 ? -9.067  -7.426  -18.873 1.00 47.51  ? 11 DC  E "C5'" 1 
ATOM   1100 C  "C4'" . DC  E 1 11 ? -8.522  -7.076  -17.523 1.00 54.04  ? 11 DC  E "C4'" 1 
ATOM   1101 O  "O4'" . DC  E 1 11 ? -9.210  -7.858  -16.505 1.00 64.55  ? 11 DC  E "O4'" 1 
ATOM   1102 C  "C3'" . DC  E 1 11 ? -7.034  -7.397  -17.366 1.00 58.19  ? 11 DC  E "C3'" 1 
ATOM   1103 O  "O3'" . DC  E 1 11 ? -6.356  -6.379  -16.616 1.00 52.45  ? 11 DC  E "O3'" 1 
ATOM   1104 C  "C2'" . DC  E 1 11 ? -7.059  -8.675  -16.573 1.00 55.86  ? 11 DC  E "C2'" 1 
ATOM   1105 C  "C1'" . DC  E 1 11 ? -8.236  -8.409  -15.658 1.00 47.30  ? 11 DC  E "C1'" 1 
ATOM   1106 N  N1    . DC  E 1 11 ? -8.779  -9.608  -14.963 1.00 51.20  ? 11 DC  E N1    1 
ATOM   1107 C  C2    . DC  E 1 11 ? -9.274  -9.468  -13.667 1.00 52.56  ? 11 DC  E C2    1 
ATOM   1108 O  O2    . DC  E 1 11 ? -9.264  -8.354  -13.132 1.00 40.76  ? 11 DC  E O2    1 
ATOM   1109 N  N3    . DC  E 1 11 ? -9.753  -10.562 -13.027 1.00 40.15  ? 11 DC  E N3    1 
ATOM   1110 C  C4    . DC  E 1 11 ? -9.749  -11.751 -13.625 1.00 67.02  ? 11 DC  E C4    1 
ATOM   1111 N  N4    . DC  E 1 11 ? -10.228 -12.804 -12.935 1.00 42.67  ? 11 DC  E N4    1 
ATOM   1112 C  C5    . DC  E 1 11 ? -9.246  -11.911 -14.948 1.00 47.06  ? 11 DC  E C5    1 
ATOM   1113 C  C6    . DC  E 1 11 ? -8.774  -10.822 -15.572 1.00 40.69  ? 11 DC  E C6    1 
ATOM   1114 P  P     . DG  E 1 12 ? -4.974  -5.658  -17.038 1.00 66.70  ? 12 DG  E P     1 
ATOM   1115 O  OP1   . DG  E 1 12 ? -4.963  -4.319  -16.378 1.00 49.17  ? 12 DG  E OP1   1 
ATOM   1116 O  OP2   . DG  E 1 12 ? -4.695  -5.785  -18.500 1.00 58.01  ? 12 DG  E OP2   1 
ATOM   1117 O  "O5'" . DG  E 1 12 ? -3.968  -6.576  -16.236 1.00 48.39  ? 12 DG  E "O5'" 1 
ATOM   1118 C  "C5'" . DG  E 1 12 ? -4.364  -6.950  -14.934 1.00 66.86  ? 12 DG  E "C5'" 1 
ATOM   1119 C  "C4'" . DG  E 1 12 ? -3.303  -7.791  -14.245 1.00 65.83  ? 12 DG  E "C4'" 1 
ATOM   1120 O  "O4'" . DG  E 1 12 ? -3.560  -9.196  -14.487 1.00 67.33  ? 12 DG  E "O4'" 1 
ATOM   1121 C  "C3'" . DG  E 1 12 ? -1.874  -7.524  -14.738 1.00 63.77  ? 12 DG  E "C3'" 1 
ATOM   1122 O  "O3'" . DG  E 1 12 ? -1.084  -6.854  -13.759 1.00 60.95  ? 12 DG  E "O3'" 1 
ATOM   1123 C  "C2'" . DG  E 1 12 ? -1.307  -8.894  -15.036 1.00 100.21 ? 12 DG  E "C2'" 1 
ATOM   1124 C  "C1'" . DG  E 1 12 ? -2.531  -9.718  -15.296 1.00 57.65  ? 12 DG  E "C1'" 1 
ATOM   1125 N  N9    . DG  E 1 12 ? -2.927  -9.618  -16.677 1.00 71.72  ? 12 DG  E N9    1 
ATOM   1126 C  C8    . DG  E 1 12 ? -2.379  -8.802  -17.640 1.00 68.60  ? 12 DG  E C8    1 
ATOM   1127 N  N7    . DG  E 1 12 ? -2.962  -8.922  -18.798 1.00 62.25  ? 12 DG  E N7    1 
ATOM   1128 C  C5    . DG  E 1 12 ? -3.947  -9.881  -18.582 1.00 66.96  ? 12 DG  E C5    1 
ATOM   1129 C  C6    . DG  E 1 12 ? -4.888  -10.437 -19.467 1.00 75.21  ? 12 DG  E C6    1 
ATOM   1130 O  O6    . DG  E 1 12 ? -5.056  -10.190 -20.668 1.00 68.33  ? 12 DG  E O6    1 
ATOM   1131 N  N1    . DG  E 1 12 ? -5.697  -11.374 -18.834 1.00 52.81  ? 12 DG  E N1    1 
ATOM   1132 C  C2    . DG  E 1 12 ? -5.597  -11.741 -17.511 1.00 78.15  ? 12 DG  E C2    1 
ATOM   1133 N  N2    . DG  E 1 12 ? -6.466  -12.668 -17.075 1.00 61.20  ? 12 DG  E N2    1 
ATOM   1134 N  N3    . DG  E 1 12 ? -4.720  -11.226 -16.671 1.00 61.62  ? 12 DG  E N3    1 
ATOM   1135 C  C4    . DG  E 1 12 ? -3.932  -10.313 -17.278 1.00 74.88  ? 12 DG  E C4    1 
ATOM   1136 P  P     . DG  F 1 2  ? -10.050 -12.138 -2.555  1.00 95.08  ? 2  DG  F P     1 
ATOM   1137 O  OP1   . DG  F 1 2  ? -8.915  -12.760 -1.838  1.00 59.21  ? 2  DG  F OP1   1 
ATOM   1138 O  OP2   . DG  F 1 2  ? -11.377 -12.041 -1.900  1.00 81.45  ? 2  DG  F OP2   1 
ATOM   1139 O  "O5'" . DG  F 1 2  ? -9.610  -10.679 -3.099  1.00 81.29  ? 2  DG  F "O5'" 1 
ATOM   1140 C  "C5'" . DG  F 1 2  ? -10.001 -9.521  -2.416  1.00 77.48  ? 2  DG  F "C5'" 1 
ATOM   1141 C  "C4'" . DG  F 1 2  ? -9.684  -8.300  -3.159  1.00 69.87  ? 2  DG  F "C4'" 1 
ATOM   1142 O  "O4'" . DG  F 1 2  ? -9.420  -8.547  -4.564  1.00 71.00  ? 2  DG  F "O4'" 1 
ATOM   1143 C  "C3'" . DG  F 1 2  ? -10.939 -7.563  -3.097  1.00 60.13  ? 2  DG  F "C3'" 1 
ATOM   1144 O  "O3'" . DG  F 1 2  ? -10.759 -6.242  -3.186  1.00 125.55 ? 2  DG  F "O3'" 1 
ATOM   1145 C  "C2'" . DG  F 1 2  ? -11.696 -8.093  -4.276  1.00 75.34  ? 2  DG  F "C2'" 1 
ATOM   1146 C  "C1'" . DG  F 1 2  ? -10.596 -8.277  -5.311  1.00 67.00  ? 2  DG  F "C1'" 1 
ATOM   1147 N  N9    . DG  F 1 2  ? -10.746 -9.404  -6.246  1.00 54.93  ? 2  DG  F N9    1 
ATOM   1148 C  C8    . DG  F 1 2  ? -11.023 -10.716 -5.926  1.00 64.58  ? 2  DG  F C8    1 
ATOM   1149 N  N7    . DG  F 1 2  ? -11.041 -11.525 -6.956  1.00 29.09  ? 2  DG  F N7    1 
ATOM   1150 C  C5    . DG  F 1 2  ? -10.728 -10.699 -8.033  1.00 58.36  ? 2  DG  F C5    1 
ATOM   1151 C  C6    . DG  F 1 2  ? -10.591 -11.008 -9.416  1.00 43.91  ? 2  DG  F C6    1 
ATOM   1152 O  O6    . DG  F 1 2  ? -10.724 -12.107 -9.969  1.00 42.72  ? 2  DG  F O6    1 
ATOM   1153 N  N1    . DG  F 1 2  ? -10.269 -9.882  -10.171 1.00 45.21  ? 2  DG  F N1    1 
ATOM   1154 C  C2    . DG  F 1 2  ? -10.111 -8.606  -9.669  1.00 46.15  ? 2  DG  F C2    1 
ATOM   1155 N  N2    . DG  F 1 2  ? -9.820  -7.641  -10.559 1.00 50.74  ? 2  DG  F N2    1 
ATOM   1156 N  N3    . DG  F 1 2  ? -10.227 -8.305  -8.377  1.00 61.19  ? 2  DG  F N3    1 
ATOM   1157 C  C4    . DG  F 1 2  ? -10.533 -9.393  -7.615  1.00 48.89  ? 2  DG  F C4    1 
ATOM   1158 P  P     . DT  F 1 3  ? -12.032 -5.644  -2.751  1.00 78.02  ? 3  DT  F P     1 
ATOM   1159 O  OP1   . DT  F 1 3  ? -11.741 -4.445  -1.916  1.00 85.88  ? 3  DT  F OP1   1 
ATOM   1160 O  OP2   . DT  F 1 3  ? -12.868 -6.748  -2.240  1.00 56.66  ? 3  DT  F OP2   1 
ATOM   1161 O  "O5'" . DT  F 1 3  ? -12.642 -5.182  -4.143  1.00 91.74  ? 3  DT  F "O5'" 1 
ATOM   1162 C  "C5'" . DT  F 1 3  ? -11.777 -4.685  -5.123  1.00 78.16  ? 3  DT  F "C5'" 1 
ATOM   1163 C  "C4'" . DT  F 1 3  ? -12.417 -4.758  -6.488  1.00 102.39 ? 3  DT  F "C4'" 1 
ATOM   1164 O  "O4'" . DT  F 1 3  ? -12.379 -6.109  -6.963  1.00 66.57  ? 3  DT  F "O4'" 1 
ATOM   1165 C  "C3'" . DT  F 1 3  ? -13.893 -4.382  -6.524  1.00 73.70  ? 3  DT  F "C3'" 1 
ATOM   1166 O  "O3'" . DT  F 1 3  ? -14.049 -3.038  -6.949  1.00 74.71  ? 3  DT  F "O3'" 1 
ATOM   1167 C  "C2'" . DT  F 1 3  ? -14.502 -5.353  -7.532  1.00 68.70  ? 3  DT  F "C2'" 1 
ATOM   1168 C  "C1'" . DT  F 1 3  ? -13.328 -6.179  -8.000  1.00 41.78  ? 3  DT  F "C1'" 1 
ATOM   1169 N  N1    . DT  F 1 3  ? -13.621 -7.603  -8.240  1.00 55.89  ? 3  DT  F N1    1 
ATOM   1170 C  C2    . DT  F 1 3  ? -13.411 -8.112  -9.508  1.00 64.10  ? 3  DT  F C2    1 
ATOM   1171 O  O2    . DT  F 1 3  ? -13.044 -7.429  -10.455 1.00 44.09  ? 3  DT  F O2    1 
ATOM   1172 N  N3    . DT  F 1 3  ? -13.662 -9.459  -9.631  1.00 48.40  ? 3  DT  F N3    1 
ATOM   1173 C  C4    . DT  F 1 3  ? -14.072 -10.332 -8.642  1.00 54.67  ? 3  DT  F C4    1 
ATOM   1174 O  O4    . DT  F 1 3  ? -14.266 -11.522 -8.854  1.00 51.46  ? 3  DT  F O4    1 
ATOM   1175 C  C5    . DT  F 1 3  ? -14.264 -9.744  -7.341  1.00 48.29  ? 3  DT  F C5    1 
ATOM   1176 C  C7    . DT  F 1 3  ? -14.705 -10.624 -6.222  1.00 60.68  ? 3  DT  F C7    1 
ATOM   1177 C  C6    . DT  F 1 3  ? -14.026 -8.417  -7.190  1.00 40.34  ? 3  DT  F C6    1 
ATOM   1178 P  P     . DT  F 1 4  ? -15.496 -2.419  -7.271  1.00 79.61  ? 4  DT  F P     1 
ATOM   1179 O  OP1   . DT  F 1 4  ? -15.475 -1.018  -6.778  1.00 58.88  ? 4  DT  F OP1   1 
ATOM   1180 O  OP2   . DT  F 1 4  ? -16.554 -3.352  -6.808  1.00 71.91  ? 4  DT  F OP2   1 
ATOM   1181 O  "O5'" . DT  F 1 4  ? -15.519 -2.414  -8.873  1.00 83.06  ? 4  DT  F "O5'" 1 
ATOM   1182 C  "C5'" . DT  F 1 4  ? -14.398 -1.939  -9.581  1.00 55.52  ? 4  DT  F "C5'" 1 
ATOM   1183 C  "C4'" . DT  F 1 4  ? -14.459 -2.418  -11.009 1.00 95.59  ? 4  DT  F "C4'" 1 
ATOM   1184 O  "O4'" . DT  F 1 4  ? -14.535 -3.863  -11.020 1.00 49.18  ? 4  DT  F "O4'" 1 
ATOM   1185 C  "C3'" . DT  F 1 4  ? -15.672 -1.919  -11.788 1.00 59.42  ? 4  DT  F "C3'" 1 
ATOM   1186 O  "O3'" . DT  F 1 4  ? -15.237 -1.350  -13.035 1.00 95.65  ? 4  DT  F "O3'" 1 
ATOM   1187 C  "C2'" . DT  F 1 4  ? -16.534 -3.162  -11.990 1.00 57.48  ? 4  DT  F "C2'" 1 
ATOM   1188 C  "C1'" . DT  F 1 4  ? -15.508 -4.276  -11.943 1.00 48.01  ? 4  DT  F "C1'" 1 
ATOM   1189 N  N1    . DT  F 1 4  ? -15.995 -5.600  -11.503 1.00 55.87  ? 4  DT  F N1    1 
ATOM   1190 C  C2    . DT  F 1 4  ? -15.721 -6.660  -12.322 1.00 57.68  ? 4  DT  F C2    1 
ATOM   1191 O  O2    . DT  F 1 4  ? -15.144 -6.546  -13.396 1.00 64.41  ? 4  DT  F O2    1 
ATOM   1192 N  N3    . DT  F 1 4  ? -16.164 -7.867  -11.851 1.00 51.16  ? 4  DT  F N3    1 
ATOM   1193 C  C4    . DT  F 1 4  ? -16.821 -8.115  -10.662 1.00 59.63  ? 4  DT  F C4    1 
ATOM   1194 O  O4    . DT  F 1 4  ? -17.167 -9.240  -10.328 1.00 31.90  ? 4  DT  F O4    1 
ATOM   1195 C  C5    . DT  F 1 4  ? -17.064 -6.970  -9.834  1.00 65.51  ? 4  DT  F C5    1 
ATOM   1196 C  C7    . DT  F 1 4  ? -17.781 -7.170  -8.541  1.00 44.42  ? 4  DT  F C7    1 
ATOM   1197 C  C6    . DT  F 1 4  ? -16.648 -5.762  -10.284 1.00 48.95  ? 4  DT  F C6    1 
ATOM   1198 P  P     . DA  F 1 5  ? -16.257 -0.947  -14.205 1.00 73.98  ? 5  DA  F P     1 
ATOM   1199 O  OP1   . DA  F 1 5  ? -15.650 0.213   -14.910 1.00 65.52  ? 5  DA  F OP1   1 
ATOM   1200 O  OP2   . DA  F 1 5  ? -17.601 -0.827  -13.603 1.00 79.53  ? 5  DA  F OP2   1 
ATOM   1201 O  "O5'" . DA  F 1 5  ? -16.261 -2.230  -15.200 1.00 92.92  ? 5  DA  F "O5'" 1 
ATOM   1202 C  "C5'" . DA  F 1 5  ? -15.027 -2.637  -15.812 1.00 72.80  ? 5  DA  F "C5'" 1 
ATOM   1203 C  "C4'" . DA  F 1 5  ? -15.222 -3.514  -17.040 1.00 83.91  ? 5  DA  F "C4'" 1 
ATOM   1204 O  "O4'" . DA  F 1 5  ? -15.688 -4.842  -16.676 1.00 56.26  ? 5  DA  F "O4'" 1 
ATOM   1205 C  "C3'" . DA  F 1 5  ? -16.245 -3.000  -18.015 1.00 47.86  ? 5  DA  F "C3'" 1 
ATOM   1206 O  "O3'" . DA  F 1 5  ? -15.911 -3.443  -19.356 1.00 67.62  ? 5  DA  F "O3'" 1 
ATOM   1207 C  "C2'" . DA  F 1 5  ? -17.528 -3.630  -17.509 1.00 68.48  ? 5  DA  F "C2'" 1 
ATOM   1208 C  "C1'" . DA  F 1 5  ? -17.052 -4.988  -17.019 1.00 42.22  ? 5  DA  F "C1'" 1 
ATOM   1209 N  N9    . DA  F 1 5  ? -17.740 -5.454  -15.829 1.00 81.34  ? 5  DA  F N9    1 
ATOM   1210 C  C8    . DA  F 1 5  ? -18.010 -4.715  -14.713 1.00 53.11  ? 5  DA  F C8    1 
ATOM   1211 N  N7    . DA  F 1 5  ? -18.620 -5.400  -13.760 1.00 70.80  ? 5  DA  F N7    1 
ATOM   1212 C  C5    . DA  F 1 5  ? -18.762 -6.675  -14.296 1.00 31.18  ? 5  DA  F C5    1 
ATOM   1213 C  C6    . DA  F 1 5  ? -19.314 -7.878  -13.780 1.00 64.02  ? 5  DA  F C6    1 
ATOM   1214 N  N6    . DA  F 1 5  ? -19.874 -7.999  -12.569 1.00 42.31  ? 5  DA  F N6    1 
ATOM   1215 N  N1    . DA  F 1 5  ? -19.263 -8.963  -14.569 1.00 35.33  ? 5  DA  F N1    1 
ATOM   1216 C  C2    . DA  F 1 5  ? -18.712 -8.864  -15.790 1.00 92.62  ? 5  DA  F C2    1 
ATOM   1217 N  N3    . DA  F 1 5  ? -18.148 -7.811  -16.376 1.00 51.81  ? 5  DA  F N3    1 
ATOM   1218 C  C4    . DA  F 1 5  ? -18.205 -6.733  -15.568 1.00 73.40  ? 5  DA  F C4    1 
ATOM   1219 P  P     . DA  F 1 6  ? -16.941 -3.274  -20.565 1.00 67.86  ? 6  DA  F P     1 
ATOM   1220 O  OP1   . DA  F 1 6  ? -16.168 -3.231  -21.843 1.00 52.71  ? 6  DA  F OP1   1 
ATOM   1221 O  OP2   . DA  F 1 6  ? -17.838 -2.156  -20.177 1.00 52.39  ? 6  DA  F OP2   1 
ATOM   1222 O  "O5'" . DA  F 1 6  ? -17.783 -4.648  -20.550 1.00 56.80  ? 6  DA  F "O5'" 1 
ATOM   1223 C  "C5'" . DA  F 1 6  ? -17.066 -5.860  -20.548 1.00 82.55  ? 6  DA  F "C5'" 1 
ATOM   1224 C  "C4'" . DA  F 1 6  ? -17.957 -7.028  -20.895 1.00 72.49  ? 6  DA  F "C4'" 1 
ATOM   1225 O  "O4'" . DA  F 1 6  ? -18.702 -7.548  -19.750 1.00 50.02  ? 6  DA  F "O4'" 1 
ATOM   1226 C  "C3'" . DA  F 1 6  ? -18.998 -6.651  -21.910 1.00 77.62  ? 6  DA  F "C3'" 1 
ATOM   1227 O  "O3'" . DA  F 1 6  ? -19.138 -7.764  -22.815 1.00 56.99  ? 6  DA  F "O3'" 1 
ATOM   1228 C  "C2'" . DA  F 1 6  ? -20.237 -6.356  -21.060 1.00 56.77  ? 6  DA  F "C2'" 1 
ATOM   1229 C  "C1'" . DA  F 1 6  ? -20.101 -7.384  -19.961 1.00 61.66  ? 6  DA  F "C1'" 1 
ATOM   1230 N  N9    . DA  F 1 6  ? -20.692 -7.007  -18.689 1.00 49.53  ? 6  DA  F N9    1 
ATOM   1231 C  C8    . DA  F 1 6  ? -20.811 -5.755  -18.146 1.00 61.66  ? 6  DA  F C8    1 
ATOM   1232 N  N7    . DA  F 1 6  ? -21.350 -5.759  -16.932 1.00 60.50  ? 6  DA  F N7    1 
ATOM   1233 C  C5    . DA  F 1 6  ? -21.577 -7.111  -16.665 1.00 37.65  ? 6  DA  F C5    1 
ATOM   1234 C  C6    . DA  F 1 6  ? -22.144 -7.817  -15.553 1.00 45.08  ? 6  DA  F C6    1 
ATOM   1235 N  N6    . DA  F 1 6  ? -22.606 -7.249  -14.424 1.00 44.73  ? 6  DA  F N6    1 
ATOM   1236 N  N1    . DA  F 1 6  ? -22.215 -9.159  -15.654 1.00 47.21  ? 6  DA  F N1    1 
ATOM   1237 C  C2    . DA  F 1 6  ? -21.768 -9.762  -16.768 1.00 66.19  ? 6  DA  F C2    1 
ATOM   1238 N  N3    . DA  F 1 6  ? -21.226 -9.220  -17.862 1.00 42.73  ? 6  DA  F N3    1 
ATOM   1239 C  C4    . DA  F 1 6  ? -21.165 -7.882  -17.746 1.00 61.90  ? 6  DA  F C4    1 
ATOM   1240 P  P     . DT  F 1 7  ? -20.333 -7.886  -23.856 1.00 63.70  ? 7  DT  F P     1 
ATOM   1241 O  OP1   . DT  F 1 7  ? -19.754 -8.478  -25.082 1.00 47.78  ? 7  DT  F OP1   1 
ATOM   1242 O  OP2   . DT  F 1 7  ? -21.009 -6.570  -23.897 1.00 66.68  ? 7  DT  F OP2   1 
ATOM   1243 O  "O5'" . DT  F 1 7  ? -21.355 -8.951  -23.208 1.00 58.46  ? 7  DT  F "O5'" 1 
ATOM   1244 C  "C5'" . DT  F 1 7  ? -20.869 -10.149 -22.642 1.00 43.52  ? 7  DT  F "C5'" 1 
ATOM   1245 C  "C4'" . DT  F 1 7  ? -21.984 -10.888 -21.958 1.00 68.46  ? 7  DT  F "C4'" 1 
ATOM   1246 O  "O4'" . DT  F 1 7  ? -22.397 -10.220 -20.735 1.00 48.19  ? 7  DT  F "O4'" 1 
ATOM   1247 C  "C3'" . DT  F 1 7  ? -23.239 -10.985 -22.808 1.00 110.17 ? 7  DT  F "C3'" 1 
ATOM   1248 O  "O3'" . DT  F 1 7  ? -23.572 -12.372 -22.921 1.00 98.82  ? 7  DT  F "O3'" 1 
ATOM   1249 C  "C2'" . DT  F 1 7  ? -24.279 -10.144 -22.038 1.00 75.34  ? 7  DT  F "C2'" 1 
ATOM   1250 C  "C1'" . DT  F 1 7  ? -23.800 -10.344 -20.626 1.00 60.81  ? 7  DT  F "C1'" 1 
ATOM   1251 N  N1    . DT  F 1 7  ? -24.218 -9.362  -19.644 1.00 45.97  ? 7  DT  F N1    1 
ATOM   1252 C  C2    . DT  F 1 7  ? -24.686 -9.795  -18.409 1.00 58.99  ? 7  DT  F C2    1 
ATOM   1253 O  O2    . DT  F 1 7  ? -24.852 -10.978 -18.113 1.00 49.28  ? 7  DT  F O2    1 
ATOM   1254 N  N3    . DT  F 1 7  ? -24.989 -8.779  -17.543 1.00 46.24  ? 7  DT  F N3    1 
ATOM   1255 C  C4    . DT  F 1 7  ? -24.841 -7.418  -17.756 1.00 62.11  ? 7  DT  F C4    1 
ATOM   1256 O  O4    . DT  F 1 7  ? -25.122 -6.583  -16.884 1.00 39.59  ? 7  DT  F O4    1 
ATOM   1257 C  C5    . DT  F 1 7  ? -24.316 -7.047  -19.063 1.00 76.96  ? 7  DT  F C5    1 
ATOM   1258 C  C7    . DT  F 1 7  ? -24.124 -5.610  -19.417 1.00 31.59  ? 7  DT  F C7    1 
ATOM   1259 C  C6    . DT  F 1 7  ? -24.017 -8.032  -19.932 1.00 51.86  ? 7  DT  F C6    1 
ATOM   1260 P  P     . DT  F 1 8  ? -24.810 -12.875 -23.767 1.00 80.73  ? 8  DT  F P     1 
ATOM   1261 O  OP1   . DT  F 1 8  ? -24.367 -14.068 -24.545 1.00 58.80  ? 8  DT  F OP1   1 
ATOM   1262 O  OP2   . DT  F 1 8  ? -25.394 -11.696 -24.453 1.00 50.50  ? 8  DT  F OP2   1 
ATOM   1263 O  "O5'" . DT  F 1 8  ? -25.806 -13.357 -22.601 1.00 62.51  ? 8  DT  F "O5'" 1 
ATOM   1264 C  "C5'" . DT  F 1 8  ? -25.237 -13.927 -21.429 1.00 64.51  ? 8  DT  F "C5'" 1 
ATOM   1265 C  "C4'" . DT  F 1 8  ? -26.285 -14.230 -20.385 1.00 103.82 ? 8  DT  F "C4'" 1 
ATOM   1266 O  "O4'" . DT  F 1 8  ? -26.481 -13.074 -19.520 1.00 76.60  ? 8  DT  F "O4'" 1 
ATOM   1267 C  "C3'" . DT  F 1 8  ? -27.650 -14.583 -20.966 1.00 99.50  ? 8  DT  F "C3'" 1 
ATOM   1268 O  "O3'" . DT  F 1 8  ? -28.147 -15.784 -20.327 1.00 100.17 ? 8  DT  F "O3'" 1 
ATOM   1269 C  "C2'" . DT  F 1 8  ? -28.497 -13.332 -20.691 1.00 56.61  ? 8  DT  F "C2'" 1 
ATOM   1270 C  "C1'" . DT  F 1 8  ? -27.867 -12.799 -19.415 1.00 73.13  ? 8  DT  F "C1'" 1 
ATOM   1271 N  N1    . DT  F 1 8  ? -28.010 -11.335 -19.214 1.00 59.74  ? 8  DT  F N1    1 
ATOM   1272 C  C2    . DT  F 1 8  ? -28.363 -10.836 -17.961 1.00 57.87  ? 8  DT  F C2    1 
ATOM   1273 O  O2    . DT  F 1 8  ? -28.619 -11.516 -16.978 1.00 54.17  ? 8  DT  F O2    1 
ATOM   1274 N  N3    . DT  F 1 8  ? -28.426 -9.485  -17.899 1.00 46.81  ? 8  DT  F N3    1 
ATOM   1275 C  C4    . DT  F 1 8  ? -28.168 -8.588  -18.910 1.00 53.27  ? 8  DT  F C4    1 
ATOM   1276 O  O4    . DT  F 1 8  ? -28.252 -7.380  -18.741 1.00 46.41  ? 8  DT  F O4    1 
ATOM   1277 C  C5    . DT  F 1 8  ? -27.808 -9.158  -20.180 1.00 36.07  ? 8  DT  F C5    1 
ATOM   1278 C  C7    . DT  F 1 8  ? -27.514 -8.245  -21.329 1.00 47.12  ? 8  DT  F C7    1 
ATOM   1279 C  C6    . DT  F 1 8  ? -27.733 -10.493 -20.277 1.00 59.19  ? 8  DT  F C6    1 
ATOM   1280 P  P     . DA  F 1 9  ? -29.638 -16.333 -20.536 1.00 76.40  ? 9  DA  F P     1 
ATOM   1281 O  OP1   . DA  F 1 9  ? -29.539 -17.799 -20.740 1.00 76.28  ? 9  DA  F OP1   1 
ATOM   1282 O  OP2   . DA  F 1 9  ? -30.300 -15.474 -21.547 1.00 94.60  ? 9  DA  F OP2   1 
ATOM   1283 O  "O5'" . DA  F 1 9  ? -30.346 -16.059 -19.124 1.00 64.04  ? 9  DA  F "O5'" 1 
ATOM   1284 C  "C5'" . DA  F 1 9  ? -29.565 -16.085 -17.938 1.00 59.50  ? 9  DA  F "C5'" 1 
ATOM   1285 C  "C4'" . DA  F 1 9  ? -30.416 -15.742 -16.741 1.00 80.15  ? 9  DA  F "C4'" 1 
ATOM   1286 O  "O4'" . DA  F 1 9  ? -30.540 -14.303 -16.612 1.00 58.11  ? 9  DA  F "O4'" 1 
ATOM   1287 C  "C3'" . DA  F 1 9  ? -31.837 -16.264 -16.831 1.00 66.56  ? 9  DA  F "C3'" 1 
ATOM   1288 O  "O3'" . DA  F 1 9  ? -32.303 -16.690 -15.533 1.00 87.11  ? 9  DA  F "O3'" 1 
ATOM   1289 C  "C2'" . DA  F 1 9  ? -32.610 -15.071 -17.397 1.00 73.95  ? 9  DA  F "C2'" 1 
ATOM   1290 C  "C1'" . DA  F 1 9  ? -31.891 -13.896 -16.777 1.00 59.18  ? 9  DA  F "C1'" 1 
ATOM   1291 N  N9    . DA  F 1 9  ? -31.873 -12.679 -17.586 1.00 52.54  ? 9  DA  F N9    1 
ATOM   1292 C  C8    . DA  F 1 9  ? -31.618 -12.588 -18.931 1.00 55.87  ? 9  DA  F C8    1 
ATOM   1293 N  N7    . DA  F 1 9  ? -31.617 -11.342 -19.389 1.00 53.80  ? 9  DA  F N7    1 
ATOM   1294 C  C5    . DA  F 1 9  ? -31.877 -10.565 -18.260 1.00 42.20  ? 9  DA  F C5    1 
ATOM   1295 C  C6    . DA  F 1 9  ? -32.002 -9.159  -18.060 1.00 43.47  ? 9  DA  F C6    1 
ATOM   1296 N  N6    . DA  F 1 9  ? -31.874 -8.245  -19.026 1.00 37.26  ? 9  DA  F N6    1 
ATOM   1297 N  N1    . DA  F 1 9  ? -32.267 -8.732  -16.812 1.00 40.17  ? 9  DA  F N1    1 
ATOM   1298 C  C2    . DA  F 1 9  ? -32.396 -9.633  -15.823 1.00 55.69  ? 9  DA  F C2    1 
ATOM   1299 N  N3    . DA  F 1 9  ? -32.284 -10.963 -15.876 1.00 47.91  ? 9  DA  F N3    1 
ATOM   1300 C  C4    . DA  F 1 9  ? -32.027 -11.373 -17.137 1.00 58.00  ? 9  DA  F C4    1 
ATOM   1301 P  P     . DA  F 1 10 ? -33.800 -17.196 -15.321 1.00 77.47  ? 10 DA  F P     1 
ATOM   1302 O  OP1   . DA  F 1 10 ? -33.816 -18.088 -14.145 1.00 55.68  ? 10 DA  F OP1   1 
ATOM   1303 O  OP2   . DA  F 1 10 ? -34.345 -17.661 -16.627 1.00 67.08  ? 10 DA  F OP2   1 
ATOM   1304 O  "O5'" . DA  F 1 10 ? -34.515 -15.826 -14.942 1.00 76.91  ? 10 DA  F "O5'" 1 
ATOM   1305 C  "C5'" . DA  F 1 10 ? -33.952 -15.027 -13.910 1.00 72.60  ? 10 DA  F "C5'" 1 
ATOM   1306 C  "C4'" . DA  F 1 10 ? -34.908 -13.927 -13.496 1.00 99.28  ? 10 DA  F "C4'" 1 
ATOM   1307 O  "O4'" . DA  F 1 10 ? -34.696 -12.779 -14.341 1.00 75.53  ? 10 DA  F "O4'" 1 
ATOM   1308 C  "C3'" . DA  F 1 10 ? -36.400 -14.289 -13.615 1.00 98.78  ? 10 DA  F "C3'" 1 
ATOM   1309 O  "O3'" . DA  F 1 10 ? -37.070 -14.175 -12.340 1.00 81.15  ? 10 DA  F "O3'" 1 
ATOM   1310 C  "C2'" . DA  F 1 10 ? -36.954 -13.310 -14.645 1.00 77.07  ? 10 DA  F "C2'" 1 
ATOM   1311 C  "C1'" . DA  F 1 10 ? -35.929 -12.190 -14.656 1.00 56.60  ? 10 DA  F "C1'" 1 
ATOM   1312 N  N9    . DA  F 1 10 ? -35.781 -11.524 -15.949 1.00 65.14  ? 10 DA  F N9    1 
ATOM   1313 C  C8    . DA  F 1 10 ? -35.687 -12.109 -17.189 1.00 57.60  ? 10 DA  F C8    1 
ATOM   1314 N  N7    . DA  F 1 10 ? -35.542 -11.238 -18.180 1.00 50.66  ? 10 DA  F N7    1 
ATOM   1315 C  C5    . DA  F 1 10 ? -35.539 -10.005 -17.533 1.00 38.42  ? 10 DA  F C5    1 
ATOM   1316 C  C6    . DA  F 1 10 ? -35.405 -8.672  -17.995 1.00 52.60  ? 10 DA  F C6    1 
ATOM   1317 N  N6    . DA  F 1 10 ? -35.246 -8.333  -19.284 1.00 30.35  ? 10 DA  F N6    1 
ATOM   1318 N  N1    . DA  F 1 10 ? -35.449 -7.686  -17.067 1.00 64.02  ? 10 DA  F N1    1 
ATOM   1319 C  C2    . DA  F 1 10 ? -35.597 -7.997  -15.774 1.00 65.56  ? 10 DA  F C2    1 
ATOM   1320 N  N3    . DA  F 1 10 ? -35.712 -9.201  -15.218 1.00 65.46  ? 10 DA  F N3    1 
ATOM   1321 C  C4    . DA  F 1 10 ? -35.673 -10.169 -16.158 1.00 42.21  ? 10 DA  F C4    1 
ATOM   1322 P  P     . DC  F 1 11 ? -38.625 -14.556 -12.130 1.00 76.44  ? 11 DC  F P     1 
ATOM   1323 O  OP1   . DC  F 1 11 ? -38.802 -14.921 -10.701 1.00 79.01  ? 11 DC  F OP1   1 
ATOM   1324 O  OP2   . DC  F 1 11 ? -39.028 -15.520 -13.183 1.00 66.58  ? 11 DC  F OP2   1 
ATOM   1325 O  "O5'" . DC  F 1 11 ? -39.353 -13.146 -12.407 1.00 61.05  ? 11 DC  F "O5'" 1 
ATOM   1326 C  "C5'" . DC  F 1 11 ? -39.235 -12.119 -11.403 1.00 57.10  ? 11 DC  F "C5'" 1 
ATOM   1327 C  "C4'" . DC  F 1 11 ? -39.923 -10.839 -11.800 1.00 61.77  ? 11 DC  F "C4'" 1 
ATOM   1328 O  "O4'" . DC  F 1 11 ? -39.343 -10.326 -13.033 1.00 59.41  ? 11 DC  F "O4'" 1 
ATOM   1329 C  "C3'" . DC  F 1 11 ? -41.413 -10.994 -12.065 1.00 47.28  ? 11 DC  F "C3'" 1 
ATOM   1330 O  "O3'" . DC  F 1 11 ? -42.135 -9.871  -11.524 1.00 55.92  ? 11 DC  F "O3'" 1 
ATOM   1331 C  "C2'" . DC  F 1 11 ? -41.465 -11.040 -13.583 1.00 61.76  ? 11 DC  F "C2'" 1 
ATOM   1332 C  "C1'" . DC  F 1 11 ? -40.380 -10.040 -13.934 1.00 58.23  ? 11 DC  F "C1'" 1 
ATOM   1333 N  N1    . DC  F 1 11 ? -39.854 -10.127 -15.316 1.00 53.54  ? 11 DC  F N1    1 
ATOM   1334 C  C2    . DC  F 1 11 ? -39.555 -8.938  -15.961 1.00 58.13  ? 11 DC  F C2    1 
ATOM   1335 O  O2    . DC  F 1 11 ? -39.749 -7.875  -15.352 1.00 53.76  ? 11 DC  F O2    1 
ATOM   1336 N  N3    . DC  F 1 11 ? -39.066 -8.987  -17.227 1.00 48.87  ? 11 DC  F N3    1 
ATOM   1337 C  C4    . DC  F 1 11 ? -38.868 -10.162 -17.830 1.00 46.67  ? 11 DC  F C4    1 
ATOM   1338 N  N4    . DC  F 1 11 ? -38.387 -10.152 -19.079 1.00 39.42  ? 11 DC  F N4    1 
ATOM   1339 C  C5    . DC  F 1 11 ? -39.166 -11.395 -17.178 1.00 35.84  ? 11 DC  F C5    1 
ATOM   1340 C  C6    . DC  F 1 11 ? -39.653 -11.334 -15.931 1.00 32.14  ? 11 DC  F C6    1 
ATOM   1341 P  P     . DG  F 1 12 ? -43.601 -9.992  -10.880 1.00 60.81  ? 12 DG  F P     1 
ATOM   1342 O  OP1   . DG  F 1 12 ? -43.641 -8.980  -9.793  1.00 45.02  ? 12 DG  F OP1   1 
ATOM   1343 O  OP2   . DG  F 1 12 ? -43.879 -11.415 -10.571 1.00 55.15  ? 12 DG  F OP2   1 
ATOM   1344 O  "O5'" . DG  F 1 12 ? -44.590 -9.549  -12.088 1.00 60.21  ? 12 DG  F "O5'" 1 
ATOM   1345 C  "C5'" . DG  F 1 12 ? -44.082 -8.781  -13.205 1.00 56.22  ? 12 DG  F "C5'" 1 
ATOM   1346 C  "C4'" . DG  F 1 12 ? -45.022 -8.786  -14.410 1.00 150.58 ? 12 DG  F "C4'" 1 
ATOM   1347 O  "O4'" . DG  F 1 12 ? -44.979 -10.081 -15.070 1.00 43.21  ? 12 DG  F "O4'" 1 
ATOM   1348 C  "C3'" . DG  F 1 12 ? -46.479 -8.528  -14.075 1.00 63.65  ? 12 DG  F "C3'" 1 
ATOM   1349 O  "O3'" . DG  F 1 12 ? -47.162 -7.826  -15.106 1.00 68.03  ? 12 DG  F "O3'" 1 
ATOM   1350 C  "C2'" . DG  F 1 12 ? -47.050 -9.909  -13.918 1.00 66.84  ? 12 DG  F "C2'" 1 
ATOM   1351 C  "C1'" . DG  F 1 12 ? -46.144 -10.818 -14.761 1.00 63.32  ? 12 DG  F "C1'" 1 
ATOM   1352 N  N9    . DG  F 1 12 ? -45.765 -12.070 -14.077 1.00 54.54  ? 12 DG  F N9    1 
ATOM   1353 C  C8    . DG  F 1 12 ? -46.371 -12.620 -12.969 1.00 72.40  ? 12 DG  F C8    1 
ATOM   1354 N  N7    . DG  F 1 12 ? -45.838 -13.734 -12.571 1.00 69.61  ? 12 DG  F N7    1 
ATOM   1355 C  C5    . DG  F 1 12 ? -44.807 -13.952 -13.463 1.00 79.91  ? 12 DG  F C5    1 
ATOM   1356 C  C6    . DG  F 1 12 ? -43.883 -15.025 -13.518 1.00 86.61  ? 12 DG  F C6    1 
ATOM   1357 O  O6    . DG  F 1 12 ? -43.800 -16.012 -12.769 1.00 74.13  ? 12 DG  F O6    1 
ATOM   1358 N  N1    . DG  F 1 12 ? -42.991 -14.876 -14.574 1.00 71.89  ? 12 DG  F N1    1 
ATOM   1359 C  C2    . DG  F 1 12 ? -42.994 -13.824 -15.467 1.00 64.60  ? 12 DG  F C2    1 
ATOM   1360 N  N2    . DG  F 1 12 ? -42.057 -13.872 -16.421 1.00 49.45  ? 12 DG  F N2    1 
ATOM   1361 N  N3    . DG  F 1 12 ? -43.869 -12.809 -15.437 1.00 64.75  ? 12 DG  F N3    1 
ATOM   1362 C  C4    . DG  F 1 12 ? -44.745 -12.937 -14.404 1.00 60.13  ? 12 DG  F C4    1 
HETATM 1363 MN MN    . MN  G 2 .  ? 53.427  15.568  1.050   0.80 62.02  ? 39 MN  A MN    1 
HETATM 1364 MN MN    . MN  H 2 .  ? 12.522  3.306   6.604   0.80 49.58  ? 35 MN  B MN    1 
HETATM 1365 MN MN    . MN  I 2 .  ? -32.225 -4.847  15.698  0.80 64.93  ? 36 MN  C MN    1 
HETATM 1366 MN MN    . MN  J 2 .  ? -29.450 1.573   18.571  0.80 62.80  ? 41 MN  C MN    1 
HETATM 1367 MN MN    . MN  K 2 .  ? -14.333 -7.438  21.230  0.80 62.70  ? 38 MN  D MN    1 
HETATM 1368 MN MN    . MN  L 2 .  ? -46.906 -14.687 -10.923 1.00 71.46  ? 37 MN  F MN    1 
HETATM 1369 MN MN    . MN  M 2 .  ? -43.265 -7.234  -8.200  0.80 64.01  ? 40 MN  F MN    1 
HETATM 1370 O  O     . HOH N 3 .  ? 22.106  11.594  -6.016  1.00 27.42  ? 14 HOH A O     1 
HETATM 1371 O  O     . HOH O 3 .  ? 10.762  3.529   5.516   1.00 47.02  ? 36 HOH B O     1 
HETATM 1372 O  O     . HOH O 3 .  ? 27.224  5.189   3.950   1.00 36.79  ? 37 HOH B O     1 
HETATM 1373 O  O     . HOH O 3 .  ? 12.559  1.297   5.499   1.00 44.84  ? 38 HOH B O     1 
HETATM 1374 O  O     . HOH O 3 .  ? 42.652  8.666   -0.887  1.00 44.83  ? 39 HOH B O     1 
HETATM 1375 O  O     . HOH O 3 .  ? 28.499  2.014   4.060   0.80 48.92  ? 40 HOH B O     1 
HETATM 1376 O  O     . HOH O 3 .  ? 17.331  8.109   9.643   1.00 41.09  ? 42 HOH B O     1 
HETATM 1377 O  O     . HOH O 3 .  ? 42.469  18.425  -3.512  1.00 43.87  ? 43 HOH B O     1 
HETATM 1378 O  O     . HOH O 3 .  ? 47.916  3.323   10.190  1.00 27.10  ? 44 HOH B O     1 
HETATM 1379 O  O     . HOH O 3 .  ? 34.974  3.871   -0.236  1.00 52.10  ? 46 HOH B O     1 
HETATM 1380 O  O     . HOH O 3 .  ? 46.363  16.085  14.596  1.00 52.09  ? 47 HOH B O     1 
HETATM 1381 O  O     . HOH P 3 .  ? -2.592  1.953   9.663   1.00 38.30  ? 42 HOH C O     1 
HETATM 1382 O  O     . HOH P 3 .  ? 0.151   3.703   12.395  1.00 47.27  ? 43 HOH C O     1 
HETATM 1383 O  O     . HOH P 3 .  ? 3.007   -4.317  19.895  1.00 38.95  ? 44 HOH C O     1 
HETATM 1384 O  O     . HOH P 3 .  ? 6.204   -4.740  23.184  1.00 58.42  ? 45 HOH C O     1 
HETATM 1385 O  O     . HOH P 3 .  ? -17.966 -2.665  13.789  1.00 44.99  ? 46 HOH C O     1 
HETATM 1386 O  O     . HOH Q 3 .  ? -22.931 4.209   3.524   1.00 34.26  ? 39 HOH D O     1 
HETATM 1387 O  O     . HOH Q 3 .  ? 1.289   -5.017  13.613  1.00 50.81  ? 40 HOH D O     1 
HETATM 1388 O  O     . HOH Q 3 .  ? 7.814   0.223   3.683   1.00 51.58  ? 41 HOH D O     1 
HETATM 1389 O  O     . HOH Q 3 .  ? 1.125   -7.236  12.878  1.00 60.21  ? 42 HOH D O     1 
HETATM 1390 O  O     . HOH Q 3 .  ? -16.235 -7.302  20.080  1.00 44.94  ? 43 HOH D O     1 
HETATM 1391 O  O     . HOH Q 3 .  ? -8.709  -12.625 14.000  1.00 49.66  ? 44 HOH D O     1 
HETATM 1392 O  O     . HOH R 3 .  ? -37.523 1.180   -12.588 1.00 61.22  ? 13 HOH E O     1 
HETATM 1393 O  O     . HOH R 3 .  ? -37.492 -7.331  -23.366 1.00 38.48  ? 14 HOH E O     1 
HETATM 1394 O  O     . HOH R 3 .  ? -16.996 -9.774  -19.214 1.00 46.13  ? 46 HOH E O     1 
HETATM 1395 O  O     . HOH S 3 .  ? -42.196 -9.320  -7.526  1.00 41.65  ? 41 HOH F O     1 
HETATM 1396 O  O     . HOH S 3 .  ? -13.522 2.080   -16.518 1.00 40.72  ? 42 HOH F O     1 
HETATM 1397 O  O     . HOH S 3 .  ? -17.050 0.726   -19.058 1.00 44.96  ? 43 HOH F O     1 
HETATM 1398 O  O     . HOH S 3 .  ? -47.730 -12.681 -10.170 1.00 53.55  ? 44 HOH F O     1 
HETATM 1399 O  O     . HOH S 3 .  ? -45.475 -13.948 -9.271  1.00 40.95  ? 45 HOH F O     1 
HETATM 1400 O  O     . HOH S 3 .  ? -23.856 -14.389 -27.501 1.00 55.41  ? 46 HOH F O     1 
HETATM 1401 O  O     . HOH S 3 .  ? -31.625 -19.356 -22.054 1.00 41.25  ? 47 HOH F O     1 
HETATM 1402 O  O     . HOH S 3 .  ? -24.895 -13.333 -17.265 1.00 51.89  ? 48 HOH F O     1 
HETATM 1403 O  O     . HOH S 3 .  ? -11.096 -11.229 0.830   1.00 53.70  ? 49 HOH F O     1 
# 
loop_
_pdbx_poly_seq_scheme.asym_id 
_pdbx_poly_seq_scheme.entity_id 
_pdbx_poly_seq_scheme.seq_id 
_pdbx_poly_seq_scheme.mon_id 
_pdbx_poly_seq_scheme.ndb_seq_num 
_pdbx_poly_seq_scheme.pdb_seq_num 
_pdbx_poly_seq_scheme.auth_seq_num 
_pdbx_poly_seq_scheme.pdb_mon_id 
_pdbx_poly_seq_scheme.auth_mon_id 
_pdbx_poly_seq_scheme.pdb_strand_id 
_pdbx_poly_seq_scheme.pdb_ins_code 
_pdbx_poly_seq_scheme.hetero 
A 1 1  DC 1  1  ?  ?  ? A . n 
A 1 2  DG 2  2  2  DG G A . n 
A 1 3  DT 3  3  3  DT T A . n 
A 1 4  DT 4  4  4  DT T A . n 
A 1 5  DA 5  5  5  DA A A . n 
A 1 6  DA 6  6  6  DA A A . n 
A 1 7  DT 7  7  7  DT T A . n 
A 1 8  DT 8  8  8  DT T A . n 
A 1 9  DA 9  9  9  DA A A . n 
A 1 10 DA 10 10 10 DA A A . n 
A 1 11 DC 11 11 11 DC C A . n 
A 1 12 DG 12 12 12 DG G A . n 
B 1 1  DC 1  1  ?  ?  ? B . n 
B 1 2  DG 2  2  2  DG G B . n 
B 1 3  DT 3  3  3  DT T B . n 
B 1 4  DT 4  4  4  DT T B . n 
B 1 5  DA 5  5  5  DA A B . n 
B 1 6  DA 6  6  6  DA A B . n 
B 1 7  DT 7  7  7  DT T B . n 
B 1 8  DT 8  8  8  DT T B . n 
B 1 9  DA 9  9  9  DA A B . n 
B 1 10 DA 10 10 10 DA A B . n 
B 1 11 DC 11 11 11 DC C B . n 
B 1 12 DG 12 12 12 DG G B . n 
C 1 1  DC 1  1  ?  ?  ? C . n 
C 1 2  DG 2  2  2  DG G C . n 
C 1 3  DT 3  3  3  DT T C . n 
C 1 4  DT 4  4  4  DT T C . n 
C 1 5  DA 5  5  5  DA A C . n 
C 1 6  DA 6  6  6  DA A C . n 
C 1 7  DT 7  7  7  DT T C . n 
C 1 8  DT 8  8  8  DT T C . n 
C 1 9  DA 9  9  9  DA A C . n 
C 1 10 DA 10 10 10 DA A C . n 
C 1 11 DC 11 11 11 DC C C . n 
C 1 12 DG 12 12 12 DG G C . n 
D 1 1  DC 1  1  ?  ?  ? D . n 
D 1 2  DG 2  2  2  DG G D . n 
D 1 3  DT 3  3  3  DT T D . n 
D 1 4  DT 4  4  4  DT T D . n 
D 1 5  DA 5  5  5  DA A D . n 
D 1 6  DA 6  6  6  DA A D . n 
D 1 7  DT 7  7  7  DT T D . n 
D 1 8  DT 8  8  8  DT T D . n 
D 1 9  DA 9  9  9  DA A D . n 
D 1 10 DA 10 10 10 DA A D . n 
D 1 11 DC 11 11 11 DC C D . n 
D 1 12 DG 12 12 12 DG G D . n 
E 1 1  DC 1  1  ?  ?  ? E . n 
E 1 2  DG 2  2  2  DG G E . n 
E 1 3  DT 3  3  3  DT T E . n 
E 1 4  DT 4  4  4  DT T E . n 
E 1 5  DA 5  5  5  DA A E . n 
E 1 6  DA 6  6  6  DA A E . n 
E 1 7  DT 7  7  7  DT T E . n 
E 1 8  DT 8  8  8  DT T E . n 
E 1 9  DA 9  9  9  DA A E . n 
E 1 10 DA 10 10 10 DA A E . n 
E 1 11 DC 11 11 11 DC C E . n 
E 1 12 DG 12 12 12 DG G E . n 
F 1 1  DC 1  1  ?  ?  ? F . n 
F 1 2  DG 2  2  2  DG G F . n 
F 1 3  DT 3  3  3  DT T F . n 
F 1 4  DT 4  4  4  DT T F . n 
F 1 5  DA 5  5  5  DA A F . n 
F 1 6  DA 6  6  6  DA A F . n 
F 1 7  DT 7  7  7  DT T F . n 
F 1 8  DT 8  8  8  DT T F . n 
F 1 9  DA 9  9  9  DA A F . n 
F 1 10 DA 10 10 10 DA A F . n 
F 1 11 DC 11 11 11 DC C F . n 
F 1 12 DG 12 12 12 DG G F . n 
# 
loop_
_pdbx_nonpoly_scheme.asym_id 
_pdbx_nonpoly_scheme.entity_id 
_pdbx_nonpoly_scheme.mon_id 
_pdbx_nonpoly_scheme.ndb_seq_num 
_pdbx_nonpoly_scheme.pdb_seq_num 
_pdbx_nonpoly_scheme.auth_seq_num 
_pdbx_nonpoly_scheme.pdb_mon_id 
_pdbx_nonpoly_scheme.auth_mon_id 
_pdbx_nonpoly_scheme.pdb_strand_id 
_pdbx_nonpoly_scheme.pdb_ins_code 
G 2 MN  1  39 39 MN  MN  A . 
H 2 MN  1  35 35 MN  MN  B . 
I 2 MN  1  36 36 MN  MN  C . 
J 2 MN  1  41 41 MN  MN  C . 
K 2 MN  1  38 38 MN  MN  D . 
L 2 MN  1  37 37 MN  MN  F . 
M 2 MN  1  40 40 MN  MN  F . 
N 3 HOH 1  14 14 HOH HOH A . 
O 3 HOH 1  36 2  HOH HOH B . 
O 3 HOH 2  37 4  HOH HOH B . 
O 3 HOH 3  38 6  HOH HOH B . 
O 3 HOH 4  39 9  HOH HOH B . 
O 3 HOH 5  40 11 HOH HOH B . 
O 3 HOH 6  42 19 HOH HOH B . 
O 3 HOH 7  43 21 HOH HOH B . 
O 3 HOH 8  44 23 HOH HOH B . 
O 3 HOH 9  46 29 HOH HOH B . 
O 3 HOH 10 47 34 HOH HOH B . 
P 3 HOH 1  42 5  HOH HOH C . 
P 3 HOH 2  43 12 HOH HOH C . 
P 3 HOH 3  44 15 HOH HOH C . 
P 3 HOH 4  45 27 HOH HOH C . 
P 3 HOH 5  46 30 HOH HOH C . 
Q 3 HOH 1  39 1  HOH HOH D . 
Q 3 HOH 2  40 7  HOH HOH D . 
Q 3 HOH 3  41 13 HOH HOH D . 
Q 3 HOH 4  42 17 HOH HOH D . 
Q 3 HOH 5  43 22 HOH HOH D . 
Q 3 HOH 6  44 24 HOH HOH D . 
R 3 HOH 1  13 8  HOH HOH E . 
R 3 HOH 2  14 16 HOH HOH E . 
R 3 HOH 3  46 32 HOH HOH E . 
S 3 HOH 1  41 20 HOH HOH F . 
S 3 HOH 2  42 18 HOH HOH F . 
S 3 HOH 3  43 28 HOH HOH F . 
S 3 HOH 4  44 3  HOH HOH F . 
S 3 HOH 5  45 10 HOH HOH F . 
S 3 HOH 6  46 25 HOH HOH F . 
S 3 HOH 7  47 26 HOH HOH F . 
S 3 HOH 8  48 31 HOH HOH F . 
S 3 HOH 9  49 33 HOH HOH F . 
# 
loop_
_pdbx_struct_assembly.id 
_pdbx_struct_assembly.details 
_pdbx_struct_assembly.method_details 
_pdbx_struct_assembly.oligomeric_details 
_pdbx_struct_assembly.oligomeric_count 
1 author_and_software_defined_assembly PISA dimeric 2 
2 author_and_software_defined_assembly PISA dimeric 2 
3 author_and_software_defined_assembly PISA dimeric 2 
# 
loop_
_pdbx_struct_assembly_gen.assembly_id 
_pdbx_struct_assembly_gen.oper_expression 
_pdbx_struct_assembly_gen.asym_id_list 
1 1 A,B,G,H,N,O   
2 1 C,D,I,J,K,P,Q 
3 1 E,F,L,M,R,S   
# 
loop_
_pdbx_struct_assembly_prop.biol_id 
_pdbx_struct_assembly_prop.type 
_pdbx_struct_assembly_prop.value 
_pdbx_struct_assembly_prop.details 
1 'ABSA (A^2)' 950  ? 
1 MORE         -3   ? 
1 'SSA (A^2)'  4310 ? 
2 'ABSA (A^2)' 960  ? 
2 MORE         -3   ? 
2 'SSA (A^2)'  4350 ? 
3 'ABSA (A^2)' 1140 ? 
3 MORE         -9   ? 
3 'SSA (A^2)'  4580 ? 
# 
_pdbx_struct_oper_list.id                   1 
_pdbx_struct_oper_list.type                 'identity operation' 
_pdbx_struct_oper_list.name                 1_555 
_pdbx_struct_oper_list.symmetry_operation   x,y,z 
_pdbx_struct_oper_list.matrix[1][1]         1.0000000000 
_pdbx_struct_oper_list.matrix[1][2]         0.0000000000 
_pdbx_struct_oper_list.matrix[1][3]         0.0000000000 
_pdbx_struct_oper_list.vector[1]            0.0000000000 
_pdbx_struct_oper_list.matrix[2][1]         0.0000000000 
_pdbx_struct_oper_list.matrix[2][2]         1.0000000000 
_pdbx_struct_oper_list.matrix[2][3]         0.0000000000 
_pdbx_struct_oper_list.vector[2]            0.0000000000 
_pdbx_struct_oper_list.matrix[3][1]         0.0000000000 
_pdbx_struct_oper_list.matrix[3][2]         0.0000000000 
_pdbx_struct_oper_list.matrix[3][3]         1.0000000000 
_pdbx_struct_oper_list.vector[3]            0.0000000000 
# 
loop_
_pdbx_struct_conn_angle.id 
_pdbx_struct_conn_angle.ptnr1_label_atom_id 
_pdbx_struct_conn_angle.ptnr1_label_alt_id 
_pdbx_struct_conn_angle.ptnr1_label_asym_id 
_pdbx_struct_conn_angle.ptnr1_label_comp_id 
_pdbx_struct_conn_angle.ptnr1_label_seq_id 
_pdbx_struct_conn_angle.ptnr1_auth_atom_id 
_pdbx_struct_conn_angle.ptnr1_auth_asym_id 
_pdbx_struct_conn_angle.ptnr1_auth_comp_id 
_pdbx_struct_conn_angle.ptnr1_auth_seq_id 
_pdbx_struct_conn_angle.ptnr1_PDB_ins_code 
_pdbx_struct_conn_angle.ptnr1_symmetry 
_pdbx_struct_conn_angle.ptnr2_label_atom_id 
_pdbx_struct_conn_angle.ptnr2_label_alt_id 
_pdbx_struct_conn_angle.ptnr2_label_asym_id 
_pdbx_struct_conn_angle.ptnr2_label_comp_id 
_pdbx_struct_conn_angle.ptnr2_label_seq_id 
_pdbx_struct_conn_angle.ptnr2_auth_atom_id 
_pdbx_struct_conn_angle.ptnr2_auth_asym_id 
_pdbx_struct_conn_angle.ptnr2_auth_comp_id 
_pdbx_struct_conn_angle.ptnr2_auth_seq_id 
_pdbx_struct_conn_angle.ptnr2_PDB_ins_code 
_pdbx_struct_conn_angle.ptnr2_symmetry 
_pdbx_struct_conn_angle.ptnr3_label_atom_id 
_pdbx_struct_conn_angle.ptnr3_label_alt_id 
_pdbx_struct_conn_angle.ptnr3_label_asym_id 
_pdbx_struct_conn_angle.ptnr3_label_comp_id 
_pdbx_struct_conn_angle.ptnr3_label_seq_id 
_pdbx_struct_conn_angle.ptnr3_auth_atom_id 
_pdbx_struct_conn_angle.ptnr3_auth_asym_id 
_pdbx_struct_conn_angle.ptnr3_auth_comp_id 
_pdbx_struct_conn_angle.ptnr3_auth_seq_id 
_pdbx_struct_conn_angle.ptnr3_PDB_ins_code 
_pdbx_struct_conn_angle.ptnr3_symmetry 
_pdbx_struct_conn_angle.value 
_pdbx_struct_conn_angle.value_esd 
1 O   ? O HOH .  ? B HOH 36 ? 1_555 MN ? H MN . ? B MN 35 ? 1_555 O ? O HOH . ? B HOH 38 ? 1_555 81.7 ? 
2 OP1 ? F DG  12 ? F DG  12 ? 1_555 MN ? M MN . ? F MN 40 ? 1_555 O ? S HOH . ? F HOH 41 ? 1_555 68.2 ? 
3 O   ? S HOH .  ? F HOH 44 ? 1_555 MN ? L MN . ? F MN 37 ? 1_555 O ? S HOH . ? F HOH 45 ? 1_555 73.0 ? 
# 
loop_
_pdbx_audit_revision_history.ordinal 
_pdbx_audit_revision_history.data_content_type 
_pdbx_audit_revision_history.major_revision 
_pdbx_audit_revision_history.minor_revision 
_pdbx_audit_revision_history.revision_date 
1 'Structure model' 1 0 2009-06-02 
2 'Structure model' 1 1 2011-07-13 
3 'Structure model' 1 2 2023-08-30 
# 
_pdbx_audit_revision_details.ordinal             1 
_pdbx_audit_revision_details.revision_ordinal    1 
_pdbx_audit_revision_details.data_content_type   'Structure model' 
_pdbx_audit_revision_details.provider            repository 
_pdbx_audit_revision_details.type                'Initial release' 
_pdbx_audit_revision_details.description         ? 
_pdbx_audit_revision_details.details             ? 
# 
loop_
_pdbx_audit_revision_group.ordinal 
_pdbx_audit_revision_group.revision_ordinal 
_pdbx_audit_revision_group.data_content_type 
_pdbx_audit_revision_group.group 
1 2 'Structure model' 'Version format compliance' 
2 3 'Structure model' 'Data collection'           
3 3 'Structure model' 'Database references'       
4 3 'Structure model' 'Derived calculations'      
5 3 'Structure model' 'Refinement description'    
# 
loop_
_pdbx_audit_revision_category.ordinal 
_pdbx_audit_revision_category.revision_ordinal 
_pdbx_audit_revision_category.data_content_type 
_pdbx_audit_revision_category.category 
1 3 'Structure model' chem_comp_atom                
2 3 'Structure model' chem_comp_bond                
3 3 'Structure model' database_2                    
4 3 'Structure model' pdbx_initial_refinement_model 
5 3 'Structure model' pdbx_struct_conn_angle        
6 3 'Structure model' struct_conn                   
7 3 'Structure model' struct_site                   
# 
loop_
_pdbx_audit_revision_item.ordinal 
_pdbx_audit_revision_item.revision_ordinal 
_pdbx_audit_revision_item.data_content_type 
_pdbx_audit_revision_item.item 
1  3 'Structure model' '_database_2.pdbx_DOI'                        
2  3 'Structure model' '_database_2.pdbx_database_accession'         
3  3 'Structure model' '_pdbx_struct_conn_angle.ptnr1_auth_asym_id'  
4  3 'Structure model' '_pdbx_struct_conn_angle.ptnr1_auth_comp_id'  
5  3 'Structure model' '_pdbx_struct_conn_angle.ptnr1_auth_seq_id'   
6  3 'Structure model' '_pdbx_struct_conn_angle.ptnr1_label_asym_id' 
7  3 'Structure model' '_pdbx_struct_conn_angle.ptnr1_label_atom_id' 
8  3 'Structure model' '_pdbx_struct_conn_angle.ptnr1_label_comp_id' 
9  3 'Structure model' '_pdbx_struct_conn_angle.ptnr1_label_seq_id'  
10 3 'Structure model' '_pdbx_struct_conn_angle.ptnr2_auth_asym_id'  
11 3 'Structure model' '_pdbx_struct_conn_angle.ptnr2_auth_seq_id'   
12 3 'Structure model' '_pdbx_struct_conn_angle.ptnr2_label_asym_id' 
13 3 'Structure model' '_pdbx_struct_conn_angle.ptnr3_auth_asym_id'  
14 3 'Structure model' '_pdbx_struct_conn_angle.ptnr3_auth_seq_id'   
15 3 'Structure model' '_pdbx_struct_conn_angle.ptnr3_label_asym_id' 
16 3 'Structure model' '_pdbx_struct_conn_angle.value'               
17 3 'Structure model' '_struct_conn.pdbx_dist_value'                
18 3 'Structure model' '_struct_conn.ptnr1_auth_asym_id'             
19 3 'Structure model' '_struct_conn.ptnr1_auth_comp_id'             
20 3 'Structure model' '_struct_conn.ptnr1_auth_seq_id'              
21 3 'Structure model' '_struct_conn.ptnr1_label_asym_id'            
22 3 'Structure model' '_struct_conn.ptnr1_label_atom_id'            
23 3 'Structure model' '_struct_conn.ptnr1_label_comp_id'            
24 3 'Structure model' '_struct_conn.ptnr1_label_seq_id'             
25 3 'Structure model' '_struct_conn.ptnr2_auth_asym_id'             
26 3 'Structure model' '_struct_conn.ptnr2_auth_comp_id'             
27 3 'Structure model' '_struct_conn.ptnr2_auth_seq_id'              
28 3 'Structure model' '_struct_conn.ptnr2_label_asym_id'            
29 3 'Structure model' '_struct_conn.ptnr2_label_atom_id'            
30 3 'Structure model' '_struct_conn.ptnr2_label_comp_id'            
31 3 'Structure model' '_struct_site.pdbx_auth_asym_id'              
32 3 'Structure model' '_struct_site.pdbx_auth_comp_id'              
33 3 'Structure model' '_struct_site.pdbx_auth_seq_id'               
# 
loop_
_software.name 
_software.classification 
_software.version 
_software.citation_id 
_software.pdbx_ordinal 
ADSC      'data collection' Quantum  ? 1 
AMoRE     phasing           .        ? 2 
REFMAC    refinement        5.4.0069 ? 3 
DENZO     'data reduction'  .        ? 4 
SCALEPACK 'data scaling'    .        ? 5 
# 
_pdbx_validate_close_contact.id               1 
_pdbx_validate_close_contact.PDB_model_num    1 
_pdbx_validate_close_contact.auth_atom_id_1   N7 
_pdbx_validate_close_contact.auth_asym_id_1   A 
_pdbx_validate_close_contact.auth_comp_id_1   DG 
_pdbx_validate_close_contact.auth_seq_id_1    2 
_pdbx_validate_close_contact.PDB_ins_code_1   ? 
_pdbx_validate_close_contact.label_alt_id_1   ? 
_pdbx_validate_close_contact.auth_atom_id_2   O 
_pdbx_validate_close_contact.auth_asym_id_2   A 
_pdbx_validate_close_contact.auth_comp_id_2   HOH 
_pdbx_validate_close_contact.auth_seq_id_2    14 
_pdbx_validate_close_contact.PDB_ins_code_2   ? 
_pdbx_validate_close_contact.label_alt_id_2   ? 
_pdbx_validate_close_contact.dist             2.18 
# 
loop_
_pdbx_validate_rmsd_bond.id 
_pdbx_validate_rmsd_bond.PDB_model_num 
_pdbx_validate_rmsd_bond.auth_atom_id_1 
_pdbx_validate_rmsd_bond.auth_asym_id_1 
_pdbx_validate_rmsd_bond.auth_comp_id_1 
_pdbx_validate_rmsd_bond.auth_seq_id_1 
_pdbx_validate_rmsd_bond.PDB_ins_code_1 
_pdbx_validate_rmsd_bond.label_alt_id_1 
_pdbx_validate_rmsd_bond.auth_atom_id_2 
_pdbx_validate_rmsd_bond.auth_asym_id_2 
_pdbx_validate_rmsd_bond.auth_comp_id_2 
_pdbx_validate_rmsd_bond.auth_seq_id_2 
_pdbx_validate_rmsd_bond.PDB_ins_code_2 
_pdbx_validate_rmsd_bond.label_alt_id_2 
_pdbx_validate_rmsd_bond.bond_value 
_pdbx_validate_rmsd_bond.bond_target_value 
_pdbx_validate_rmsd_bond.bond_deviation 
_pdbx_validate_rmsd_bond.bond_standard_deviation 
_pdbx_validate_rmsd_bond.linker_flag 
1 1 P     E DG 2 ? ? "O5'" E DG 2 ? ? 1.532 1.593 -0.061 0.010 N 
2 1 "C4'" F DG 2 ? ? "C3'" F DG 2 ? ? 1.457 1.521 -0.064 0.010 N 
3 1 "O3'" F DG 2 ? ? "C3'" F DG 2 ? ? 1.337 1.419 -0.082 0.006 N 
4 1 "O3'" F DG 2 ? ? P     F DT 3 ? ? 1.473 1.607 -0.134 0.012 Y 
# 
loop_
_pdbx_validate_rmsd_angle.id 
_pdbx_validate_rmsd_angle.PDB_model_num 
_pdbx_validate_rmsd_angle.auth_atom_id_1 
_pdbx_validate_rmsd_angle.auth_asym_id_1 
_pdbx_validate_rmsd_angle.auth_comp_id_1 
_pdbx_validate_rmsd_angle.auth_seq_id_1 
_pdbx_validate_rmsd_angle.PDB_ins_code_1 
_pdbx_validate_rmsd_angle.label_alt_id_1 
_pdbx_validate_rmsd_angle.auth_atom_id_2 
_pdbx_validate_rmsd_angle.auth_asym_id_2 
_pdbx_validate_rmsd_angle.auth_comp_id_2 
_pdbx_validate_rmsd_angle.auth_seq_id_2 
_pdbx_validate_rmsd_angle.PDB_ins_code_2 
_pdbx_validate_rmsd_angle.label_alt_id_2 
_pdbx_validate_rmsd_angle.auth_atom_id_3 
_pdbx_validate_rmsd_angle.auth_asym_id_3 
_pdbx_validate_rmsd_angle.auth_comp_id_3 
_pdbx_validate_rmsd_angle.auth_seq_id_3 
_pdbx_validate_rmsd_angle.PDB_ins_code_3 
_pdbx_validate_rmsd_angle.label_alt_id_3 
_pdbx_validate_rmsd_angle.angle_value 
_pdbx_validate_rmsd_angle.angle_target_value 
_pdbx_validate_rmsd_angle.angle_deviation 
_pdbx_validate_rmsd_angle.angle_standard_deviation 
_pdbx_validate_rmsd_angle.linker_flag 
1 1 "O4'" A DG 12 ? ? "C1'" A DG 12 ? ? N9    A DG 12 ? ? 111.29 108.30 2.99   0.30 N 
2 1 "O4'" E DC 11 ? ? "C1'" E DC 11 ? ? N1    E DC 11 ? ? 110.18 108.30 1.88   0.30 N 
3 1 "C5'" F DG 2  ? ? "C4'" F DG 2  ? ? "C3'" F DG 2  ? ? 102.31 114.10 -11.79 1.80 N 
4 1 "C3'" F DG 2  ? ? "O3'" F DG 2  ? ? P     F DT 3  ? ? 105.38 119.70 -14.32 1.20 Y 
# 
loop_
_pdbx_unobs_or_zero_occ_residues.id 
_pdbx_unobs_or_zero_occ_residues.PDB_model_num 
_pdbx_unobs_or_zero_occ_residues.polymer_flag 
_pdbx_unobs_or_zero_occ_residues.occupancy_flag 
_pdbx_unobs_or_zero_occ_residues.auth_asym_id 
_pdbx_unobs_or_zero_occ_residues.auth_comp_id 
_pdbx_unobs_or_zero_occ_residues.auth_seq_id 
_pdbx_unobs_or_zero_occ_residues.PDB_ins_code 
_pdbx_unobs_or_zero_occ_residues.label_asym_id 
_pdbx_unobs_or_zero_occ_residues.label_comp_id 
_pdbx_unobs_or_zero_occ_residues.label_seq_id 
1 1 Y 1 A DC 1 ? A DC 1 
2 1 Y 1 B DC 1 ? B DC 1 
3 1 Y 1 C DC 1 ? C DC 1 
4 1 Y 1 D DC 1 ? D DC 1 
5 1 Y 1 E DC 1 ? E DC 1 
6 1 Y 1 F DC 1 ? F DC 1 
# 
loop_
_chem_comp_atom.comp_id 
_chem_comp_atom.atom_id 
_chem_comp_atom.type_symbol 
_chem_comp_atom.pdbx_aromatic_flag 
_chem_comp_atom.pdbx_stereo_config 
_chem_comp_atom.pdbx_ordinal 
DA  OP3    O  N N 1   
DA  P      P  N N 2   
DA  OP1    O  N N 3   
DA  OP2    O  N N 4   
DA  "O5'"  O  N N 5   
DA  "C5'"  C  N N 6   
DA  "C4'"  C  N R 7   
DA  "O4'"  O  N N 8   
DA  "C3'"  C  N S 9   
DA  "O3'"  O  N N 10  
DA  "C2'"  C  N N 11  
DA  "C1'"  C  N R 12  
DA  N9     N  Y N 13  
DA  C8     C  Y N 14  
DA  N7     N  Y N 15  
DA  C5     C  Y N 16  
DA  C6     C  Y N 17  
DA  N6     N  N N 18  
DA  N1     N  Y N 19  
DA  C2     C  Y N 20  
DA  N3     N  Y N 21  
DA  C4     C  Y N 22  
DA  HOP3   H  N N 23  
DA  HOP2   H  N N 24  
DA  "H5'"  H  N N 25  
DA  "H5''" H  N N 26  
DA  "H4'"  H  N N 27  
DA  "H3'"  H  N N 28  
DA  "HO3'" H  N N 29  
DA  "H2'"  H  N N 30  
DA  "H2''" H  N N 31  
DA  "H1'"  H  N N 32  
DA  H8     H  N N 33  
DA  H61    H  N N 34  
DA  H62    H  N N 35  
DA  H2     H  N N 36  
DC  OP3    O  N N 37  
DC  P      P  N N 38  
DC  OP1    O  N N 39  
DC  OP2    O  N N 40  
DC  "O5'"  O  N N 41  
DC  "C5'"  C  N N 42  
DC  "C4'"  C  N R 43  
DC  "O4'"  O  N N 44  
DC  "C3'"  C  N S 45  
DC  "O3'"  O  N N 46  
DC  "C2'"  C  N N 47  
DC  "C1'"  C  N R 48  
DC  N1     N  N N 49  
DC  C2     C  N N 50  
DC  O2     O  N N 51  
DC  N3     N  N N 52  
DC  C4     C  N N 53  
DC  N4     N  N N 54  
DC  C5     C  N N 55  
DC  C6     C  N N 56  
DC  HOP3   H  N N 57  
DC  HOP2   H  N N 58  
DC  "H5'"  H  N N 59  
DC  "H5''" H  N N 60  
DC  "H4'"  H  N N 61  
DC  "H3'"  H  N N 62  
DC  "HO3'" H  N N 63  
DC  "H2'"  H  N N 64  
DC  "H2''" H  N N 65  
DC  "H1'"  H  N N 66  
DC  H41    H  N N 67  
DC  H42    H  N N 68  
DC  H5     H  N N 69  
DC  H6     H  N N 70  
DG  OP3    O  N N 71  
DG  P      P  N N 72  
DG  OP1    O  N N 73  
DG  OP2    O  N N 74  
DG  "O5'"  O  N N 75  
DG  "C5'"  C  N N 76  
DG  "C4'"  C  N R 77  
DG  "O4'"  O  N N 78  
DG  "C3'"  C  N S 79  
DG  "O3'"  O  N N 80  
DG  "C2'"  C  N N 81  
DG  "C1'"  C  N R 82  
DG  N9     N  Y N 83  
DG  C8     C  Y N 84  
DG  N7     N  Y N 85  
DG  C5     C  Y N 86  
DG  C6     C  N N 87  
DG  O6     O  N N 88  
DG  N1     N  N N 89  
DG  C2     C  N N 90  
DG  N2     N  N N 91  
DG  N3     N  N N 92  
DG  C4     C  Y N 93  
DG  HOP3   H  N N 94  
DG  HOP2   H  N N 95  
DG  "H5'"  H  N N 96  
DG  "H5''" H  N N 97  
DG  "H4'"  H  N N 98  
DG  "H3'"  H  N N 99  
DG  "HO3'" H  N N 100 
DG  "H2'"  H  N N 101 
DG  "H2''" H  N N 102 
DG  "H1'"  H  N N 103 
DG  H8     H  N N 104 
DG  H1     H  N N 105 
DG  H21    H  N N 106 
DG  H22    H  N N 107 
DT  OP3    O  N N 108 
DT  P      P  N N 109 
DT  OP1    O  N N 110 
DT  OP2    O  N N 111 
DT  "O5'"  O  N N 112 
DT  "C5'"  C  N N 113 
DT  "C4'"  C  N R 114 
DT  "O4'"  O  N N 115 
DT  "C3'"  C  N S 116 
DT  "O3'"  O  N N 117 
DT  "C2'"  C  N N 118 
DT  "C1'"  C  N R 119 
DT  N1     N  N N 120 
DT  C2     C  N N 121 
DT  O2     O  N N 122 
DT  N3     N  N N 123 
DT  C4     C  N N 124 
DT  O4     O  N N 125 
DT  C5     C  N N 126 
DT  C7     C  N N 127 
DT  C6     C  N N 128 
DT  HOP3   H  N N 129 
DT  HOP2   H  N N 130 
DT  "H5'"  H  N N 131 
DT  "H5''" H  N N 132 
DT  "H4'"  H  N N 133 
DT  "H3'"  H  N N 134 
DT  "HO3'" H  N N 135 
DT  "H2'"  H  N N 136 
DT  "H2''" H  N N 137 
DT  "H1'"  H  N N 138 
DT  H3     H  N N 139 
DT  H71    H  N N 140 
DT  H72    H  N N 141 
DT  H73    H  N N 142 
DT  H6     H  N N 143 
HOH O      O  N N 144 
HOH H1     H  N N 145 
HOH H2     H  N N 146 
MN  MN     MN N N 147 
# 
loop_
_chem_comp_bond.comp_id 
_chem_comp_bond.atom_id_1 
_chem_comp_bond.atom_id_2 
_chem_comp_bond.value_order 
_chem_comp_bond.pdbx_aromatic_flag 
_chem_comp_bond.pdbx_stereo_config 
_chem_comp_bond.pdbx_ordinal 
DA  OP3   P      sing N N 1   
DA  OP3   HOP3   sing N N 2   
DA  P     OP1    doub N N 3   
DA  P     OP2    sing N N 4   
DA  P     "O5'"  sing N N 5   
DA  OP2   HOP2   sing N N 6   
DA  "O5'" "C5'"  sing N N 7   
DA  "C5'" "C4'"  sing N N 8   
DA  "C5'" "H5'"  sing N N 9   
DA  "C5'" "H5''" sing N N 10  
DA  "C4'" "O4'"  sing N N 11  
DA  "C4'" "C3'"  sing N N 12  
DA  "C4'" "H4'"  sing N N 13  
DA  "O4'" "C1'"  sing N N 14  
DA  "C3'" "O3'"  sing N N 15  
DA  "C3'" "C2'"  sing N N 16  
DA  "C3'" "H3'"  sing N N 17  
DA  "O3'" "HO3'" sing N N 18  
DA  "C2'" "C1'"  sing N N 19  
DA  "C2'" "H2'"  sing N N 20  
DA  "C2'" "H2''" sing N N 21  
DA  "C1'" N9     sing N N 22  
DA  "C1'" "H1'"  sing N N 23  
DA  N9    C8     sing Y N 24  
DA  N9    C4     sing Y N 25  
DA  C8    N7     doub Y N 26  
DA  C8    H8     sing N N 27  
DA  N7    C5     sing Y N 28  
DA  C5    C6     sing Y N 29  
DA  C5    C4     doub Y N 30  
DA  C6    N6     sing N N 31  
DA  C6    N1     doub Y N 32  
DA  N6    H61    sing N N 33  
DA  N6    H62    sing N N 34  
DA  N1    C2     sing Y N 35  
DA  C2    N3     doub Y N 36  
DA  C2    H2     sing N N 37  
DA  N3    C4     sing Y N 38  
DC  OP3   P      sing N N 39  
DC  OP3   HOP3   sing N N 40  
DC  P     OP1    doub N N 41  
DC  P     OP2    sing N N 42  
DC  P     "O5'"  sing N N 43  
DC  OP2   HOP2   sing N N 44  
DC  "O5'" "C5'"  sing N N 45  
DC  "C5'" "C4'"  sing N N 46  
DC  "C5'" "H5'"  sing N N 47  
DC  "C5'" "H5''" sing N N 48  
DC  "C4'" "O4'"  sing N N 49  
DC  "C4'" "C3'"  sing N N 50  
DC  "C4'" "H4'"  sing N N 51  
DC  "O4'" "C1'"  sing N N 52  
DC  "C3'" "O3'"  sing N N 53  
DC  "C3'" "C2'"  sing N N 54  
DC  "C3'" "H3'"  sing N N 55  
DC  "O3'" "HO3'" sing N N 56  
DC  "C2'" "C1'"  sing N N 57  
DC  "C2'" "H2'"  sing N N 58  
DC  "C2'" "H2''" sing N N 59  
DC  "C1'" N1     sing N N 60  
DC  "C1'" "H1'"  sing N N 61  
DC  N1    C2     sing N N 62  
DC  N1    C6     sing N N 63  
DC  C2    O2     doub N N 64  
DC  C2    N3     sing N N 65  
DC  N3    C4     doub N N 66  
DC  C4    N4     sing N N 67  
DC  C4    C5     sing N N 68  
DC  N4    H41    sing N N 69  
DC  N4    H42    sing N N 70  
DC  C5    C6     doub N N 71  
DC  C5    H5     sing N N 72  
DC  C6    H6     sing N N 73  
DG  OP3   P      sing N N 74  
DG  OP3   HOP3   sing N N 75  
DG  P     OP1    doub N N 76  
DG  P     OP2    sing N N 77  
DG  P     "O5'"  sing N N 78  
DG  OP2   HOP2   sing N N 79  
DG  "O5'" "C5'"  sing N N 80  
DG  "C5'" "C4'"  sing N N 81  
DG  "C5'" "H5'"  sing N N 82  
DG  "C5'" "H5''" sing N N 83  
DG  "C4'" "O4'"  sing N N 84  
DG  "C4'" "C3'"  sing N N 85  
DG  "C4'" "H4'"  sing N N 86  
DG  "O4'" "C1'"  sing N N 87  
DG  "C3'" "O3'"  sing N N 88  
DG  "C3'" "C2'"  sing N N 89  
DG  "C3'" "H3'"  sing N N 90  
DG  "O3'" "HO3'" sing N N 91  
DG  "C2'" "C1'"  sing N N 92  
DG  "C2'" "H2'"  sing N N 93  
DG  "C2'" "H2''" sing N N 94  
DG  "C1'" N9     sing N N 95  
DG  "C1'" "H1'"  sing N N 96  
DG  N9    C8     sing Y N 97  
DG  N9    C4     sing Y N 98  
DG  C8    N7     doub Y N 99  
DG  C8    H8     sing N N 100 
DG  N7    C5     sing Y N 101 
DG  C5    C6     sing N N 102 
DG  C5    C4     doub Y N 103 
DG  C6    O6     doub N N 104 
DG  C6    N1     sing N N 105 
DG  N1    C2     sing N N 106 
DG  N1    H1     sing N N 107 
DG  C2    N2     sing N N 108 
DG  C2    N3     doub N N 109 
DG  N2    H21    sing N N 110 
DG  N2    H22    sing N N 111 
DG  N3    C4     sing N N 112 
DT  OP3   P      sing N N 113 
DT  OP3   HOP3   sing N N 114 
DT  P     OP1    doub N N 115 
DT  P     OP2    sing N N 116 
DT  P     "O5'"  sing N N 117 
DT  OP2   HOP2   sing N N 118 
DT  "O5'" "C5'"  sing N N 119 
DT  "C5'" "C4'"  sing N N 120 
DT  "C5'" "H5'"  sing N N 121 
DT  "C5'" "H5''" sing N N 122 
DT  "C4'" "O4'"  sing N N 123 
DT  "C4'" "C3'"  sing N N 124 
DT  "C4'" "H4'"  sing N N 125 
DT  "O4'" "C1'"  sing N N 126 
DT  "C3'" "O3'"  sing N N 127 
DT  "C3'" "C2'"  sing N N 128 
DT  "C3'" "H3'"  sing N N 129 
DT  "O3'" "HO3'" sing N N 130 
DT  "C2'" "C1'"  sing N N 131 
DT  "C2'" "H2'"  sing N N 132 
DT  "C2'" "H2''" sing N N 133 
DT  "C1'" N1     sing N N 134 
DT  "C1'" "H1'"  sing N N 135 
DT  N1    C2     sing N N 136 
DT  N1    C6     sing N N 137 
DT  C2    O2     doub N N 138 
DT  C2    N3     sing N N 139 
DT  N3    C4     sing N N 140 
DT  N3    H3     sing N N 141 
DT  C4    O4     doub N N 142 
DT  C4    C5     sing N N 143 
DT  C5    C7     sing N N 144 
DT  C5    C6     doub N N 145 
DT  C7    H71    sing N N 146 
DT  C7    H72    sing N N 147 
DT  C7    H73    sing N N 148 
DT  C6    H6     sing N N 149 
HOH O     H1     sing N N 150 
HOH O     H2     sing N N 151 
# 
_ndb_struct_conf_na.entry_id   3EIL 
_ndb_struct_conf_na.feature    'b-form double helix' 
# 
loop_
_ndb_struct_na_base_pair.model_number 
_ndb_struct_na_base_pair.i_label_asym_id 
_ndb_struct_na_base_pair.i_label_comp_id 
_ndb_struct_na_base_pair.i_label_seq_id 
_ndb_struct_na_base_pair.i_symmetry 
_ndb_struct_na_base_pair.j_label_asym_id 
_ndb_struct_na_base_pair.j_label_comp_id 
_ndb_struct_na_base_pair.j_label_seq_id 
_ndb_struct_na_base_pair.j_symmetry 
_ndb_struct_na_base_pair.shear 
_ndb_struct_na_base_pair.stretch 
_ndb_struct_na_base_pair.stagger 
_ndb_struct_na_base_pair.buckle 
_ndb_struct_na_base_pair.propeller 
_ndb_struct_na_base_pair.opening 
_ndb_struct_na_base_pair.pair_number 
_ndb_struct_na_base_pair.pair_name 
_ndb_struct_na_base_pair.i_auth_asym_id 
_ndb_struct_na_base_pair.i_auth_seq_id 
_ndb_struct_na_base_pair.i_PDB_ins_code 
_ndb_struct_na_base_pair.j_auth_asym_id 
_ndb_struct_na_base_pair.j_auth_seq_id 
_ndb_struct_na_base_pair.j_PDB_ins_code 
_ndb_struct_na_base_pair.hbond_type_28 
_ndb_struct_na_base_pair.hbond_type_12 
1 A DG 2  1_555 B DC 11 1_555 -0.345 -0.126 0.077  -11.236 6.247   -2.355 1  A_DG2:DC11_B A 2  ? B 11 ? 19 1 
1 A DT 3  1_555 B DA 10 1_555 0.033  -0.138 0.177  -2.907  -6.150  -1.203 2  A_DT3:DA10_B A 3  ? B 10 ? 20 1 
1 A DT 4  1_555 B DA 9  1_555 -0.307 0.038  -0.211 13.127  -12.105 0.034  3  A_DT4:DA9_B  A 4  ? B 9  ? 20 1 
1 A DA 5  1_555 B DT 8  1_555 0.131  -0.031 0.119  -4.080  -13.179 3.305  4  A_DA5:DT8_B  A 5  ? B 8  ? 20 1 
1 A DA 6  1_555 B DT 7  1_555 0.203  -0.058 0.030  2.307   -16.387 6.141  5  A_DA6:DT7_B  A 6  ? B 7  ? 20 1 
1 A DT 7  1_555 B DA 6  1_555 -0.210 -0.011 0.010  -4.013  -16.994 5.417  6  A_DT7:DA6_B  A 7  ? B 6  ? 20 1 
1 A DT 8  1_555 B DA 5  1_555 -0.296 -0.017 0.260  2.140   -15.202 5.367  7  A_DT8:DA5_B  A 8  ? B 5  ? 20 1 
1 A DA 9  1_555 B DT 4  1_555 0.570  0.019  -0.369 -18.007 -14.602 0.289  8  A_DA9:DT4_B  A 9  ? B 4  ? 20 1 
1 A DA 10 1_555 B DT 3  1_555 -0.020 -0.231 0.387  -2.321  -5.184  -1.149 9  A_DA10:DT3_B A 10 ? B 3  ? 20 1 
1 A DC 11 1_555 B DG 2  1_555 0.657  -0.063 -0.085 9.729   5.400   1.415  10 A_DC11:DG2_B A 11 ? B 2  ? 19 1 
1 C DG 2  1_555 D DC 11 1_555 -0.107 0.154  -0.055 -7.093  6.945   3.938  11 C_DG2:DC11_D C 2  ? D 11 ? 19 1 
1 C DT 3  1_555 D DA 10 1_555 0.145  -0.172 0.153  -1.032  -9.875  1.308  12 C_DT3:DA10_D C 3  ? D 10 ? 20 1 
1 C DT 4  1_555 D DA 9  1_555 -0.772 0.101  0.027  9.808   -13.077 3.887  13 C_DT4:DA9_D  C 4  ? D 9  ? 20 1 
1 C DA 5  1_555 D DT 8  1_555 -0.165 -0.074 -0.038 -3.286  -12.400 6.043  14 C_DA5:DT8_D  C 5  ? D 8  ? 20 1 
1 C DA 6  1_555 D DT 7  1_555 0.304  0.037  0.007  2.432   -13.862 3.050  15 C_DA6:DT7_D  C 6  ? D 7  ? 20 1 
1 C DT 7  1_555 D DA 6  1_555 -0.369 0.063  -0.253 3.420   -18.320 1.416  16 C_DT7:DA6_D  C 7  ? D 6  ? 20 1 
1 C DT 8  1_555 D DA 5  1_555 -0.329 -0.062 0.083  2.736   -13.651 4.649  17 C_DT8:DA5_D  C 8  ? D 5  ? 20 1 
1 C DA 9  1_555 D DT 4  1_555 0.015  0.052  -0.137 -15.353 -15.011 2.582  18 C_DA9:DT4_D  C 9  ? D 4  ? 20 1 
1 C DA 10 1_555 D DT 3  1_555 -0.288 -0.121 0.180  0.365   -6.452  1.162  19 C_DA10:DT3_D C 10 ? D 3  ? 20 1 
1 C DC 11 1_555 D DG 2  1_555 0.304  -0.079 -0.179 12.936  1.616   -0.960 20 C_DC11:DG2_D C 11 ? D 2  ? 19 1 
1 E DG 2  1_555 F DC 11 1_555 -0.033 -0.056 -0.041 -5.984  5.935   0.981  21 E_DG2:DC11_F E 2  ? F 11 ? 19 1 
1 E DT 3  1_555 F DA 10 1_555 0.318  -0.232 0.159  -1.675  -10.109 1.231  22 E_DT3:DA10_F E 3  ? F 10 ? 20 1 
1 E DT 4  1_555 F DA 9  1_555 -0.486 0.065  -0.211 12.390  -13.685 0.692  23 E_DT4:DA9_F  E 4  ? F 9  ? 20 1 
1 E DA 5  1_555 F DT 8  1_555 -0.041 -0.027 0.113  -2.706  -13.634 6.647  24 E_DA5:DT8_F  E 5  ? F 8  ? 20 1 
1 E DA 6  1_555 F DT 7  1_555 0.339  -0.066 -0.027 1.043   -14.825 1.858  25 E_DA6:DT7_F  E 6  ? F 7  ? 20 1 
1 E DT 7  1_555 F DA 6  1_555 -0.097 0.004  -0.115 0.713   -16.661 1.874  26 E_DT7:DA6_F  E 7  ? F 6  ? 20 1 
1 E DT 8  1_555 F DA 5  1_555 -0.057 -0.075 0.323  2.286   -15.224 5.973  27 E_DT8:DA5_F  E 8  ? F 5  ? 20 1 
1 E DA 9  1_555 F DT 4  1_555 0.145  -0.019 -0.264 -14.645 -17.094 1.276  28 E_DA9:DT4_F  E 9  ? F 4  ? 20 1 
1 E DA 10 1_555 F DT 3  1_555 -0.407 -0.152 0.083  -1.757  -6.654  5.264  29 E_DA10:DT3_F E 10 ? F 3  ? 20 1 
1 E DC 11 1_555 F DG 2  1_555 0.553  -0.055 -0.294 13.760  -0.334  3.134  30 E_DC11:DG2_F E 11 ? F 2  ? 19 1 
# 
loop_
_ndb_struct_na_base_pair_step.model_number 
_ndb_struct_na_base_pair_step.i_label_asym_id_1 
_ndb_struct_na_base_pair_step.i_label_comp_id_1 
_ndb_struct_na_base_pair_step.i_label_seq_id_1 
_ndb_struct_na_base_pair_step.i_symmetry_1 
_ndb_struct_na_base_pair_step.j_label_asym_id_1 
_ndb_struct_na_base_pair_step.j_label_comp_id_1 
_ndb_struct_na_base_pair_step.j_label_seq_id_1 
_ndb_struct_na_base_pair_step.j_symmetry_1 
_ndb_struct_na_base_pair_step.i_label_asym_id_2 
_ndb_struct_na_base_pair_step.i_label_comp_id_2 
_ndb_struct_na_base_pair_step.i_label_seq_id_2 
_ndb_struct_na_base_pair_step.i_symmetry_2 
_ndb_struct_na_base_pair_step.j_label_asym_id_2 
_ndb_struct_na_base_pair_step.j_label_comp_id_2 
_ndb_struct_na_base_pair_step.j_label_seq_id_2 
_ndb_struct_na_base_pair_step.j_symmetry_2 
_ndb_struct_na_base_pair_step.shift 
_ndb_struct_na_base_pair_step.slide 
_ndb_struct_na_base_pair_step.rise 
_ndb_struct_na_base_pair_step.tilt 
_ndb_struct_na_base_pair_step.roll 
_ndb_struct_na_base_pair_step.twist 
_ndb_struct_na_base_pair_step.x_displacement 
_ndb_struct_na_base_pair_step.y_displacement 
_ndb_struct_na_base_pair_step.helical_rise 
_ndb_struct_na_base_pair_step.inclination 
_ndb_struct_na_base_pair_step.tip 
_ndb_struct_na_base_pair_step.helical_twist 
_ndb_struct_na_base_pair_step.step_number 
_ndb_struct_na_base_pair_step.step_name 
_ndb_struct_na_base_pair_step.i_auth_asym_id_1 
_ndb_struct_na_base_pair_step.i_auth_seq_id_1 
_ndb_struct_na_base_pair_step.i_PDB_ins_code_1 
_ndb_struct_na_base_pair_step.j_auth_asym_id_1 
_ndb_struct_na_base_pair_step.j_auth_seq_id_1 
_ndb_struct_na_base_pair_step.j_PDB_ins_code_1 
_ndb_struct_na_base_pair_step.i_auth_asym_id_2 
_ndb_struct_na_base_pair_step.i_auth_seq_id_2 
_ndb_struct_na_base_pair_step.i_PDB_ins_code_2 
_ndb_struct_na_base_pair_step.j_auth_asym_id_2 
_ndb_struct_na_base_pair_step.j_auth_seq_id_2 
_ndb_struct_na_base_pair_step.j_PDB_ins_code_2 
1 A DG 2  1_555 B DC 11 1_555 A DT 3  1_555 B DA 10 1_555 -0.150 -0.224 3.213 -1.259 5.411  30.601 -1.432 0.044  3.132 10.148  
2.361  31.089 1  AA_DG2DT3:DA10DC11_BB A 2  ? B 11 ? A 3  ? B 10 ? 
1 A DT 3  1_555 B DA 10 1_555 A DT 4  1_555 B DA 9  1_555 -0.196 -0.499 2.892 2.004  -6.845 29.621 0.281  0.733  2.912 -13.150 
-3.850 30.449 2  AA_DT3DT4:DA9DA10_BB  A 3  ? B 10 ? A 4  ? B 9  ? 
1 A DT 4  1_555 B DA 9  1_555 A DA 5  1_555 B DT 8  1_555 0.003  -0.080 3.593 -4.200 -1.423 46.529 0.029  -0.389 3.580 -1.796  
5.303  46.728 3  AA_DT4DA5:DT8DA9_BB   A 4  ? B 9  ? A 5  ? B 8  ? 
1 A DA 5  1_555 B DT 8  1_555 A DA 6  1_555 B DT 7  1_555 0.048  -0.333 3.180 1.279  -5.209 32.938 0.269  0.124  3.193 -9.111  
-2.237 33.360 4  AA_DA5DA6:DT7DT8_BB   A 5  ? B 8  ? A 6  ? B 7  ? 
1 A DA 6  1_555 B DT 7  1_555 A DT 7  1_555 B DA 6  1_555 -0.037 -0.885 3.329 0.337  0.426  32.292 -1.668 0.127  3.317 0.765   
-0.605 32.296 5  AA_DA6DT7:DA6DT7_BB   A 6  ? B 7  ? A 7  ? B 6  ? 
1 A DT 7  1_555 B DA 6  1_555 A DT 8  1_555 B DA 5  1_555 0.112  -0.186 3.177 -2.074 -5.241 32.926 0.523  -0.529 3.155 -9.162  
3.626  33.392 6  AA_DT7DT8:DA5DA6_BB   A 7  ? B 6  ? A 8  ? B 5  ? 
1 A DT 8  1_555 B DA 5  1_555 A DA 9  1_555 B DT 4  1_555 -0.139 -0.011 3.711 5.664  -0.301 48.729 0.013  0.652  3.674 -0.364  
-6.838 49.038 7  AA_DT8DA9:DT4DA5_BB   A 8  ? B 5  ? A 9  ? B 4  ? 
1 A DA 9  1_555 B DT 4  1_555 A DA 10 1_555 B DT 3  1_555 0.227  -0.555 2.893 -5.684 -6.251 29.331 0.060  -1.447 2.855 -12.034 
10.941 30.498 8  AA_DA9DA10:DT3DT4_BB  A 9  ? B 4  ? A 10 ? B 3  ? 
1 A DA 10 1_555 B DT 3  1_555 A DC 11 1_555 B DG 2  1_555 0.157  -0.076 3.100 4.159  3.164  30.966 -0.704 0.452  3.072 5.874   
-7.720 31.393 9  AA_DA10DC11:DG2DT3_BB A 10 ? B 3  ? A 11 ? B 2  ? 
1 C DG 2  1_555 D DC 11 1_555 C DT 3  1_555 D DA 10 1_555 -0.237 0.076  3.201 -2.488 6.838  29.321 -1.223 -0.044 3.146 13.253  
4.822  30.191 10 CC_DG2DT3:DA10DC11_DD C 2  ? D 11 ? C 3  ? D 10 ? 
1 C DT 3  1_555 D DA 10 1_555 C DT 4  1_555 D DA 9  1_555 -0.107 -0.407 3.098 0.540  -6.651 27.411 0.657  0.342  3.106 -13.779 
-1.118 28.197 11 CC_DT3DT4:DA9DA10_DD  C 3  ? D 10 ? C 4  ? D 9  ? 
1 C DT 4  1_555 D DA 9  1_555 C DA 5  1_555 D DT 8  1_555 -0.049 0.172  3.529 -2.220 -2.631 45.577 0.469  -0.145 3.513 -3.391  
2.861  45.700 12 CC_DT4DA5:DT8DA9_DD   C 4  ? D 9  ? C 5  ? D 8  ? 
1 C DA 5  1_555 D DT 8  1_555 C DA 6  1_555 D DT 7  1_555 -0.204 -0.309 3.204 -0.674 -5.943 37.061 0.287  0.231  3.216 -9.276  
1.051  37.524 13 CC_DA5DA6:DT7DT8_DD   C 5  ? D 8  ? C 6  ? D 7  ? 
1 C DA 6  1_555 D DT 7  1_555 C DT 7  1_555 D DA 6  1_555 -0.095 -0.805 3.155 1.476  -2.524 29.861 -1.048 0.480  3.202 -4.884  
-2.856 30.000 14 CC_DA6DT7:DA6DT7_DD   C 6  ? D 7  ? C 7  ? D 6  ? 
1 C DT 7  1_555 D DA 6  1_555 C DT 8  1_555 D DA 5  1_555 0.368  -0.388 3.312 -1.872 -3.005 34.428 -0.182 -0.911 3.309 -5.060  
3.152  34.604 15 CC_DT7DT8:DA5DA6_DD   C 7  ? D 6  ? C 8  ? D 5  ? 
1 C DT 8  1_555 D DA 5  1_555 C DA 9  1_555 D DT 4  1_555 0.245  0.090  3.621 4.010  -0.706 47.071 0.176  0.057  3.627 -0.882  
-5.011 47.237 16 CC_DT8DA9:DT4DA5_DD   C 8  ? D 5  ? C 9  ? D 4  ? 
1 C DA 9  1_555 D DT 4  1_555 C DA 10 1_555 D DT 3  1_555 0.260  -0.488 2.962 -3.394 -5.522 29.678 0.083  -1.121 2.956 -10.622 
6.528  30.362 17 CC_DA9DA10:DT3DT4_DD  C 9  ? D 4  ? C 10 ? D 3  ? 
1 C DA 10 1_555 D DT 3  1_555 C DC 11 1_555 D DG 2  1_555 -0.034 0.001  3.094 3.294  2.996  30.141 -0.564 0.687  3.059 5.722   
-6.291 30.461 18 CC_DA10DC11:DG2DT3_DD C 10 ? D 3  ? C 11 ? D 2  ? 
1 E DG 2  1_555 F DC 11 1_555 E DT 3  1_555 F DA 10 1_555 -0.166 0.057  3.270 -2.156 6.383  30.734 -1.094 -0.098 3.220 11.864  
4.008  31.447 19 EE_DG2DT3:DA10DC11_FF E 2  ? F 11 ? E 3  ? F 10 ? 
1 E DT 3  1_555 F DA 10 1_555 E DT 4  1_555 F DA 9  1_555 -0.288 -0.481 2.993 1.928  -4.614 28.586 -0.020 0.967  3.006 -9.255  
-3.867 29.011 20 EE_DT3DT4:DA9DA10_FF  E 3  ? F 10 ? E 4  ? F 9  ? 
1 E DT 4  1_555 F DA 9  1_555 E DA 5  1_555 F DT 8  1_555 0.146  0.140  3.607 -3.809 -3.156 44.360 0.502  -0.576 3.566 -4.164  
5.026  44.621 21 EE_DT4DA5:DT8DA9_FF   E 4  ? F 9  ? E 5  ? F 8  ? 
1 E DA 5  1_555 F DT 8  1_555 E DA 6  1_555 F DT 7  1_555 -0.216 -0.402 3.206 0.981  -5.753 36.288 0.139  0.475  3.223 -9.163  
-1.562 36.738 22 EE_DA5DA6:DT7DT8_FF   E 5  ? F 8  ? E 6  ? F 7  ? 
1 E DA 6  1_555 F DT 7  1_555 E DT 7  1_555 F DA 6  1_555 -0.084 -0.768 3.199 0.592  -1.363 31.434 -1.165 0.264  3.227 -2.515  
-1.092 31.468 23 EE_DA6DT7:DA6DT7_FF   E 6  ? F 7  ? E 7  ? F 6  ? 
1 E DT 7  1_555 F DA 6  1_555 E DT 8  1_555 F DA 5  1_555 0.334  -0.359 3.254 -2.960 -4.475 34.302 0.082  -1.012 3.234 -7.530  
4.981  34.706 24 EE_DT7DT8:DA5DA6_FF   E 7  ? F 6  ? E 8  ? F 5  ? 
1 E DT 8  1_555 F DA 5  1_555 E DA 9  1_555 F DT 4  1_555 0.048  0.025  3.625 5.722  -0.439 45.894 0.074  0.479  3.605 -0.561  
-7.304 46.232 25 EE_DT8DA9:DT4DA5_FF   E 8  ? F 5  ? E 9  ? F 4  ? 
1 E DA 9  1_555 F DT 4  1_555 E DA 10 1_555 F DT 3  1_555 0.451  -0.353 2.977 -3.686 -4.026 29.411 0.075  -1.569 2.921 -7.843  
7.181  29.903 26 EE_DA9DA10:DT3DT4_FF  E 9  ? F 4  ? E 10 ? F 3  ? 
1 E DA 10 1_555 F DT 3  1_555 E DC 11 1_555 F DG 2  1_555 -0.365 -0.153 2.971 3.330  2.890  28.674 -0.878 1.388  2.882 5.791   
-6.673 29.004 27 EE_DA10DC11:DG2DT3_FF E 10 ? F 3  ? E 11 ? F 2  ? 
# 
loop_
_pdbx_entity_nonpoly.entity_id 
_pdbx_entity_nonpoly.name 
_pdbx_entity_nonpoly.comp_id 
2 'MANGANESE (II) ION' MN  
3 water                HOH 
# 
_pdbx_initial_refinement_model.id               1 
_pdbx_initial_refinement_model.entity_id_list   ? 
_pdbx_initial_refinement_model.type             'experimental model' 
_pdbx_initial_refinement_model.source_name      PDB 
_pdbx_initial_refinement_model.accession_code   463D 
_pdbx_initial_refinement_model.details          'PDB entry 463d' 
# 
